data_2K5E
#
_entry.id   2K5E
#
_entity_poly.entity_id   1
_entity_poly.type   'polypeptide(L)'
_entity_poly.pdbx_seq_one_letter_code
;MTQKFTKDMTFAQALQTHPGVAGVLRSYNLGCIGCMGAQNESLEQGANAHGLNVEDILRDLNALALEHHHHHH
;
_entity_poly.pdbx_strand_id   A
#
# COMPACT_ATOMS: atom_id res chain seq x y z
N MET A 1 -7.90 -17.15 5.83
CA MET A 1 -7.93 -16.07 4.80
C MET A 1 -6.81 -15.03 5.04
N THR A 2 -5.86 -14.98 4.12
CA THR A 2 -4.75 -14.00 4.21
C THR A 2 -5.01 -12.76 3.34
N GLN A 3 -4.08 -11.82 3.33
CA GLN A 3 -4.21 -10.61 2.51
C GLN A 3 -3.11 -10.53 1.45
N LYS A 4 -3.50 -10.26 0.20
CA LYS A 4 -2.53 -10.11 -0.89
C LYS A 4 -1.59 -8.91 -0.65
N PHE A 5 -2.05 -7.97 0.18
CA PHE A 5 -1.22 -6.85 0.63
C PHE A 5 -1.07 -6.88 2.17
N THR A 6 0.15 -7.11 2.63
CA THR A 6 0.44 -7.18 4.07
C THR A 6 1.47 -6.14 4.50
N LYS A 7 1.54 -5.88 5.80
CA LYS A 7 2.51 -4.92 6.35
C LYS A 7 3.94 -5.45 6.25
N ASP A 8 4.07 -6.77 6.10
CA ASP A 8 5.38 -7.44 6.06
C ASP A 8 6.07 -7.28 4.68
N MET A 9 5.28 -7.21 3.61
CA MET A 9 5.82 -7.13 2.24
C MET A 9 6.38 -5.73 1.93
N THR A 10 7.26 -5.65 0.94
CA THR A 10 7.91 -4.38 0.58
C THR A 10 7.07 -3.54 -0.41
N PHE A 11 7.34 -2.24 -0.47
CA PHE A 11 6.67 -1.35 -1.42
C PHE A 11 6.88 -1.81 -2.86
N ALA A 12 8.11 -2.21 -3.20
CA ALA A 12 8.45 -2.67 -4.56
C ALA A 12 7.57 -3.86 -4.99
N GLN A 13 7.33 -4.79 -4.07
CA GLN A 13 6.47 -5.95 -4.35
C GLN A 13 5.01 -5.53 -4.52
N ALA A 14 4.53 -4.63 -3.64
CA ALA A 14 3.15 -4.12 -3.72
C ALA A 14 2.86 -3.45 -5.08
N LEU A 15 3.76 -2.56 -5.49
CA LEU A 15 3.63 -1.86 -6.77
C LEU A 15 3.53 -2.83 -7.96
N GLN A 16 4.34 -3.89 -7.93
CA GLN A 16 4.35 -4.89 -9.01
C GLN A 16 3.18 -5.89 -8.88
N THR A 17 2.45 -5.83 -7.77
CA THR A 17 1.26 -6.67 -7.58
C THR A 17 0.00 -6.00 -8.18
N HIS A 18 -0.11 -4.69 -7.98
CA HIS A 18 -1.19 -3.89 -8.59
C HIS A 18 -0.71 -2.45 -8.86
N PRO A 19 -0.64 -2.03 -10.15
CA PRO A 19 -0.22 -0.66 -10.51
C PRO A 19 -1.03 0.45 -9.78
N GLY A 20 -2.31 0.16 -9.50
CA GLY A 20 -3.16 1.12 -8.78
C GLY A 20 -2.63 1.47 -7.38
N VAL A 21 -1.79 0.59 -6.83
CA VAL A 21 -1.17 0.82 -5.52
C VAL A 21 -0.33 2.11 -5.52
N ALA A 22 0.31 2.42 -6.65
CA ALA A 22 1.09 3.64 -6.80
C ALA A 22 0.24 4.89 -6.52
N GLY A 23 -0.96 4.93 -7.10
CA GLY A 23 -1.87 6.05 -6.88
C GLY A 23 -2.28 6.18 -5.42
N VAL A 24 -2.62 5.06 -4.79
CA VAL A 24 -2.97 5.04 -3.37
C VAL A 24 -1.81 5.55 -2.50
N LEU A 25 -0.62 4.98 -2.70
CA LEU A 25 0.57 5.39 -1.95
C LEU A 25 0.87 6.88 -2.11
N ARG A 26 0.90 7.37 -3.35
CA ARG A 26 1.16 8.80 -3.61
C ARG A 26 0.09 9.70 -2.95
N SER A 27 -1.16 9.24 -2.97
CA SER A 27 -2.26 9.94 -2.28
C SER A 27 -2.04 9.95 -0.76
N TYR A 28 -1.41 8.89 -0.25
CA TYR A 28 -1.11 8.76 1.18
C TYR A 28 0.29 9.30 1.54
N ASN A 29 0.85 10.16 0.68
CA ASN A 29 2.16 10.80 0.93
C ASN A 29 3.33 9.76 0.87
N LEU A 30 3.01 8.53 0.51
CA LEU A 30 4.02 7.46 0.39
C LEU A 30 4.61 7.38 -1.02
N GLY A 31 4.39 8.42 -1.83
CA GLY A 31 4.95 8.44 -3.18
C GLY A 31 6.48 8.59 -3.19
N CYS A 32 7.01 9.23 -2.15
CA CYS A 32 8.45 9.47 -2.02
C CYS A 32 9.27 8.16 -1.88
N ILE A 33 8.59 7.02 -1.75
CA ILE A 33 9.24 5.71 -1.58
C ILE A 33 10.28 5.43 -2.69
N GLY A 34 10.04 5.95 -3.88
CA GLY A 34 10.99 5.78 -4.97
C GLY A 34 12.28 6.58 -4.78
N CYS A 35 12.14 7.79 -4.25
CA CYS A 35 13.29 8.69 -4.02
C CYS A 35 14.12 8.25 -2.79
N MET A 36 13.43 8.09 -1.65
CA MET A 36 14.10 7.70 -0.39
C MET A 36 14.62 6.25 -0.43
N GLY A 37 14.36 5.54 -1.53
CA GLY A 37 14.82 4.16 -1.68
C GLY A 37 14.05 3.17 -0.81
N ALA A 38 12.80 3.49 -0.50
CA ALA A 38 11.97 2.62 0.36
C ALA A 38 11.35 1.46 -0.43
N GLN A 39 11.80 1.27 -1.67
CA GLN A 39 11.32 0.15 -2.51
C GLN A 39 11.58 -1.20 -1.82
N ASN A 40 12.77 -1.33 -1.22
CA ASN A 40 13.17 -2.57 -0.55
C ASN A 40 12.70 -2.59 0.92
N GLU A 41 11.82 -1.67 1.27
CA GLU A 41 11.35 -1.52 2.65
C GLU A 41 9.90 -1.99 2.80
N SER A 42 9.56 -2.56 3.96
CA SER A 42 8.20 -3.07 4.22
C SER A 42 7.17 -1.93 4.36
N LEU A 43 5.93 -2.21 3.99
CA LEU A 43 4.85 -1.22 4.00
C LEU A 43 4.70 -0.52 5.37
N GLU A 44 4.74 -1.30 6.45
CA GLU A 44 4.57 -0.74 7.80
C GLU A 44 5.72 0.21 8.18
N GLN A 45 6.94 -0.11 7.73
CA GLN A 45 8.12 0.71 8.03
C GLN A 45 8.00 2.11 7.39
N GLY A 46 7.66 2.17 6.12
CA GLY A 46 7.44 3.44 5.44
C GLY A 46 6.23 4.20 5.99
N ALA A 47 5.19 3.45 6.37
CA ALA A 47 3.98 4.03 6.95
C ALA A 47 4.30 4.85 8.22
N ASN A 48 4.88 4.21 9.22
CA ASN A 48 5.25 4.91 10.47
C ASN A 48 6.25 6.05 10.21
N ALA A 49 7.13 5.86 9.23
CA ALA A 49 8.07 6.91 8.83
C ALA A 49 7.35 8.18 8.35
N HIS A 50 6.17 8.00 7.74
CA HIS A 50 5.35 9.12 7.28
C HIS A 50 4.19 9.40 8.25
N GLY A 51 4.24 8.78 9.43
CA GLY A 51 3.23 9.03 10.47
C GLY A 51 1.84 8.49 10.13
N LEU A 52 1.78 7.34 9.47
CA LEU A 52 0.51 6.73 9.08
C LEU A 52 0.36 5.33 9.70
N ASN A 53 -0.87 4.83 9.75
CA ASN A 53 -1.13 3.47 10.23
C ASN A 53 -1.28 2.51 9.03
N VAL A 54 -0.48 1.46 9.01
CA VAL A 54 -0.46 0.52 7.89
C VAL A 54 -1.83 -0.18 7.72
N GLU A 55 -2.60 -0.28 8.81
CA GLU A 55 -3.93 -0.92 8.76
C GLU A 55 -4.84 -0.26 7.71
N ASP A 56 -4.96 1.07 7.78
CA ASP A 56 -5.80 1.82 6.84
C ASP A 56 -5.28 1.68 5.40
N ILE A 57 -3.95 1.62 5.27
CA ILE A 57 -3.31 1.45 3.95
C ILE A 57 -3.67 0.08 3.34
N LEU A 58 -3.45 -0.99 4.12
CA LEU A 58 -3.77 -2.35 3.68
C LEU A 58 -5.26 -2.48 3.30
N ARG A 59 -6.11 -1.78 4.06
CA ARG A 59 -7.54 -1.75 3.79
C ARG A 59 -7.83 -1.37 2.32
N ASP A 60 -7.32 -0.20 1.91
CA ASP A 60 -7.60 0.33 0.58
C ASP A 60 -6.84 -0.45 -0.53
N LEU A 61 -5.62 -0.88 -0.22
CA LEU A 61 -4.81 -1.69 -1.15
C LEU A 61 -5.48 -3.04 -1.47
N ASN A 62 -5.91 -3.74 -0.43
CA ASN A 62 -6.61 -5.02 -0.60
C ASN A 62 -7.92 -4.84 -1.39
N ALA A 63 -8.53 -3.66 -1.26
CA ALA A 63 -9.72 -3.32 -2.04
C ALA A 63 -9.41 -3.27 -3.54
N LEU A 64 -8.17 -2.93 -3.89
CA LEU A 64 -7.71 -2.97 -5.28
C LEU A 64 -7.64 -4.41 -5.81
N ALA A 65 -7.47 -5.37 -4.90
CA ALA A 65 -7.43 -6.79 -5.26
C ALA A 65 -8.85 -7.36 -5.48
N LEU A 66 -9.79 -6.94 -4.63
CA LEU A 66 -11.19 -7.37 -4.74
C LEU A 66 -11.87 -6.74 -5.97
N GLU A 67 -11.72 -5.43 -6.13
CA GLU A 67 -12.25 -4.71 -7.31
C GLU A 67 -13.78 -4.64 -7.35
N HIS A 68 -14.46 -5.22 -6.36
CA HIS A 68 -15.93 -5.26 -6.35
C HIS A 68 -16.54 -3.91 -5.92
N HIS A 69 -15.80 -3.17 -5.10
CA HIS A 69 -16.25 -1.85 -4.63
C HIS A 69 -16.15 -0.79 -5.75
N HIS A 70 -17.27 -0.17 -6.10
CA HIS A 70 -17.29 0.89 -7.12
C HIS A 70 -17.33 2.28 -6.46
N HIS A 71 -16.39 3.15 -6.82
CA HIS A 71 -16.30 4.48 -6.22
C HIS A 71 -17.40 5.43 -6.74
N HIS A 72 -18.11 5.01 -7.77
CA HIS A 72 -19.20 5.80 -8.35
C HIS A 72 -20.41 4.92 -8.70
N HIS A 73 -21.60 5.33 -8.26
CA HIS A 73 -22.84 4.60 -8.54
C HIS A 73 -23.45 5.00 -9.89
N MET A 1 -7.73 -16.33 2.03
CA MET A 1 -7.93 -15.56 3.29
C MET A 1 -6.69 -14.70 3.62
N THR A 2 -5.50 -15.26 3.38
CA THR A 2 -4.25 -14.54 3.61
C THR A 2 -4.12 -13.32 2.69
N GLN A 3 -4.09 -12.13 3.27
CA GLN A 3 -3.99 -10.89 2.50
C GLN A 3 -2.64 -10.77 1.76
N LYS A 4 -2.69 -10.68 0.43
CA LYS A 4 -1.49 -10.48 -0.37
C LYS A 4 -0.82 -9.15 -0.02
N PHE A 5 -1.61 -8.07 -0.04
CA PHE A 5 -1.13 -6.75 0.36
C PHE A 5 -1.07 -6.65 1.90
N THR A 6 0.09 -6.99 2.45
CA THR A 6 0.28 -6.97 3.91
C THR A 6 1.44 -6.07 4.33
N LYS A 7 1.39 -5.59 5.57
CA LYS A 7 2.42 -4.70 6.11
C LYS A 7 3.84 -5.29 5.97
N ASP A 8 3.92 -6.62 5.93
CA ASP A 8 5.21 -7.32 5.92
C ASP A 8 5.87 -7.34 4.52
N MET A 9 5.11 -7.02 3.48
CA MET A 9 5.66 -6.99 2.11
C MET A 9 6.24 -5.61 1.78
N THR A 10 7.14 -5.55 0.80
CA THR A 10 7.79 -4.28 0.42
C THR A 10 6.95 -3.48 -0.58
N PHE A 11 7.20 -2.17 -0.65
CA PHE A 11 6.54 -1.30 -1.62
C PHE A 11 6.74 -1.80 -3.06
N ALA A 12 7.97 -2.19 -3.37
CA ALA A 12 8.30 -2.70 -4.71
C ALA A 12 7.39 -3.88 -5.12
N GLN A 13 7.26 -4.85 -4.22
CA GLN A 13 6.39 -6.02 -4.48
C GLN A 13 4.95 -5.59 -4.80
N ALA A 14 4.40 -4.71 -3.97
CA ALA A 14 3.05 -4.18 -4.19
C ALA A 14 2.93 -3.50 -5.56
N LEU A 15 3.93 -2.69 -5.91
CA LEU A 15 3.96 -2.01 -7.21
C LEU A 15 4.03 -2.99 -8.39
N GLN A 16 4.61 -4.17 -8.16
CA GLN A 16 4.67 -5.21 -9.19
C GLN A 16 3.36 -6.02 -9.22
N THR A 17 2.71 -6.16 -8.07
CA THR A 17 1.46 -6.92 -7.96
C THR A 17 0.32 -6.21 -8.72
N HIS A 18 0.02 -4.97 -8.35
CA HIS A 18 -1.03 -4.18 -9.03
C HIS A 18 -0.58 -2.72 -9.23
N PRO A 19 -0.74 -2.19 -10.46
CA PRO A 19 -0.34 -0.80 -10.78
C PRO A 19 -1.09 0.26 -9.95
N GLY A 20 -2.34 -0.05 -9.61
CA GLY A 20 -3.16 0.87 -8.81
C GLY A 20 -2.54 1.22 -7.46
N VAL A 21 -1.68 0.33 -6.96
CA VAL A 21 -0.98 0.56 -5.68
C VAL A 21 -0.21 1.88 -5.69
N ALA A 22 0.40 2.21 -6.84
CA ALA A 22 1.13 3.47 -6.99
C ALA A 22 0.24 4.69 -6.66
N GLY A 23 -1.00 4.65 -7.15
CA GLY A 23 -1.96 5.71 -6.86
C GLY A 23 -2.33 5.80 -5.38
N VAL A 24 -2.59 4.64 -4.77
CA VAL A 24 -2.90 4.55 -3.34
C VAL A 24 -1.76 5.11 -2.48
N LEU A 25 -0.54 4.66 -2.76
CA LEU A 25 0.66 5.14 -2.04
C LEU A 25 0.76 6.67 -2.13
N ARG A 26 0.70 7.20 -3.35
CA ARG A 26 0.73 8.66 -3.55
C ARG A 26 -0.41 9.36 -2.79
N SER A 27 -1.59 8.73 -2.78
CA SER A 27 -2.76 9.25 -2.05
C SER A 27 -2.51 9.35 -0.54
N TYR A 28 -1.77 8.40 0.01
CA TYR A 28 -1.43 8.39 1.44
C TYR A 28 -0.14 9.19 1.73
N ASN A 29 0.42 9.83 0.70
CA ASN A 29 1.70 10.54 0.81
C ASN A 29 2.87 9.55 0.99
N LEU A 30 2.95 8.59 0.06
CA LEU A 30 4.05 7.62 0.02
C LEU A 30 4.71 7.60 -1.37
N GLY A 31 4.43 8.62 -2.17
CA GLY A 31 5.01 8.71 -3.51
C GLY A 31 6.52 8.92 -3.49
N CYS A 32 7.04 9.42 -2.37
CA CYS A 32 8.48 9.70 -2.21
C CYS A 32 9.27 8.42 -1.86
N ILE A 33 8.62 7.26 -1.91
CA ILE A 33 9.28 5.98 -1.61
C ILE A 33 10.55 5.75 -2.46
N GLY A 34 10.56 6.27 -3.68
CA GLY A 34 11.76 6.17 -4.51
C GLY A 34 12.90 7.06 -4.01
N CYS A 35 12.55 8.26 -3.54
CA CYS A 35 13.55 9.20 -3.03
C CYS A 35 14.17 8.72 -1.71
N MET A 36 13.34 8.15 -0.84
CA MET A 36 13.81 7.62 0.46
C MET A 36 14.32 6.18 0.33
N GLY A 37 14.34 5.64 -0.89
CA GLY A 37 14.83 4.28 -1.13
C GLY A 37 14.03 3.19 -0.42
N ALA A 38 12.74 3.43 -0.21
CA ALA A 38 11.87 2.49 0.51
C ALA A 38 11.40 1.32 -0.36
N GLN A 39 11.98 1.15 -1.55
CA GLN A 39 11.60 0.05 -2.45
C GLN A 39 11.99 -1.31 -1.83
N ASN A 40 13.05 -1.31 -1.02
CA ASN A 40 13.51 -2.51 -0.33
C ASN A 40 13.01 -2.52 1.13
N GLU A 41 11.96 -1.76 1.41
CA GLU A 41 11.42 -1.64 2.76
C GLU A 41 9.93 -2.02 2.81
N SER A 42 9.46 -2.52 3.95
CA SER A 42 8.08 -3.01 4.08
C SER A 42 7.08 -1.86 4.20
N LEU A 43 5.84 -2.14 3.81
CA LEU A 43 4.75 -1.14 3.85
C LEU A 43 4.62 -0.48 5.23
N GLU A 44 4.71 -1.29 6.29
CA GLU A 44 4.58 -0.79 7.66
C GLU A 44 5.71 0.19 8.02
N GLN A 45 6.95 -0.20 7.74
CA GLN A 45 8.12 0.65 8.06
C GLN A 45 8.03 2.01 7.36
N GLY A 46 7.71 1.99 6.06
CA GLY A 46 7.55 3.23 5.31
C GLY A 46 6.41 4.10 5.84
N ALA A 47 5.26 3.48 6.11
CA ALA A 47 4.11 4.18 6.69
C ALA A 47 4.48 4.83 8.02
N ASN A 48 5.03 4.03 8.92
CA ASN A 48 5.47 4.51 10.25
C ASN A 48 6.47 5.69 10.13
N ALA A 49 7.28 5.68 9.08
CA ALA A 49 8.22 6.78 8.82
C ALA A 49 7.47 8.08 8.42
N HIS A 50 6.38 7.91 7.67
CA HIS A 50 5.56 9.05 7.25
C HIS A 50 4.43 9.34 8.27
N GLY A 51 4.45 8.62 9.38
CA GLY A 51 3.44 8.81 10.44
C GLY A 51 2.03 8.43 10.01
N LEU A 52 1.91 7.39 9.20
CA LEU A 52 0.62 6.94 8.68
C LEU A 52 0.10 5.69 9.41
N ASN A 53 -1.21 5.44 9.30
CA ASN A 53 -1.80 4.22 9.84
C ASN A 53 -1.65 3.07 8.82
N VAL A 54 -0.73 2.15 9.09
CA VAL A 54 -0.50 1.01 8.21
C VAL A 54 -1.78 0.14 8.03
N GLU A 55 -2.59 0.06 9.08
CA GLU A 55 -3.83 -0.73 9.03
C GLU A 55 -4.79 -0.18 7.96
N ASP A 56 -4.95 1.15 7.94
CA ASP A 56 -5.85 1.80 6.99
C ASP A 56 -5.31 1.71 5.56
N ILE A 57 -3.98 1.72 5.42
CA ILE A 57 -3.33 1.55 4.10
C ILE A 57 -3.62 0.16 3.52
N LEU A 58 -3.34 -0.88 4.30
CA LEU A 58 -3.59 -2.27 3.88
C LEU A 58 -5.06 -2.46 3.47
N ARG A 59 -5.94 -1.78 4.19
CA ARG A 59 -7.38 -1.76 3.88
C ARG A 59 -7.61 -1.37 2.41
N ASP A 60 -7.09 -0.22 2.00
CA ASP A 60 -7.31 0.32 0.65
C ASP A 60 -6.54 -0.50 -0.41
N LEU A 61 -5.36 -1.01 -0.03
CA LEU A 61 -4.55 -1.85 -0.92
C LEU A 61 -5.29 -3.13 -1.32
N ASN A 62 -5.84 -3.84 -0.34
CA ASN A 62 -6.63 -5.06 -0.63
C ASN A 62 -7.98 -4.71 -1.27
N ALA A 63 -8.49 -3.51 -0.98
CA ALA A 63 -9.71 -3.01 -1.62
C ALA A 63 -9.53 -2.89 -3.15
N LEU A 64 -8.28 -2.76 -3.59
CA LEU A 64 -7.94 -2.74 -5.03
C LEU A 64 -8.26 -4.08 -5.69
N ALA A 65 -8.20 -5.16 -4.92
CA ALA A 65 -8.52 -6.50 -5.43
C ALA A 65 -10.03 -6.77 -5.38
N LEU A 66 -10.68 -6.26 -4.32
CA LEU A 66 -12.14 -6.42 -4.16
C LEU A 66 -12.92 -5.59 -5.18
N GLU A 67 -12.61 -4.28 -5.26
CA GLU A 67 -13.25 -3.37 -6.23
C GLU A 67 -14.78 -3.29 -6.08
N HIS A 68 -15.31 -3.62 -4.88
CA HIS A 68 -16.76 -3.59 -4.64
C HIS A 68 -17.37 -2.21 -4.94
N HIS A 69 -17.61 -1.95 -6.23
CA HIS A 69 -18.11 -0.65 -6.72
C HIS A 69 -18.13 -0.63 -8.25
N HIS A 70 -17.15 -1.31 -8.87
CA HIS A 70 -17.07 -1.39 -10.33
C HIS A 70 -18.06 -2.45 -10.87
N HIS A 71 -19.08 -2.00 -11.62
CA HIS A 71 -20.01 -2.92 -12.26
C HIS A 71 -20.46 -2.38 -13.63
N HIS A 72 -20.14 -3.11 -14.69
CA HIS A 72 -20.51 -2.70 -16.06
C HIS A 72 -21.86 -3.28 -16.45
N HIS A 73 -22.71 -2.46 -17.09
CA HIS A 73 -24.04 -2.90 -17.52
C HIS A 73 -24.14 -2.99 -19.06
N MET A 1 -7.73 -17.17 4.20
CA MET A 1 -8.22 -15.85 4.70
C MET A 1 -7.05 -14.99 5.20
N THR A 2 -6.51 -14.16 4.32
CA THR A 2 -5.37 -13.30 4.64
C THR A 2 -5.28 -12.10 3.70
N GLN A 3 -4.85 -10.95 4.23
CA GLN A 3 -4.68 -9.74 3.41
C GLN A 3 -3.60 -9.97 2.33
N LYS A 4 -4.01 -9.96 1.06
CA LYS A 4 -3.07 -10.14 -0.06
C LYS A 4 -1.97 -9.06 -0.03
N PHE A 5 -2.38 -7.83 0.22
CA PHE A 5 -1.45 -6.73 0.43
C PHE A 5 -1.16 -6.58 1.92
N THR A 6 -0.11 -7.24 2.39
CA THR A 6 0.21 -7.26 3.82
C THR A 6 1.26 -6.20 4.19
N LYS A 7 1.34 -5.89 5.48
CA LYS A 7 2.31 -4.92 5.98
C LYS A 7 3.75 -5.45 5.87
N ASP A 8 3.87 -6.77 5.73
CA ASP A 8 5.17 -7.44 5.62
C ASP A 8 5.84 -7.20 4.25
N MET A 9 5.04 -7.16 3.19
CA MET A 9 5.58 -7.01 1.83
C MET A 9 6.12 -5.59 1.59
N THR A 10 7.14 -5.49 0.74
CA THR A 10 7.77 -4.20 0.45
C THR A 10 6.98 -3.39 -0.58
N PHE A 11 7.29 -2.10 -0.69
CA PHE A 11 6.67 -1.22 -1.68
C PHE A 11 6.85 -1.78 -3.10
N ALA A 12 8.06 -2.27 -3.39
CA ALA A 12 8.36 -2.88 -4.69
C ALA A 12 7.43 -4.08 -4.98
N GLN A 13 7.28 -4.95 -3.99
CA GLN A 13 6.37 -6.11 -4.11
C GLN A 13 4.93 -5.64 -4.40
N ALA A 14 4.46 -4.66 -3.65
CA ALA A 14 3.11 -4.11 -3.83
C ALA A 14 2.90 -3.56 -5.25
N LEU A 15 3.84 -2.74 -5.71
CA LEU A 15 3.79 -2.15 -7.06
C LEU A 15 3.71 -3.24 -8.15
N GLN A 16 4.44 -4.34 -7.94
CA GLN A 16 4.41 -5.46 -8.89
C GLN A 16 3.12 -6.30 -8.76
N THR A 17 2.54 -6.32 -7.57
CA THR A 17 1.30 -7.07 -7.32
C THR A 17 0.11 -6.49 -8.08
N HIS A 18 -0.02 -5.16 -8.07
CA HIS A 18 -1.12 -4.47 -8.77
C HIS A 18 -0.70 -3.07 -9.27
N PRO A 19 -1.17 -2.65 -10.46
CA PRO A 19 -0.80 -1.34 -11.05
C PRO A 19 -1.45 -0.14 -10.34
N GLY A 20 -2.56 -0.39 -9.64
CA GLY A 20 -3.24 0.69 -8.91
C GLY A 20 -2.53 1.11 -7.63
N VAL A 21 -1.59 0.28 -7.17
CA VAL A 21 -0.86 0.55 -5.92
C VAL A 21 -0.13 1.90 -5.96
N ALA A 22 0.44 2.24 -7.11
CA ALA A 22 1.12 3.53 -7.30
C ALA A 22 0.24 4.72 -6.87
N GLY A 23 -1.01 4.71 -7.32
CA GLY A 23 -1.95 5.76 -6.94
C GLY A 23 -2.23 5.79 -5.44
N VAL A 24 -2.41 4.61 -4.84
CA VAL A 24 -2.67 4.49 -3.40
C VAL A 24 -1.50 5.05 -2.57
N LEU A 25 -0.28 4.60 -2.88
CA LEU A 25 0.92 5.06 -2.17
C LEU A 25 1.07 6.59 -2.25
N ARG A 26 0.90 7.15 -3.45
CA ARG A 26 0.95 8.60 -3.63
C ARG A 26 -0.16 9.30 -2.83
N SER A 27 -1.37 8.74 -2.87
CA SER A 27 -2.51 9.27 -2.11
C SER A 27 -2.22 9.30 -0.60
N TYR A 28 -1.45 8.32 -0.14
CA TYR A 28 -1.06 8.22 1.28
C TYR A 28 0.33 8.83 1.53
N ASN A 29 0.77 9.76 0.67
CA ASN A 29 2.06 10.47 0.83
C ASN A 29 3.28 9.56 0.57
N LEU A 30 3.07 8.24 0.60
CA LEU A 30 4.15 7.27 0.41
C LEU A 30 4.81 7.37 -0.98
N GLY A 31 4.20 8.14 -1.88
CA GLY A 31 4.75 8.34 -3.22
C GLY A 31 6.21 8.81 -3.23
N CYS A 32 6.65 9.42 -2.13
CA CYS A 32 8.04 9.89 -2.00
C CYS A 32 9.05 8.74 -1.82
N ILE A 33 8.57 7.49 -1.87
CA ILE A 33 9.45 6.31 -1.77
C ILE A 33 10.57 6.33 -2.82
N GLY A 34 10.31 6.94 -3.97
CA GLY A 34 11.32 7.08 -5.01
C GLY A 34 12.49 7.97 -4.58
N CYS A 35 12.17 9.06 -3.91
CA CYS A 35 13.19 9.99 -3.40
C CYS A 35 13.95 9.40 -2.20
N MET A 36 13.23 8.99 -1.17
CA MET A 36 13.85 8.50 0.08
C MET A 36 14.51 7.11 -0.08
N GLY A 37 14.23 6.43 -1.19
CA GLY A 37 14.79 5.11 -1.42
C GLY A 37 14.12 4.03 -0.59
N ALA A 38 12.79 4.02 -0.59
CA ALA A 38 12.02 3.02 0.15
C ALA A 38 11.30 2.07 -0.82
N GLN A 39 12.08 1.30 -1.56
CA GLN A 39 11.54 0.29 -2.48
C GLN A 39 11.62 -1.11 -1.84
N ASN A 40 12.72 -1.36 -1.16
CA ASN A 40 12.98 -2.66 -0.52
C ASN A 40 12.45 -2.68 0.93
N GLU A 41 11.83 -1.59 1.36
CA GLU A 41 11.30 -1.48 2.71
C GLU A 41 9.83 -1.94 2.79
N SER A 42 9.45 -2.59 3.89
CA SER A 42 8.08 -3.12 4.06
C SER A 42 7.07 -2.00 4.30
N LEU A 43 5.82 -2.23 3.89
CA LEU A 43 4.74 -1.22 3.97
C LEU A 43 4.60 -0.65 5.40
N GLU A 44 4.58 -1.51 6.41
CA GLU A 44 4.48 -1.05 7.81
C GLU A 44 5.66 -0.17 8.20
N GLN A 45 6.87 -0.63 7.86
CA GLN A 45 8.09 0.12 8.14
C GLN A 45 8.06 1.52 7.51
N GLY A 46 7.56 1.60 6.27
CA GLY A 46 7.39 2.88 5.60
C GLY A 46 6.30 3.74 6.25
N ALA A 47 5.20 3.11 6.65
CA ALA A 47 4.11 3.81 7.35
C ALA A 47 4.61 4.47 8.63
N ASN A 48 5.26 3.69 9.49
CA ASN A 48 5.86 4.19 10.74
C ASN A 48 6.75 5.41 10.48
N ALA A 49 7.61 5.30 9.46
CA ALA A 49 8.52 6.39 9.09
C ALA A 49 7.77 7.66 8.65
N HIS A 50 6.59 7.50 8.08
CA HIS A 50 5.77 8.63 7.64
C HIS A 50 4.66 8.97 8.66
N GLY A 51 4.64 8.26 9.78
CA GLY A 51 3.63 8.48 10.81
C GLY A 51 2.20 8.18 10.34
N LEU A 52 2.07 7.15 9.51
CA LEU A 52 0.78 6.77 8.93
C LEU A 52 0.22 5.50 9.60
N ASN A 53 -1.09 5.31 9.50
CA ASN A 53 -1.73 4.09 10.00
C ASN A 53 -1.68 2.97 8.94
N VAL A 54 -0.78 2.01 9.15
CA VAL A 54 -0.56 0.91 8.19
C VAL A 54 -1.87 0.16 7.85
N GLU A 55 -2.74 -0.03 8.84
CA GLU A 55 -4.01 -0.74 8.62
C GLU A 55 -4.89 -0.01 7.61
N ASP A 56 -4.94 1.32 7.69
CA ASP A 56 -5.75 2.12 6.77
C ASP A 56 -5.16 2.06 5.34
N ILE A 57 -3.83 1.99 5.25
CA ILE A 57 -3.14 1.84 3.98
C ILE A 57 -3.46 0.47 3.33
N LEU A 58 -3.25 -0.60 4.09
CA LEU A 58 -3.55 -1.96 3.62
C LEU A 58 -5.00 -2.11 3.18
N ARG A 59 -5.89 -1.39 3.85
CA ARG A 59 -7.32 -1.36 3.50
C ARG A 59 -7.52 -1.02 2.00
N ASP A 60 -6.98 0.11 1.57
CA ASP A 60 -7.15 0.58 0.20
C ASP A 60 -6.35 -0.29 -0.79
N LEU A 61 -5.18 -0.78 -0.35
CA LEU A 61 -4.36 -1.68 -1.15
C LEU A 61 -5.09 -3.00 -1.47
N ASN A 62 -5.65 -3.63 -0.45
CA ASN A 62 -6.42 -4.88 -0.64
C ASN A 62 -7.72 -4.62 -1.39
N ALA A 63 -8.25 -3.38 -1.29
CA ALA A 63 -9.43 -2.99 -2.06
C ALA A 63 -9.16 -3.11 -3.57
N LEU A 64 -7.90 -2.95 -3.97
CA LEU A 64 -7.48 -3.15 -5.37
C LEU A 64 -7.70 -4.60 -5.83
N ALA A 65 -7.55 -5.54 -4.89
CA ALA A 65 -7.74 -6.95 -5.18
C ALA A 65 -9.24 -7.32 -5.23
N LEU A 66 -10.01 -6.71 -4.33
CA LEU A 66 -11.46 -6.95 -4.28
C LEU A 66 -12.19 -6.25 -5.45
N GLU A 67 -11.69 -5.06 -5.82
CA GLU A 67 -12.27 -4.24 -6.91
C GLU A 67 -13.68 -3.72 -6.58
N HIS A 68 -14.64 -4.64 -6.45
CA HIS A 68 -16.06 -4.32 -6.26
C HIS A 68 -16.32 -3.22 -5.21
N HIS A 69 -16.33 -1.96 -5.66
CA HIS A 69 -16.85 -0.85 -4.86
C HIS A 69 -18.26 -0.50 -5.31
N HIS A 70 -19.21 -0.54 -4.38
CA HIS A 70 -20.63 -0.32 -4.72
C HIS A 70 -20.92 1.15 -5.04
N HIS A 71 -21.59 1.40 -6.17
CA HIS A 71 -21.94 2.76 -6.60
C HIS A 71 -22.95 3.39 -5.62
N HIS A 72 -23.97 2.64 -5.25
CA HIS A 72 -24.96 3.10 -4.27
C HIS A 72 -25.47 1.91 -3.43
N HIS A 73 -25.43 2.08 -2.11
CA HIS A 73 -25.89 1.03 -1.17
C HIS A 73 -27.43 0.89 -1.21
N MET A 1 -9.96 -15.80 5.41
CA MET A 1 -8.50 -16.02 5.61
C MET A 1 -7.70 -14.74 5.40
N THR A 2 -6.37 -14.85 5.55
CA THR A 2 -5.46 -13.68 5.51
C THR A 2 -5.51 -12.91 4.17
N GLN A 3 -4.81 -11.78 4.13
CA GLN A 3 -4.85 -10.86 2.98
C GLN A 3 -3.71 -11.11 1.98
N LYS A 4 -3.84 -10.56 0.77
CA LYS A 4 -2.75 -10.58 -0.22
C LYS A 4 -1.72 -9.50 0.09
N PHE A 5 -2.18 -8.26 0.22
CA PHE A 5 -1.30 -7.14 0.60
C PHE A 5 -1.12 -7.10 2.13
N THR A 6 0.09 -7.38 2.59
CA THR A 6 0.40 -7.39 4.04
C THR A 6 1.43 -6.31 4.39
N LYS A 7 1.56 -6.02 5.68
CA LYS A 7 2.52 -5.01 6.15
C LYS A 7 3.97 -5.49 5.99
N ASP A 8 4.13 -6.80 5.82
CA ASP A 8 5.45 -7.43 5.69
C ASP A 8 6.06 -7.27 4.28
N MET A 9 5.21 -7.12 3.26
CA MET A 9 5.69 -7.00 1.87
C MET A 9 6.21 -5.58 1.60
N THR A 10 7.16 -5.48 0.68
CA THR A 10 7.81 -4.19 0.37
C THR A 10 6.99 -3.37 -0.62
N PHE A 11 7.23 -2.05 -0.62
CA PHE A 11 6.58 -1.14 -1.57
C PHE A 11 6.77 -1.61 -3.02
N ALA A 12 7.98 -2.03 -3.35
CA ALA A 12 8.29 -2.55 -4.69
C ALA A 12 7.36 -3.71 -5.07
N GLN A 13 7.20 -4.67 -4.17
CA GLN A 13 6.31 -5.82 -4.39
C GLN A 13 4.88 -5.35 -4.65
N ALA A 14 4.38 -4.44 -3.80
CA ALA A 14 3.03 -3.90 -3.92
C ALA A 14 2.77 -3.31 -5.32
N LEU A 15 3.68 -2.45 -5.76
CA LEU A 15 3.58 -1.84 -7.09
C LEU A 15 3.60 -2.90 -8.20
N GLN A 16 4.44 -3.92 -8.03
CA GLN A 16 4.57 -5.00 -9.02
C GLN A 16 3.46 -6.07 -8.87
N THR A 17 2.56 -5.88 -7.91
CA THR A 17 1.41 -6.78 -7.74
C THR A 17 0.13 -6.16 -8.34
N HIS A 18 -0.05 -4.85 -8.13
CA HIS A 18 -1.18 -4.10 -8.71
C HIS A 18 -0.79 -2.63 -8.96
N PRO A 19 -0.71 -2.22 -10.26
CA PRO A 19 -0.37 -0.82 -10.62
C PRO A 19 -1.18 0.25 -9.85
N GLY A 20 -2.43 -0.06 -9.52
CA GLY A 20 -3.28 0.88 -8.78
C GLY A 20 -2.68 1.31 -7.45
N VAL A 21 -1.81 0.48 -6.88
CA VAL A 21 -1.13 0.79 -5.61
C VAL A 21 -0.38 2.13 -5.69
N ALA A 22 0.14 2.46 -6.87
CA ALA A 22 0.84 3.72 -7.09
C ALA A 22 0.00 4.94 -6.65
N GLY A 23 -1.27 4.94 -7.06
CA GLY A 23 -2.18 6.01 -6.70
C GLY A 23 -2.50 6.02 -5.20
N VAL A 24 -2.71 4.84 -4.64
CA VAL A 24 -2.98 4.70 -3.21
C VAL A 24 -1.84 5.27 -2.36
N LEU A 25 -0.60 4.83 -2.65
CA LEU A 25 0.59 5.33 -1.95
C LEU A 25 0.71 6.86 -2.05
N ARG A 26 0.55 7.40 -3.26
CA ARG A 26 0.59 8.85 -3.48
C ARG A 26 -0.48 9.57 -2.64
N SER A 27 -1.65 8.95 -2.50
CA SER A 27 -2.74 9.54 -1.71
C SER A 27 -2.36 9.71 -0.24
N TYR A 28 -1.66 8.73 0.32
CA TYR A 28 -1.20 8.79 1.72
C TYR A 28 0.16 9.52 1.85
N ASN A 29 0.69 10.00 0.73
CA ASN A 29 2.03 10.62 0.68
C ASN A 29 3.13 9.56 0.90
N LEU A 30 3.23 8.63 -0.03
CA LEU A 30 4.28 7.59 0.00
C LEU A 30 5.03 7.53 -1.34
N GLY A 31 4.74 8.45 -2.25
CA GLY A 31 5.42 8.46 -3.55
C GLY A 31 6.91 8.75 -3.43
N CYS A 32 7.30 9.39 -2.33
CA CYS A 32 8.70 9.74 -2.09
C CYS A 32 9.58 8.52 -1.77
N ILE A 33 8.96 7.32 -1.71
CA ILE A 33 9.70 6.08 -1.45
C ILE A 33 10.88 5.88 -2.44
N GLY A 34 10.70 6.35 -3.67
CA GLY A 34 11.77 6.28 -4.66
C GLY A 34 12.96 7.17 -4.29
N CYS A 35 12.67 8.32 -3.68
CA CYS A 35 13.72 9.28 -3.28
C CYS A 35 14.47 8.80 -2.02
N MET A 36 13.70 8.39 -1.00
CA MET A 36 14.28 7.90 0.26
C MET A 36 14.85 6.48 0.12
N GLY A 37 14.60 5.85 -1.02
CA GLY A 37 15.11 4.52 -1.28
C GLY A 37 14.42 3.42 -0.46
N ALA A 38 13.13 3.61 -0.18
CA ALA A 38 12.35 2.66 0.62
C ALA A 38 11.78 1.51 -0.22
N GLN A 39 12.37 1.26 -1.39
CA GLN A 39 11.89 0.23 -2.32
C GLN A 39 11.99 -1.19 -1.71
N ASN A 40 13.04 -1.42 -0.92
CA ASN A 40 13.26 -2.73 -0.30
C ASN A 40 12.65 -2.80 1.13
N GLU A 41 11.94 -1.74 1.52
CA GLU A 41 11.38 -1.64 2.87
C GLU A 41 9.89 -2.05 2.90
N SER A 42 9.47 -2.62 4.02
CA SER A 42 8.08 -3.10 4.17
C SER A 42 7.09 -1.94 4.30
N LEU A 43 5.84 -2.21 3.93
CA LEU A 43 4.78 -1.18 3.95
C LEU A 43 4.66 -0.47 5.31
N GLU A 44 4.63 -1.25 6.41
CA GLU A 44 4.44 -0.66 7.74
C GLU A 44 5.59 0.26 8.14
N GLN A 45 6.83 -0.18 7.91
CA GLN A 45 8.00 0.62 8.27
C GLN A 45 7.98 1.99 7.57
N GLY A 46 7.83 1.99 6.25
CA GLY A 46 7.74 3.23 5.49
C GLY A 46 6.52 4.07 5.85
N ALA A 47 5.39 3.42 6.12
CA ALA A 47 4.16 4.11 6.51
C ALA A 47 4.35 4.92 7.81
N ASN A 48 4.79 4.24 8.87
CA ASN A 48 5.06 4.90 10.15
C ASN A 48 6.18 5.95 10.03
N ALA A 49 7.13 5.70 9.12
CA ALA A 49 8.19 6.68 8.84
C ALA A 49 7.61 7.99 8.26
N HIS A 50 6.44 7.87 7.60
CA HIS A 50 5.72 9.03 7.06
C HIS A 50 4.54 9.44 7.96
N GLY A 51 4.48 8.86 9.16
CA GLY A 51 3.38 9.15 10.08
C GLY A 51 2.01 8.70 9.56
N LEU A 52 1.92 7.43 9.16
CA LEU A 52 0.68 6.88 8.60
C LEU A 52 0.22 5.61 9.35
N ASN A 53 -1.03 5.24 9.14
CA ASN A 53 -1.59 4.00 9.71
C ASN A 53 -1.63 2.88 8.64
N VAL A 54 -0.64 1.98 8.68
CA VAL A 54 -0.53 0.92 7.67
C VAL A 54 -1.79 0.04 7.61
N GLU A 55 -2.48 -0.12 8.74
CA GLU A 55 -3.70 -0.94 8.81
C GLU A 55 -4.74 -0.46 7.79
N ASP A 56 -4.95 0.86 7.75
CA ASP A 56 -5.90 1.47 6.81
C ASP A 56 -5.40 1.37 5.36
N ILE A 57 -4.09 1.55 5.18
CA ILE A 57 -3.47 1.43 3.86
C ILE A 57 -3.66 0.01 3.28
N LEU A 58 -3.42 -1.00 4.11
CA LEU A 58 -3.60 -2.41 3.71
C LEU A 58 -5.03 -2.65 3.22
N ARG A 59 -5.99 -2.10 3.94
CA ARG A 59 -7.41 -2.15 3.53
C ARG A 59 -7.58 -1.64 2.08
N ASP A 60 -7.10 -0.41 1.83
CA ASP A 60 -7.27 0.23 0.53
C ASP A 60 -6.49 -0.52 -0.58
N LEU A 61 -5.35 -1.10 -0.20
CA LEU A 61 -4.52 -1.89 -1.14
C LEU A 61 -5.23 -3.18 -1.58
N ASN A 62 -5.72 -3.96 -0.61
CA ASN A 62 -6.46 -5.20 -0.93
C ASN A 62 -7.81 -4.89 -1.59
N ALA A 63 -8.36 -3.72 -1.27
CA ALA A 63 -9.60 -3.24 -1.90
C ALA A 63 -9.49 -3.21 -3.44
N LEU A 64 -8.27 -3.01 -3.94
CA LEU A 64 -7.99 -3.02 -5.38
C LEU A 64 -8.27 -4.38 -6.02
N ALA A 65 -8.22 -5.44 -5.21
CA ALA A 65 -8.49 -6.81 -5.69
C ALA A 65 -9.89 -7.29 -5.30
N LEU A 66 -10.42 -6.75 -4.20
CA LEU A 66 -11.76 -7.15 -3.70
C LEU A 66 -12.88 -6.42 -4.45
N GLU A 67 -12.55 -5.31 -5.12
CA GLU A 67 -13.52 -4.50 -5.87
C GLU A 67 -14.52 -3.79 -4.95
N HIS A 68 -15.52 -4.55 -4.47
CA HIS A 68 -16.66 -4.02 -3.66
C HIS A 68 -17.22 -2.66 -4.14
N HIS A 69 -16.90 -2.27 -5.38
CA HIS A 69 -17.53 -1.14 -6.06
C HIS A 69 -18.36 -1.65 -7.25
N HIS A 70 -17.64 -2.25 -8.21
CA HIS A 70 -18.26 -2.89 -9.38
C HIS A 70 -19.09 -4.12 -8.97
N HIS A 71 -18.90 -4.58 -7.74
CA HIS A 71 -19.61 -5.75 -7.23
C HIS A 71 -19.85 -5.65 -5.72
N HIS A 72 -21.09 -5.34 -5.32
CA HIS A 72 -21.43 -5.22 -3.90
C HIS A 72 -22.94 -5.44 -3.66
N HIS A 73 -23.27 -6.49 -2.91
CA HIS A 73 -24.67 -6.78 -2.56
C HIS A 73 -25.07 -6.13 -1.21
N MET A 1 -9.79 -15.44 4.83
CA MET A 1 -9.13 -14.74 5.98
C MET A 1 -7.78 -14.12 5.60
N THR A 2 -7.37 -14.28 4.34
CA THR A 2 -6.04 -13.84 3.89
C THR A 2 -6.07 -12.48 3.18
N GLN A 3 -5.06 -11.65 3.45
CA GLN A 3 -4.88 -10.37 2.76
C GLN A 3 -3.77 -10.48 1.69
N LYS A 4 -4.04 -9.97 0.49
CA LYS A 4 -3.02 -9.96 -0.58
C LYS A 4 -1.89 -9.00 -0.23
N PHE A 5 -2.25 -7.80 0.20
CA PHE A 5 -1.28 -6.80 0.65
C PHE A 5 -1.15 -6.82 2.18
N THR A 6 0.05 -7.10 2.67
CA THR A 6 0.31 -7.24 4.11
C THR A 6 1.42 -6.29 4.59
N LYS A 7 1.41 -5.97 5.87
CA LYS A 7 2.43 -5.08 6.46
C LYS A 7 3.85 -5.63 6.28
N ASP A 8 3.94 -6.95 6.06
CA ASP A 8 5.22 -7.65 5.90
C ASP A 8 5.93 -7.32 4.57
N MET A 9 5.16 -7.16 3.49
CA MET A 9 5.73 -6.95 2.16
C MET A 9 6.27 -5.52 1.98
N THR A 10 7.23 -5.36 1.07
CA THR A 10 7.84 -4.05 0.80
C THR A 10 7.02 -3.23 -0.22
N PHE A 11 7.29 -1.93 -0.26
CA PHE A 11 6.63 -1.03 -1.22
C PHE A 11 6.81 -1.54 -2.66
N ALA A 12 8.02 -2.01 -2.98
CA ALA A 12 8.32 -2.55 -4.32
C ALA A 12 7.41 -3.75 -4.65
N GLN A 13 7.32 -4.69 -3.72
CA GLN A 13 6.46 -5.87 -3.88
C GLN A 13 5.00 -5.46 -4.15
N ALA A 14 4.52 -4.49 -3.37
CA ALA A 14 3.17 -3.95 -3.53
C ALA A 14 2.95 -3.37 -4.94
N LEU A 15 3.86 -2.49 -5.36
CA LEU A 15 3.81 -1.88 -6.70
C LEU A 15 3.78 -2.95 -7.82
N GLN A 16 4.52 -4.04 -7.62
CA GLN A 16 4.56 -5.13 -8.59
C GLN A 16 3.28 -5.99 -8.56
N THR A 17 2.53 -5.93 -7.47
CA THR A 17 1.31 -6.74 -7.31
C THR A 17 0.11 -6.06 -7.98
N HIS A 18 0.03 -4.73 -7.90
CA HIS A 18 -1.06 -3.96 -8.54
C HIS A 18 -0.58 -2.55 -8.96
N PRO A 19 -0.75 -2.17 -10.24
CA PRO A 19 -0.34 -0.84 -10.73
C PRO A 19 -1.03 0.33 -9.98
N GLY A 20 -2.25 0.09 -9.51
CA GLY A 20 -2.99 1.10 -8.76
C GLY A 20 -2.32 1.50 -7.44
N VAL A 21 -1.48 0.61 -6.91
CA VAL A 21 -0.78 0.86 -5.63
C VAL A 21 0.02 2.17 -5.67
N ALA A 22 0.64 2.47 -6.81
CA ALA A 22 1.40 3.71 -6.99
C ALA A 22 0.54 4.94 -6.65
N GLY A 23 -0.68 4.98 -7.18
CA GLY A 23 -1.60 6.08 -6.89
C GLY A 23 -2.03 6.10 -5.43
N VAL A 24 -2.36 4.94 -4.88
CA VAL A 24 -2.78 4.81 -3.48
C VAL A 24 -1.70 5.35 -2.52
N LEU A 25 -0.47 4.87 -2.69
CA LEU A 25 0.65 5.32 -1.85
C LEU A 25 0.86 6.84 -1.96
N ARG A 26 0.76 7.37 -3.17
CA ARG A 26 0.83 8.83 -3.38
C ARG A 26 -0.29 9.56 -2.62
N SER A 27 -1.48 8.95 -2.59
CA SER A 27 -2.63 9.49 -1.83
C SER A 27 -2.34 9.47 -0.32
N TYR A 28 -1.54 8.50 0.13
CA TYR A 28 -1.16 8.38 1.54
C TYR A 28 0.17 9.08 1.85
N ASN A 29 0.66 9.92 0.93
CA ASN A 29 1.89 10.70 1.15
C ASN A 29 3.14 9.79 1.21
N LEU A 30 3.04 8.61 0.59
CA LEU A 30 4.18 7.67 0.49
C LEU A 30 4.76 7.64 -0.93
N GLY A 31 4.41 8.63 -1.75
CA GLY A 31 4.84 8.64 -3.15
C GLY A 31 6.35 8.82 -3.36
N CYS A 32 7.05 9.29 -2.33
CA CYS A 32 8.50 9.55 -2.42
C CYS A 32 9.34 8.26 -2.46
N ILE A 33 8.70 7.11 -2.24
CA ILE A 33 9.40 5.81 -2.14
C ILE A 33 10.35 5.55 -3.32
N GLY A 34 9.90 5.85 -4.54
CA GLY A 34 10.73 5.62 -5.72
C GLY A 34 11.97 6.51 -5.78
N CYS A 35 11.80 7.79 -5.44
CA CYS A 35 12.90 8.77 -5.50
C CYS A 35 13.93 8.54 -4.38
N MET A 36 13.46 8.20 -3.18
CA MET A 36 14.35 8.01 -2.03
C MET A 36 14.92 6.58 -1.97
N GLY A 37 14.42 5.69 -2.83
CA GLY A 37 14.90 4.31 -2.85
C GLY A 37 14.29 3.43 -1.75
N ALA A 38 13.13 3.82 -1.25
CA ALA A 38 12.47 3.09 -0.17
C ALA A 38 11.76 1.81 -0.67
N GLN A 39 12.13 1.36 -1.87
CA GLN A 39 11.57 0.13 -2.44
C GLN A 39 11.86 -1.09 -1.56
N ASN A 40 12.94 -1.01 -0.77
CA ASN A 40 13.39 -2.12 0.07
C ASN A 40 12.71 -2.11 1.46
N GLU A 41 11.86 -1.12 1.70
CA GLU A 41 11.22 -0.94 3.01
C GLU A 41 9.81 -1.57 3.06
N SER A 42 9.51 -2.28 4.15
CA SER A 42 8.19 -2.91 4.34
C SER A 42 7.10 -1.86 4.59
N LEU A 43 5.87 -2.18 4.19
CA LEU A 43 4.73 -1.25 4.28
C LEU A 43 4.57 -0.65 5.70
N GLU A 44 4.55 -1.50 6.72
CA GLU A 44 4.39 -1.02 8.10
C GLU A 44 5.56 -0.11 8.53
N GLN A 45 6.77 -0.50 8.16
CA GLN A 45 7.97 0.30 8.48
C GLN A 45 7.83 1.73 7.93
N GLY A 46 7.57 1.83 6.63
CA GLY A 46 7.38 3.14 6.01
C GLY A 46 6.16 3.90 6.53
N ALA A 47 5.06 3.18 6.73
CA ALA A 47 3.82 3.79 7.23
C ALA A 47 4.06 4.54 8.55
N ASN A 48 4.53 3.81 9.57
CA ASN A 48 4.80 4.43 10.88
C ASN A 48 5.92 5.48 10.79
N ALA A 49 6.91 5.24 9.92
CA ALA A 49 8.00 6.19 9.71
C ALA A 49 7.51 7.50 9.07
N HIS A 50 6.30 7.47 8.50
CA HIS A 50 5.69 8.68 7.91
C HIS A 50 4.44 9.12 8.72
N GLY A 51 4.25 8.53 9.90
CA GLY A 51 3.11 8.88 10.74
C GLY A 51 1.77 8.35 10.23
N LEU A 52 1.77 7.12 9.73
CA LEU A 52 0.56 6.51 9.15
C LEU A 52 0.28 5.13 9.78
N ASN A 53 -1.00 4.74 9.83
CA ASN A 53 -1.36 3.39 10.25
C ASN A 53 -1.41 2.44 9.03
N VAL A 54 -0.52 1.45 9.01
CA VAL A 54 -0.42 0.52 7.88
C VAL A 54 -1.76 -0.18 7.58
N GLU A 55 -2.54 -0.46 8.63
CA GLU A 55 -3.84 -1.15 8.49
C GLU A 55 -4.83 -0.34 7.64
N ASP A 56 -4.82 0.98 7.80
CA ASP A 56 -5.68 1.87 7.00
C ASP A 56 -5.25 1.84 5.53
N ILE A 57 -3.93 1.77 5.30
CA ILE A 57 -3.36 1.71 3.96
C ILE A 57 -3.69 0.36 3.29
N LEU A 58 -3.50 -0.73 4.03
CA LEU A 58 -3.76 -2.09 3.52
C LEU A 58 -5.20 -2.25 3.01
N ARG A 59 -6.13 -1.53 3.65
CA ARG A 59 -7.54 -1.54 3.21
C ARG A 59 -7.66 -1.14 1.74
N ASP A 60 -7.13 0.03 1.39
CA ASP A 60 -7.22 0.55 0.03
C ASP A 60 -6.41 -0.32 -0.94
N LEU A 61 -5.25 -0.79 -0.50
CA LEU A 61 -4.39 -1.67 -1.31
C LEU A 61 -5.09 -2.98 -1.68
N ASN A 62 -5.64 -3.68 -0.69
CA ASN A 62 -6.36 -4.93 -0.94
C ASN A 62 -7.65 -4.67 -1.74
N ALA A 63 -8.24 -3.49 -1.57
CA ALA A 63 -9.42 -3.09 -2.34
C ALA A 63 -9.14 -3.11 -3.86
N LEU A 64 -7.88 -2.89 -4.24
CA LEU A 64 -7.46 -2.97 -5.65
C LEU A 64 -7.64 -4.39 -6.21
N ALA A 65 -7.51 -5.39 -5.34
CA ALA A 65 -7.64 -6.80 -5.73
C ALA A 65 -9.08 -7.31 -5.58
N LEU A 66 -9.73 -6.93 -4.48
CA LEU A 66 -11.10 -7.36 -4.19
C LEU A 66 -12.12 -6.59 -5.02
N GLU A 67 -11.94 -5.26 -5.10
CA GLU A 67 -12.85 -4.37 -5.82
C GLU A 67 -14.28 -4.38 -5.24
N HIS A 68 -15.13 -5.30 -5.72
CA HIS A 68 -16.55 -5.40 -5.33
C HIS A 68 -17.25 -4.03 -5.22
N HIS A 69 -16.73 -3.03 -5.93
CA HIS A 69 -17.30 -1.68 -5.91
C HIS A 69 -17.97 -1.38 -7.26
N HIS A 70 -19.30 -1.39 -7.27
CA HIS A 70 -20.08 -1.36 -8.52
C HIS A 70 -20.80 -0.02 -8.74
N HIS A 71 -21.43 0.12 -9.92
CA HIS A 71 -22.15 1.34 -10.29
C HIS A 71 -23.64 1.08 -10.58
N HIS A 72 -24.51 1.65 -9.76
CA HIS A 72 -25.96 1.61 -10.02
C HIS A 72 -26.36 2.78 -10.92
N HIS A 73 -27.64 2.81 -11.33
CA HIS A 73 -28.14 3.90 -12.19
C HIS A 73 -28.04 5.27 -11.47
N MET A 1 -8.49 -14.05 7.89
CA MET A 1 -8.23 -14.81 6.64
C MET A 1 -7.09 -14.14 5.83
N THR A 2 -6.50 -14.89 4.90
CA THR A 2 -5.38 -14.39 4.08
C THR A 2 -5.74 -13.11 3.32
N GLN A 3 -5.04 -12.02 3.63
CA GLN A 3 -5.13 -10.78 2.83
C GLN A 3 -3.89 -10.65 1.93
N LYS A 4 -4.11 -10.45 0.63
CA LYS A 4 -3.01 -10.43 -0.35
C LYS A 4 -2.01 -9.28 -0.10
N PHE A 5 -2.49 -8.19 0.47
CA PHE A 5 -1.62 -7.06 0.85
C PHE A 5 -1.44 -7.02 2.38
N THR A 6 -0.21 -7.27 2.83
CA THR A 6 0.11 -7.29 4.26
C THR A 6 1.27 -6.35 4.60
N LYS A 7 1.43 -6.03 5.89
CA LYS A 7 2.50 -5.15 6.36
C LYS A 7 3.89 -5.75 6.10
N ASP A 8 3.93 -7.06 5.89
CA ASP A 8 5.18 -7.79 5.65
C ASP A 8 5.82 -7.42 4.29
N MET A 9 4.99 -7.34 3.23
CA MET A 9 5.51 -7.09 1.88
C MET A 9 6.03 -5.65 1.73
N THR A 10 6.96 -5.45 0.80
CA THR A 10 7.57 -4.12 0.57
C THR A 10 6.81 -3.33 -0.49
N PHE A 11 7.12 -2.02 -0.58
CA PHE A 11 6.52 -1.15 -1.59
C PHE A 11 6.79 -1.67 -3.02
N ALA A 12 8.02 -2.13 -3.27
CA ALA A 12 8.39 -2.68 -4.57
C ALA A 12 7.50 -3.90 -4.92
N GLN A 13 7.29 -4.77 -3.94
CA GLN A 13 6.42 -5.94 -4.12
C GLN A 13 4.97 -5.52 -4.40
N ALA A 14 4.49 -4.53 -3.66
CA ALA A 14 3.11 -4.02 -3.84
C ALA A 14 2.88 -3.49 -5.26
N LEU A 15 3.83 -2.70 -5.78
CA LEU A 15 3.75 -2.18 -7.14
C LEU A 15 3.71 -3.30 -8.18
N GLN A 16 4.35 -4.43 -7.87
CA GLN A 16 4.32 -5.60 -8.74
C GLN A 16 3.00 -6.37 -8.61
N THR A 17 2.41 -6.35 -7.42
CA THR A 17 1.12 -7.00 -7.17
C THR A 17 0.00 -6.33 -7.99
N HIS A 18 -0.12 -5.01 -7.85
CA HIS A 18 -1.12 -4.22 -8.60
C HIS A 18 -0.58 -2.83 -8.97
N PRO A 19 -0.56 -2.48 -10.27
CA PRO A 19 -0.10 -1.15 -10.73
C PRO A 19 -0.85 0.01 -10.05
N GLY A 20 -2.11 -0.24 -9.68
CA GLY A 20 -2.92 0.78 -9.01
C GLY A 20 -2.37 1.21 -7.66
N VAL A 21 -1.51 0.38 -7.06
CA VAL A 21 -0.90 0.69 -5.76
C VAL A 21 -0.13 2.02 -5.78
N ALA A 22 0.51 2.31 -6.92
CA ALA A 22 1.25 3.57 -7.09
C ALA A 22 0.36 4.79 -6.76
N GLY A 23 -0.82 4.83 -7.36
CA GLY A 23 -1.77 5.90 -7.06
C GLY A 23 -2.18 5.96 -5.59
N VAL A 24 -2.35 4.80 -4.97
CA VAL A 24 -2.71 4.71 -3.55
C VAL A 24 -1.59 5.30 -2.68
N LEU A 25 -0.36 4.91 -2.96
CA LEU A 25 0.81 5.43 -2.25
C LEU A 25 0.88 6.96 -2.37
N ARG A 26 0.76 7.46 -3.60
CA ARG A 26 0.71 8.91 -3.85
C ARG A 26 -0.45 9.55 -3.06
N SER A 27 -1.61 8.91 -3.10
CA SER A 27 -2.80 9.38 -2.37
C SER A 27 -2.55 9.45 -0.86
N TYR A 28 -1.76 8.52 -0.32
CA TYR A 28 -1.42 8.49 1.10
C TYR A 28 -0.14 9.28 1.41
N ASN A 29 0.36 10.04 0.44
CA ASN A 29 1.58 10.86 0.61
C ASN A 29 2.83 9.98 0.81
N LEU A 30 2.75 8.74 0.38
CA LEU A 30 3.89 7.80 0.41
C LEU A 30 4.70 7.87 -0.90
N GLY A 31 4.27 8.70 -1.84
CA GLY A 31 4.96 8.81 -3.14
C GLY A 31 6.45 9.15 -3.00
N CYS A 32 6.83 9.74 -1.87
CA CYS A 32 8.24 10.09 -1.60
C CYS A 32 9.15 8.86 -1.47
N ILE A 33 8.57 7.66 -1.56
CA ILE A 33 9.34 6.41 -1.49
C ILE A 33 10.45 6.34 -2.55
N GLY A 34 10.30 7.11 -3.63
CA GLY A 34 11.30 7.13 -4.69
C GLY A 34 12.64 7.72 -4.25
N CYS A 35 12.60 8.91 -3.67
CA CYS A 35 13.82 9.62 -3.24
C CYS A 35 14.46 8.98 -2.00
N MET A 36 13.62 8.57 -1.03
CA MET A 36 14.11 7.91 0.18
C MET A 36 14.51 6.44 -0.09
N GLY A 37 14.20 5.95 -1.28
CA GLY A 37 14.56 4.58 -1.65
C GLY A 37 13.84 3.52 -0.80
N ALA A 38 12.59 3.77 -0.47
CA ALA A 38 11.81 2.84 0.37
C ALA A 38 11.23 1.67 -0.43
N GLN A 39 11.70 1.50 -1.67
CA GLN A 39 11.24 0.39 -2.53
C GLN A 39 11.48 -0.97 -1.86
N ASN A 40 12.66 -1.12 -1.24
CA ASN A 40 13.06 -2.37 -0.59
C ASN A 40 12.63 -2.40 0.89
N GLU A 41 11.73 -1.49 1.28
CA GLU A 41 11.26 -1.38 2.67
C GLU A 41 9.80 -1.84 2.81
N SER A 42 9.50 -2.57 3.88
CA SER A 42 8.14 -3.11 4.12
C SER A 42 7.10 -2.00 4.33
N LEU A 43 5.85 -2.28 3.95
CA LEU A 43 4.76 -1.30 4.05
C LEU A 43 4.65 -0.66 5.44
N GLU A 44 4.69 -1.48 6.49
CA GLU A 44 4.61 -0.96 7.87
C GLU A 44 5.81 -0.06 8.20
N GLN A 45 7.00 -0.48 7.79
CA GLN A 45 8.21 0.31 8.03
C GLN A 45 8.10 1.71 7.41
N GLY A 46 7.82 1.76 6.10
CA GLY A 46 7.64 3.03 5.41
C GLY A 46 6.46 3.84 5.96
N ALA A 47 5.38 3.15 6.33
CA ALA A 47 4.22 3.81 6.94
C ALA A 47 4.60 4.58 8.21
N ASN A 48 5.16 3.88 9.19
CA ASN A 48 5.63 4.53 10.43
C ASN A 48 6.70 5.59 10.14
N ALA A 49 7.55 5.33 9.13
CA ALA A 49 8.55 6.31 8.70
C ALA A 49 7.89 7.63 8.26
N HIS A 50 6.70 7.53 7.65
CA HIS A 50 5.92 8.72 7.26
C HIS A 50 4.85 9.07 8.32
N GLY A 51 4.80 8.28 9.39
CA GLY A 51 3.83 8.51 10.46
C GLY A 51 2.39 8.23 10.04
N LEU A 52 2.17 7.12 9.36
CA LEU A 52 0.84 6.75 8.85
C LEU A 52 0.43 5.34 9.32
N ASN A 53 -0.88 5.14 9.51
CA ASN A 53 -1.42 3.84 9.91
C ASN A 53 -1.32 2.83 8.76
N VAL A 54 -0.44 1.84 8.90
CA VAL A 54 -0.27 0.80 7.87
C VAL A 54 -1.56 0.02 7.60
N GLU A 55 -2.37 -0.19 8.63
CA GLU A 55 -3.62 -0.96 8.50
C GLU A 55 -4.62 -0.28 7.56
N ASP A 56 -4.82 1.02 7.73
CA ASP A 56 -5.73 1.77 6.87
C ASP A 56 -5.21 1.79 5.42
N ILE A 57 -3.89 1.82 5.26
CA ILE A 57 -3.27 1.69 3.94
C ILE A 57 -3.59 0.33 3.31
N LEU A 58 -3.41 -0.73 4.11
CA LEU A 58 -3.73 -2.10 3.66
C LEU A 58 -5.20 -2.22 3.23
N ARG A 59 -6.08 -1.46 3.86
CA ARG A 59 -7.49 -1.42 3.47
C ARG A 59 -7.65 -1.04 1.99
N ASP A 60 -7.07 0.11 1.60
CA ASP A 60 -7.17 0.59 0.22
C ASP A 60 -6.44 -0.37 -0.75
N LEU A 61 -5.28 -0.86 -0.32
CA LEU A 61 -4.49 -1.81 -1.12
C LEU A 61 -5.27 -3.11 -1.41
N ASN A 62 -5.81 -3.73 -0.37
CA ASN A 62 -6.60 -4.96 -0.54
C ASN A 62 -7.91 -4.67 -1.31
N ALA A 63 -8.39 -3.43 -1.22
CA ALA A 63 -9.56 -2.99 -1.99
C ALA A 63 -9.28 -3.09 -3.50
N LEU A 64 -8.03 -2.90 -3.89
CA LEU A 64 -7.59 -3.06 -5.29
C LEU A 64 -7.66 -4.54 -5.73
N ALA A 65 -7.56 -5.45 -4.76
CA ALA A 65 -7.66 -6.89 -5.02
C ALA A 65 -9.14 -7.32 -5.13
N LEU A 66 -9.94 -6.91 -4.16
CA LEU A 66 -11.37 -7.22 -4.14
C LEU A 66 -12.14 -6.47 -5.24
N GLU A 67 -12.07 -5.15 -5.18
CA GLU A 67 -12.79 -4.26 -6.11
C GLU A 67 -14.33 -4.40 -5.98
N HIS A 68 -14.87 -5.58 -6.32
CA HIS A 68 -16.30 -5.85 -6.14
C HIS A 68 -16.72 -5.66 -4.66
N HIS A 69 -17.64 -4.75 -4.42
CA HIS A 69 -18.08 -4.43 -3.06
C HIS A 69 -19.00 -5.52 -2.49
N HIS A 70 -19.63 -6.29 -3.39
CA HIS A 70 -20.40 -7.46 -2.98
C HIS A 70 -19.46 -8.61 -2.60
N HIS A 71 -19.75 -9.28 -1.49
CA HIS A 71 -18.88 -10.34 -0.97
C HIS A 71 -19.70 -11.49 -0.36
N HIS A 72 -19.23 -12.72 -0.55
CA HIS A 72 -19.93 -13.91 -0.03
C HIS A 72 -19.53 -14.21 1.43
N HIS A 73 -18.37 -13.70 1.85
CA HIS A 73 -17.94 -13.82 3.26
C HIS A 73 -18.00 -12.44 3.96
N MET A 1 -8.65 -15.98 7.07
CA MET A 1 -8.57 -14.75 6.23
C MET A 1 -7.10 -14.33 6.04
N THR A 2 -6.73 -13.97 4.81
CA THR A 2 -5.34 -13.59 4.52
C THR A 2 -5.26 -12.36 3.60
N GLN A 3 -4.26 -11.51 3.83
CA GLN A 3 -4.08 -10.28 3.05
C GLN A 3 -3.07 -10.49 1.90
N LYS A 4 -3.53 -10.31 0.65
CA LYS A 4 -2.63 -10.39 -0.52
C LYS A 4 -1.69 -9.17 -0.56
N PHE A 5 -2.17 -8.06 -0.01
CA PHE A 5 -1.32 -6.89 0.22
C PHE A 5 -1.06 -6.74 1.73
N THR A 6 0.10 -7.21 2.18
CA THR A 6 0.42 -7.26 3.62
C THR A 6 1.45 -6.18 4.01
N LYS A 7 1.71 -6.08 5.31
CA LYS A 7 2.64 -5.07 5.83
C LYS A 7 4.10 -5.57 5.77
N ASP A 8 4.28 -6.88 5.66
CA ASP A 8 5.63 -7.47 5.60
C ASP A 8 6.27 -7.27 4.22
N MET A 9 5.44 -7.25 3.18
CA MET A 9 5.93 -7.07 1.80
C MET A 9 6.43 -5.63 1.57
N THR A 10 7.45 -5.48 0.74
CA THR A 10 8.05 -4.17 0.48
C THR A 10 7.21 -3.35 -0.51
N PHE A 11 7.43 -2.04 -0.51
CA PHE A 11 6.75 -1.14 -1.46
C PHE A 11 6.95 -1.62 -2.90
N ALA A 12 8.17 -2.06 -3.22
CA ALA A 12 8.48 -2.58 -4.56
C ALA A 12 7.58 -3.78 -4.90
N GLN A 13 7.47 -4.73 -3.98
CA GLN A 13 6.61 -5.92 -4.19
C GLN A 13 5.17 -5.50 -4.50
N ALA A 14 4.62 -4.59 -3.69
CA ALA A 14 3.25 -4.10 -3.85
C ALA A 14 3.04 -3.44 -5.23
N LEU A 15 3.94 -2.52 -5.60
CA LEU A 15 3.85 -1.82 -6.90
C LEU A 15 3.90 -2.79 -8.08
N GLN A 16 4.65 -3.89 -7.93
CA GLN A 16 4.75 -4.90 -8.99
C GLN A 16 3.54 -5.85 -9.00
N THR A 17 2.78 -5.87 -7.89
CA THR A 17 1.57 -6.70 -7.81
C THR A 17 0.41 -6.08 -8.61
N HIS A 18 0.04 -4.85 -8.26
CA HIS A 18 -0.98 -4.09 -9.01
C HIS A 18 -0.61 -2.60 -9.11
N PRO A 19 -0.52 -2.06 -10.33
CA PRO A 19 -0.12 -0.65 -10.56
C PRO A 19 -1.04 0.36 -9.83
N GLY A 20 -2.27 -0.06 -9.52
CA GLY A 20 -3.18 0.80 -8.77
C GLY A 20 -2.63 1.21 -7.39
N VAL A 21 -1.81 0.34 -6.80
CA VAL A 21 -1.19 0.61 -5.50
C VAL A 21 -0.42 1.95 -5.50
N ALA A 22 0.20 2.28 -6.63
CA ALA A 22 0.95 3.52 -6.78
C ALA A 22 0.08 4.75 -6.46
N GLY A 23 -1.12 4.79 -7.04
CA GLY A 23 -2.05 5.90 -6.80
C GLY A 23 -2.45 6.02 -5.33
N VAL A 24 -2.73 4.88 -4.70
CA VAL A 24 -3.11 4.84 -3.28
C VAL A 24 -1.95 5.34 -2.37
N LEU A 25 -0.75 4.81 -2.60
CA LEU A 25 0.44 5.23 -1.82
C LEU A 25 0.68 6.74 -1.96
N ARG A 26 0.65 7.23 -3.20
CA ARG A 26 0.82 8.67 -3.46
C ARG A 26 -0.31 9.49 -2.80
N SER A 27 -1.49 8.89 -2.70
CA SER A 27 -2.63 9.53 -2.03
C SER A 27 -2.38 9.69 -0.52
N TYR A 28 -1.76 8.68 0.09
CA TYR A 28 -1.41 8.72 1.52
C TYR A 28 -0.08 9.45 1.78
N ASN A 29 0.53 9.99 0.73
CA ASN A 29 1.85 10.63 0.81
C ASN A 29 2.97 9.59 1.03
N LEU A 30 3.12 8.70 0.05
CA LEU A 30 4.21 7.70 0.05
C LEU A 30 4.90 7.65 -1.31
N GLY A 31 4.64 8.64 -2.15
CA GLY A 31 5.23 8.67 -3.49
C GLY A 31 6.76 8.80 -3.49
N CYS A 32 7.30 9.32 -2.39
CA CYS A 32 8.76 9.53 -2.28
C CYS A 32 9.52 8.22 -1.99
N ILE A 33 8.79 7.10 -1.87
CA ILE A 33 9.42 5.80 -1.57
C ILE A 33 10.57 5.45 -2.53
N GLY A 34 10.46 5.89 -3.78
CA GLY A 34 11.54 5.70 -4.74
C GLY A 34 12.77 6.52 -4.40
N CYS A 35 12.55 7.79 -4.07
CA CYS A 35 13.65 8.72 -3.73
C CYS A 35 14.33 8.32 -2.41
N MET A 36 13.54 8.11 -1.36
CA MET A 36 14.08 7.76 -0.03
C MET A 36 14.55 6.29 0.04
N GLY A 37 14.47 5.58 -1.09
CA GLY A 37 14.98 4.20 -1.17
C GLY A 37 14.11 3.17 -0.44
N ALA A 38 12.89 3.56 -0.07
CA ALA A 38 12.00 2.69 0.70
C ALA A 38 11.42 1.54 -0.14
N GLN A 39 11.87 1.41 -1.39
CA GLN A 39 11.43 0.31 -2.27
C GLN A 39 11.71 -1.07 -1.65
N ASN A 40 12.85 -1.20 -0.99
CA ASN A 40 13.25 -2.47 -0.34
C ASN A 40 12.73 -2.55 1.10
N GLU A 41 11.94 -1.57 1.50
CA GLU A 41 11.41 -1.50 2.87
C GLU A 41 9.94 -1.93 2.92
N SER A 42 9.53 -2.55 4.02
CA SER A 42 8.16 -3.07 4.15
C SER A 42 7.13 -1.95 4.28
N LEU A 43 5.90 -2.21 3.83
CA LEU A 43 4.83 -1.20 3.84
C LEU A 43 4.63 -0.55 5.22
N GLU A 44 4.70 -1.36 6.27
CA GLU A 44 4.47 -0.83 7.63
C GLU A 44 5.57 0.14 8.07
N GLN A 45 6.83 -0.18 7.78
CA GLN A 45 7.96 0.67 8.15
C GLN A 45 7.85 2.05 7.46
N GLY A 46 7.68 2.03 6.13
CA GLY A 46 7.49 3.29 5.39
C GLY A 46 6.27 4.07 5.85
N ALA A 47 5.20 3.36 6.22
CA ALA A 47 3.99 3.98 6.76
C ALA A 47 4.30 4.77 8.05
N ASN A 48 4.86 4.08 9.05
CA ASN A 48 5.25 4.74 10.31
C ASN A 48 6.25 5.88 10.06
N ALA A 49 7.15 5.68 9.09
CA ALA A 49 8.13 6.72 8.71
C ALA A 49 7.45 8.03 8.31
N HIS A 50 6.36 7.95 7.54
CA HIS A 50 5.59 9.13 7.13
C HIS A 50 4.47 9.46 8.13
N GLY A 51 4.34 8.65 9.19
CA GLY A 51 3.30 8.85 10.17
C GLY A 51 1.92 8.44 9.67
N LEU A 52 1.80 7.20 9.21
CA LEU A 52 0.55 6.68 8.66
C LEU A 52 0.14 5.35 9.30
N ASN A 53 -1.15 5.19 9.54
CA ASN A 53 -1.69 3.93 10.05
C ASN A 53 -1.68 2.84 8.96
N VAL A 54 -0.71 1.92 9.07
CA VAL A 54 -0.56 0.84 8.08
C VAL A 54 -1.87 0.06 7.87
N GLU A 55 -2.65 -0.11 8.94
CA GLU A 55 -3.91 -0.85 8.86
C GLU A 55 -4.91 -0.18 7.90
N ASP A 56 -4.92 1.16 7.88
CA ASP A 56 -5.81 1.90 7.00
C ASP A 56 -5.34 1.82 5.54
N ILE A 57 -4.02 1.74 5.34
CA ILE A 57 -3.43 1.62 4.00
C ILE A 57 -3.72 0.24 3.38
N LEU A 58 -3.36 -0.83 4.10
CA LEU A 58 -3.59 -2.20 3.62
C LEU A 58 -5.07 -2.44 3.30
N ARG A 59 -5.93 -1.81 4.10
CA ARG A 59 -7.38 -1.83 3.89
C ARG A 59 -7.75 -1.43 2.45
N ASP A 60 -7.29 -0.24 2.03
CA ASP A 60 -7.61 0.27 0.69
C ASP A 60 -6.85 -0.50 -0.41
N LEU A 61 -5.63 -0.95 -0.10
CA LEU A 61 -4.82 -1.71 -1.05
C LEU A 61 -5.48 -3.05 -1.43
N ASN A 62 -5.89 -3.84 -0.44
CA ASN A 62 -6.58 -5.11 -0.70
C ASN A 62 -7.96 -4.86 -1.35
N ALA A 63 -8.54 -3.68 -1.11
CA ALA A 63 -9.80 -3.28 -1.76
C ALA A 63 -9.65 -3.25 -3.29
N LEU A 64 -8.46 -2.89 -3.77
CA LEU A 64 -8.17 -2.91 -5.21
C LEU A 64 -8.36 -4.31 -5.81
N ALA A 65 -8.03 -5.33 -5.02
CA ALA A 65 -8.19 -6.72 -5.44
C ALA A 65 -9.65 -7.19 -5.32
N LEU A 66 -10.36 -6.67 -4.34
CA LEU A 66 -11.77 -7.03 -4.12
C LEU A 66 -12.73 -6.16 -4.96
N GLU A 67 -12.21 -5.06 -5.50
CA GLU A 67 -13.00 -4.15 -6.35
C GLU A 67 -14.22 -3.56 -5.61
N HIS A 68 -15.29 -4.36 -5.52
CA HIS A 68 -16.54 -4.01 -4.81
C HIS A 68 -17.10 -2.60 -5.15
N HIS A 69 -18.27 -2.58 -5.78
CA HIS A 69 -18.96 -1.32 -6.08
C HIS A 69 -20.48 -1.52 -6.09
N HIS A 70 -21.22 -0.47 -5.73
CA HIS A 70 -22.69 -0.55 -5.68
C HIS A 70 -23.30 -0.73 -7.08
N HIS A 71 -24.43 -1.45 -7.14
CA HIS A 71 -25.16 -1.66 -8.39
C HIS A 71 -25.72 -0.34 -8.96
N HIS A 72 -25.74 -0.23 -10.28
CA HIS A 72 -26.32 0.93 -10.96
C HIS A 72 -27.18 0.49 -12.16
N HIS A 73 -28.39 1.05 -12.25
CA HIS A 73 -29.31 0.75 -13.35
C HIS A 73 -28.90 1.46 -14.66
N MET A 1 -7.12 -15.08 7.06
CA MET A 1 -7.71 -14.96 5.70
C MET A 1 -6.62 -14.58 4.68
N THR A 2 -6.71 -15.16 3.49
CA THR A 2 -5.73 -14.93 2.42
C THR A 2 -5.76 -13.48 1.92
N GLN A 3 -4.66 -12.75 2.15
CA GLN A 3 -4.55 -11.34 1.73
C GLN A 3 -3.41 -11.13 0.73
N LYS A 4 -3.61 -10.24 -0.23
CA LYS A 4 -2.58 -9.92 -1.21
C LYS A 4 -1.55 -8.92 -0.65
N PHE A 5 -2.01 -8.01 0.20
CA PHE A 5 -1.15 -6.96 0.76
C PHE A 5 -1.05 -7.06 2.29
N THR A 6 0.17 -7.15 2.79
CA THR A 6 0.44 -7.21 4.24
C THR A 6 1.42 -6.12 4.68
N LYS A 7 1.46 -5.84 5.99
CA LYS A 7 2.33 -4.79 6.53
C LYS A 7 3.82 -5.11 6.34
N ASP A 8 4.15 -6.40 6.29
CA ASP A 8 5.55 -6.84 6.30
C ASP A 8 6.11 -7.05 4.88
N MET A 9 5.34 -6.73 3.85
CA MET A 9 5.82 -6.85 2.46
C MET A 9 6.39 -5.51 1.96
N THR A 10 7.31 -5.58 1.00
CA THR A 10 7.98 -4.37 0.50
C THR A 10 7.08 -3.57 -0.46
N PHE A 11 7.31 -2.25 -0.52
CA PHE A 11 6.59 -1.38 -1.47
C PHE A 11 6.73 -1.89 -2.91
N ALA A 12 7.91 -2.41 -3.24
CA ALA A 12 8.16 -2.97 -4.58
C ALA A 12 7.17 -4.10 -4.91
N GLN A 13 7.04 -5.06 -4.00
CA GLN A 13 6.10 -6.19 -4.18
C GLN A 13 4.67 -5.70 -4.38
N ALA A 14 4.26 -4.71 -3.59
CA ALA A 14 2.93 -4.11 -3.71
C ALA A 14 2.69 -3.56 -5.12
N LEU A 15 3.63 -2.77 -5.61
CA LEU A 15 3.57 -2.21 -6.97
C LEU A 15 3.53 -3.31 -8.04
N GLN A 16 4.33 -4.36 -7.84
CA GLN A 16 4.38 -5.49 -8.78
C GLN A 16 3.07 -6.31 -8.77
N THR A 17 2.26 -6.13 -7.74
CA THR A 17 0.97 -6.83 -7.63
C THR A 17 -0.12 -6.11 -8.43
N HIS A 18 -0.30 -4.81 -8.19
CA HIS A 18 -1.29 -3.99 -8.91
C HIS A 18 -0.78 -2.55 -9.12
N PRO A 19 -0.81 -2.03 -10.36
CA PRO A 19 -0.36 -0.66 -10.68
C PRO A 19 -1.05 0.43 -9.83
N GLY A 20 -2.33 0.21 -9.52
CA GLY A 20 -3.10 1.17 -8.72
C GLY A 20 -2.49 1.48 -7.36
N VAL A 21 -1.61 0.59 -6.88
CA VAL A 21 -0.93 0.81 -5.60
C VAL A 21 -0.14 2.12 -5.60
N ALA A 22 0.38 2.51 -6.77
CA ALA A 22 1.13 3.77 -6.91
C ALA A 22 0.25 4.98 -6.51
N GLY A 23 -0.96 5.02 -7.05
CA GLY A 23 -1.90 6.08 -6.71
C GLY A 23 -2.31 6.08 -5.24
N VAL A 24 -2.52 4.89 -4.68
CA VAL A 24 -2.87 4.74 -3.26
C VAL A 24 -1.72 5.26 -2.36
N LEU A 25 -0.50 4.79 -2.62
CA LEU A 25 0.66 5.22 -1.85
C LEU A 25 0.82 6.75 -1.90
N ARG A 26 0.73 7.33 -3.11
CA ARG A 26 0.80 8.79 -3.26
C ARG A 26 -0.38 9.48 -2.55
N SER A 27 -1.52 8.81 -2.51
CA SER A 27 -2.70 9.31 -1.77
C SER A 27 -2.38 9.47 -0.28
N TYR A 28 -1.49 8.62 0.23
CA TYR A 28 -1.04 8.69 1.63
C TYR A 28 0.31 9.43 1.74
N ASN A 29 0.66 10.20 0.70
CA ASN A 29 1.90 10.98 0.67
C ASN A 29 3.16 10.08 0.81
N LEU A 30 3.03 8.83 0.36
CA LEU A 30 4.15 7.87 0.38
C LEU A 30 4.87 7.81 -0.98
N GLY A 31 4.50 8.69 -1.90
CA GLY A 31 5.04 8.65 -3.26
C GLY A 31 6.57 8.77 -3.33
N CYS A 32 7.16 9.44 -2.35
CA CYS A 32 8.63 9.64 -2.33
C CYS A 32 9.41 8.38 -1.97
N ILE A 33 8.73 7.25 -1.80
CA ILE A 33 9.39 5.96 -1.54
C ILE A 33 10.48 5.66 -2.59
N GLY A 34 10.22 6.04 -3.84
CA GLY A 34 11.21 5.85 -4.91
C GLY A 34 12.44 6.75 -4.75
N CYS A 35 12.26 7.88 -4.10
CA CYS A 35 13.35 8.83 -3.84
C CYS A 35 14.19 8.42 -2.62
N MET A 36 13.52 7.97 -1.57
CA MET A 36 14.20 7.56 -0.33
C MET A 36 14.63 6.08 -0.35
N GLY A 37 14.51 5.43 -1.51
CA GLY A 37 14.91 4.03 -1.65
C GLY A 37 14.09 3.07 -0.80
N ALA A 38 12.87 3.46 -0.45
CA ALA A 38 12.00 2.63 0.41
C ALA A 38 11.35 1.48 -0.39
N GLN A 39 11.75 1.31 -1.65
CA GLN A 39 11.22 0.23 -2.49
C GLN A 39 11.46 -1.15 -1.87
N ASN A 40 12.62 -1.32 -1.25
CA ASN A 40 13.00 -2.59 -0.62
C ASN A 40 12.60 -2.64 0.86
N GLU A 41 11.76 -1.68 1.28
CA GLU A 41 11.33 -1.57 2.68
C GLU A 41 9.86 -1.99 2.84
N SER A 42 9.50 -2.49 4.02
CA SER A 42 8.14 -2.98 4.29
C SER A 42 7.12 -1.83 4.38
N LEU A 43 5.87 -2.12 4.00
CA LEU A 43 4.80 -1.11 3.99
C LEU A 43 4.64 -0.42 5.36
N GLU A 44 4.67 -1.21 6.44
CA GLU A 44 4.51 -0.66 7.79
C GLU A 44 5.61 0.36 8.12
N GLN A 45 6.85 0.03 7.77
CA GLN A 45 7.99 0.89 8.09
C GLN A 45 7.88 2.26 7.42
N GLY A 46 7.63 2.28 6.11
CA GLY A 46 7.40 3.53 5.40
C GLY A 46 6.21 4.31 5.95
N ALA A 47 5.16 3.60 6.35
CA ALA A 47 3.99 4.22 6.96
C ALA A 47 4.36 5.00 8.23
N ASN A 48 5.01 4.31 9.18
CA ASN A 48 5.47 4.96 10.42
C ASN A 48 6.47 6.08 10.13
N ALA A 49 7.26 5.93 9.06
CA ALA A 49 8.19 6.98 8.62
C ALA A 49 7.47 8.28 8.26
N HIS A 50 6.20 8.17 7.83
CA HIS A 50 5.38 9.35 7.52
C HIS A 50 4.30 9.58 8.61
N GLY A 51 4.38 8.84 9.70
CA GLY A 51 3.40 8.97 10.78
C GLY A 51 1.99 8.52 10.39
N LEU A 52 1.91 7.37 9.71
CA LEU A 52 0.64 6.83 9.24
C LEU A 52 0.39 5.41 9.79
N ASN A 53 -0.86 4.96 9.68
CA ASN A 53 -1.22 3.59 10.09
C ASN A 53 -1.27 2.66 8.86
N VAL A 54 -0.35 1.71 8.81
CA VAL A 54 -0.27 0.75 7.69
C VAL A 54 -1.59 -0.04 7.53
N GLU A 55 -2.25 -0.32 8.64
CA GLU A 55 -3.50 -1.09 8.63
C GLU A 55 -4.60 -0.39 7.80
N ASP A 56 -4.61 0.95 7.84
CA ASP A 56 -5.56 1.72 7.04
C ASP A 56 -5.17 1.69 5.55
N ILE A 57 -3.87 1.72 5.28
CA ILE A 57 -3.36 1.64 3.91
C ILE A 57 -3.69 0.27 3.28
N LEU A 58 -3.42 -0.79 4.03
CA LEU A 58 -3.73 -2.16 3.59
C LEU A 58 -5.21 -2.32 3.23
N ARG A 59 -6.08 -1.61 3.94
CA ARG A 59 -7.51 -1.58 3.62
C ARG A 59 -7.75 -1.24 2.15
N ASP A 60 -7.23 -0.08 1.70
CA ASP A 60 -7.43 0.38 0.34
C ASP A 60 -6.62 -0.46 -0.67
N LEU A 61 -5.44 -0.93 -0.25
CA LEU A 61 -4.58 -1.77 -1.10
C LEU A 61 -5.24 -3.12 -1.45
N ASN A 62 -5.71 -3.85 -0.45
CA ASN A 62 -6.36 -5.14 -0.69
C ASN A 62 -7.69 -4.98 -1.44
N ALA A 63 -8.32 -3.81 -1.26
CA ALA A 63 -9.53 -3.47 -2.01
C ALA A 63 -9.27 -3.48 -3.52
N LEU A 64 -8.05 -3.11 -3.92
CA LEU A 64 -7.63 -3.13 -5.32
C LEU A 64 -7.68 -4.55 -5.91
N ALA A 65 -7.55 -5.55 -5.04
CA ALA A 65 -7.60 -6.96 -5.47
C ALA A 65 -9.05 -7.48 -5.53
N LEU A 66 -9.96 -6.76 -4.88
CA LEU A 66 -11.38 -7.14 -4.86
C LEU A 66 -12.17 -6.44 -5.98
N GLU A 67 -12.04 -5.11 -6.04
CA GLU A 67 -12.71 -4.27 -7.06
C GLU A 67 -14.24 -4.18 -6.86
N HIS A 68 -14.90 -5.33 -6.72
CA HIS A 68 -16.36 -5.37 -6.54
C HIS A 68 -16.77 -4.64 -5.25
N HIS A 69 -17.50 -3.54 -5.42
CA HIS A 69 -17.82 -2.64 -4.31
C HIS A 69 -18.95 -3.20 -3.43
N HIS A 70 -18.68 -3.32 -2.13
CA HIS A 70 -19.66 -3.84 -1.19
C HIS A 70 -20.56 -2.71 -0.66
N HIS A 71 -21.86 -2.97 -0.60
CA HIS A 71 -22.85 -1.93 -0.31
C HIS A 71 -22.79 -1.43 1.15
N HIS A 72 -22.34 -0.19 1.33
CA HIS A 72 -22.27 0.44 2.65
C HIS A 72 -22.04 1.96 2.54
N HIS A 73 -22.67 2.73 3.44
CA HIS A 73 -22.53 4.19 3.44
C HIS A 73 -22.76 4.78 4.86
N MET A 1 -8.22 -14.73 7.16
CA MET A 1 -8.61 -14.41 5.75
C MET A 1 -7.36 -14.18 4.88
N THR A 2 -7.13 -15.07 3.90
CA THR A 2 -5.99 -14.94 2.99
C THR A 2 -6.05 -13.63 2.18
N GLN A 3 -5.21 -12.67 2.55
CA GLN A 3 -5.17 -11.37 1.87
C GLN A 3 -4.14 -11.36 0.72
N LYS A 4 -4.06 -10.24 0.02
CA LYS A 4 -3.11 -10.07 -1.09
C LYS A 4 -2.08 -8.96 -0.79
N PHE A 5 -2.39 -8.13 0.19
CA PHE A 5 -1.48 -7.06 0.63
C PHE A 5 -1.32 -7.07 2.15
N THR A 6 -0.07 -7.09 2.61
CA THR A 6 0.24 -7.11 4.04
C THR A 6 1.38 -6.13 4.38
N LYS A 7 1.41 -5.67 5.62
CA LYS A 7 2.44 -4.72 6.07
C LYS A 7 3.85 -5.31 5.96
N ASP A 8 3.92 -6.65 5.87
CA ASP A 8 5.18 -7.38 5.77
C ASP A 8 5.85 -7.20 4.40
N MET A 9 5.05 -7.13 3.34
CA MET A 9 5.57 -7.04 1.97
C MET A 9 6.20 -5.67 1.70
N THR A 10 7.12 -5.63 0.74
CA THR A 10 7.81 -4.39 0.38
C THR A 10 6.99 -3.54 -0.60
N PHE A 11 7.29 -2.24 -0.67
CA PHE A 11 6.63 -1.34 -1.61
C PHE A 11 6.75 -1.84 -3.05
N ALA A 12 7.92 -2.37 -3.41
CA ALA A 12 8.14 -2.94 -4.74
C ALA A 12 7.17 -4.09 -5.03
N GLN A 13 7.01 -5.00 -4.06
CA GLN A 13 6.09 -6.14 -4.21
C GLN A 13 4.64 -5.66 -4.40
N ALA A 14 4.22 -4.70 -3.57
CA ALA A 14 2.86 -4.14 -3.66
C ALA A 14 2.58 -3.57 -5.05
N LEU A 15 3.48 -2.71 -5.54
CA LEU A 15 3.35 -2.11 -6.89
C LEU A 15 3.24 -3.19 -7.98
N GLN A 16 3.94 -4.30 -7.81
CA GLN A 16 3.92 -5.39 -8.79
C GLN A 16 2.67 -6.28 -8.65
N THR A 17 2.08 -6.32 -7.46
CA THR A 17 0.84 -7.08 -7.25
C THR A 17 -0.35 -6.38 -7.95
N HIS A 18 -0.44 -5.06 -7.77
CA HIS A 18 -1.45 -4.24 -8.46
C HIS A 18 -0.91 -2.83 -8.75
N PRO A 19 -0.82 -2.43 -10.02
CA PRO A 19 -0.33 -1.08 -10.42
C PRO A 19 -1.11 0.07 -9.76
N GLY A 20 -2.35 -0.20 -9.35
CA GLY A 20 -3.16 0.81 -8.68
C GLY A 20 -2.57 1.27 -7.35
N VAL A 21 -1.69 0.45 -6.78
CA VAL A 21 -0.99 0.78 -5.54
C VAL A 21 -0.19 2.10 -5.67
N ALA A 22 0.29 2.39 -6.88
CA ALA A 22 1.02 3.63 -7.15
C ALA A 22 0.21 4.87 -6.71
N GLY A 23 -1.06 4.91 -7.11
CA GLY A 23 -1.94 6.01 -6.71
C GLY A 23 -2.21 6.02 -5.20
N VAL A 24 -2.42 4.82 -4.64
CA VAL A 24 -2.68 4.68 -3.20
C VAL A 24 -1.51 5.23 -2.36
N LEU A 25 -0.30 4.81 -2.69
CA LEU A 25 0.89 5.28 -1.98
C LEU A 25 1.00 6.81 -2.02
N ARG A 26 0.90 7.40 -3.21
CA ARG A 26 0.94 8.86 -3.34
C ARG A 26 -0.19 9.52 -2.54
N SER A 27 -1.35 8.87 -2.52
CA SER A 27 -2.51 9.34 -1.76
C SER A 27 -2.21 9.38 -0.24
N TYR A 28 -1.34 8.50 0.22
CA TYR A 28 -0.94 8.44 1.63
C TYR A 28 0.48 8.99 1.86
N ASN A 29 0.91 9.93 1.02
CA ASN A 29 2.22 10.61 1.19
C ASN A 29 3.43 9.66 0.97
N LEU A 30 3.15 8.44 0.51
CA LEU A 30 4.20 7.45 0.27
C LEU A 30 4.71 7.50 -1.18
N GLY A 31 4.32 8.54 -1.92
CA GLY A 31 4.78 8.69 -3.30
C GLY A 31 6.26 9.02 -3.42
N CYS A 32 6.88 9.42 -2.32
CA CYS A 32 8.30 9.79 -2.32
C CYS A 32 9.22 8.61 -1.93
N ILE A 33 8.66 7.40 -1.88
CA ILE A 33 9.44 6.19 -1.54
C ILE A 33 10.66 6.02 -2.45
N GLY A 34 10.53 6.37 -3.73
CA GLY A 34 11.64 6.27 -4.67
C GLY A 34 12.78 7.25 -4.36
N CYS A 35 12.44 8.34 -3.68
CA CYS A 35 13.44 9.36 -3.31
C CYS A 35 14.13 8.99 -1.98
N MET A 36 13.33 8.67 -0.96
CA MET A 36 13.87 8.30 0.36
C MET A 36 14.56 6.93 0.35
N GLY A 37 14.22 6.10 -0.64
CA GLY A 37 14.82 4.77 -0.75
C GLY A 37 14.05 3.71 0.02
N ALA A 38 12.82 3.43 -0.41
CA ALA A 38 11.94 2.51 0.33
C ALA A 38 11.37 1.37 -0.56
N GLN A 39 11.88 1.23 -1.79
CA GLN A 39 11.41 0.17 -2.69
C GLN A 39 11.60 -1.24 -2.08
N ASN A 40 12.75 -1.44 -1.43
CA ASN A 40 13.07 -2.73 -0.80
C ASN A 40 12.65 -2.76 0.68
N GLU A 41 11.85 -1.77 1.08
CA GLU A 41 11.40 -1.65 2.47
C GLU A 41 9.92 -2.04 2.62
N SER A 42 9.54 -2.55 3.79
CA SER A 42 8.16 -3.01 4.02
C SER A 42 7.17 -1.84 4.17
N LEU A 43 5.91 -2.09 3.78
CA LEU A 43 4.86 -1.07 3.83
C LEU A 43 4.76 -0.38 5.21
N GLU A 44 4.72 -1.18 6.28
CA GLU A 44 4.58 -0.62 7.64
C GLU A 44 5.73 0.32 7.99
N GLN A 45 6.95 -0.05 7.60
CA GLN A 45 8.14 0.76 7.92
C GLN A 45 8.04 2.17 7.31
N GLY A 46 7.87 2.23 5.99
CA GLY A 46 7.72 3.51 5.30
C GLY A 46 6.53 4.32 5.83
N ALA A 47 5.43 3.64 6.17
CA ALA A 47 4.26 4.29 6.75
C ALA A 47 4.61 4.93 8.11
N ASN A 48 5.25 4.16 8.99
CA ASN A 48 5.68 4.66 10.31
C ASN A 48 6.66 5.84 10.16
N ALA A 49 7.54 5.76 9.17
CA ALA A 49 8.49 6.85 8.88
C ALA A 49 7.76 8.16 8.54
N HIS A 50 6.65 8.05 7.80
CA HIS A 50 5.83 9.21 7.44
C HIS A 50 4.73 9.49 8.48
N GLY A 51 4.75 8.74 9.59
CA GLY A 51 3.72 8.90 10.63
C GLY A 51 2.32 8.55 10.15
N LEU A 52 2.16 7.36 9.60
CA LEU A 52 0.88 6.93 9.01
C LEU A 52 0.37 5.62 9.63
N ASN A 53 -0.95 5.45 9.65
CA ASN A 53 -1.57 4.19 10.07
C ASN A 53 -1.58 3.18 8.91
N VAL A 54 -0.64 2.23 8.95
CA VAL A 54 -0.50 1.23 7.89
C VAL A 54 -1.80 0.42 7.69
N GLU A 55 -2.55 0.22 8.76
CA GLU A 55 -3.80 -0.55 8.71
C GLU A 55 -4.80 0.04 7.69
N ASP A 56 -5.00 1.35 7.76
CA ASP A 56 -5.94 2.04 6.87
C ASP A 56 -5.46 1.97 5.41
N ILE A 57 -4.13 1.94 5.24
CA ILE A 57 -3.53 1.80 3.91
C ILE A 57 -3.78 0.40 3.33
N LEU A 58 -3.52 -0.63 4.15
CA LEU A 58 -3.71 -2.03 3.74
C LEU A 58 -5.15 -2.29 3.25
N ARG A 59 -6.11 -1.64 3.90
CA ARG A 59 -7.52 -1.74 3.49
C ARG A 59 -7.69 -1.40 2.00
N ASP A 60 -7.23 -0.21 1.61
CA ASP A 60 -7.38 0.28 0.24
C ASP A 60 -6.53 -0.57 -0.73
N LEU A 61 -5.37 -1.05 -0.27
CA LEU A 61 -4.50 -1.89 -1.08
C LEU A 61 -5.17 -3.23 -1.46
N ASN A 62 -5.70 -3.94 -0.46
CA ASN A 62 -6.38 -5.21 -0.71
C ASN A 62 -7.67 -5.00 -1.53
N ALA A 63 -8.30 -3.84 -1.36
CA ALA A 63 -9.48 -3.48 -2.14
C ALA A 63 -9.18 -3.47 -3.65
N LEU A 64 -7.93 -3.17 -4.02
CA LEU A 64 -7.49 -3.21 -5.42
C LEU A 64 -7.43 -4.65 -5.96
N ALA A 65 -7.16 -5.60 -5.07
CA ALA A 65 -7.08 -7.01 -5.44
C ALA A 65 -8.47 -7.67 -5.45
N LEU A 66 -9.32 -7.25 -4.51
CA LEU A 66 -10.68 -7.79 -4.41
C LEU A 66 -11.62 -7.19 -5.46
N GLU A 67 -11.58 -5.86 -5.62
CA GLU A 67 -12.44 -5.12 -6.56
C GLU A 67 -13.94 -5.20 -6.22
N HIS A 68 -14.31 -6.11 -5.31
CA HIS A 68 -15.71 -6.36 -4.98
C HIS A 68 -16.43 -5.09 -4.49
N HIS A 69 -17.72 -5.00 -4.81
CA HIS A 69 -18.56 -3.86 -4.43
C HIS A 69 -18.48 -3.59 -2.91
N HIS A 70 -18.05 -2.38 -2.55
CA HIS A 70 -17.95 -1.98 -1.13
C HIS A 70 -19.34 -1.83 -0.51
N HIS A 71 -19.43 -1.85 0.82
CA HIS A 71 -20.71 -1.79 1.54
C HIS A 71 -21.62 -2.99 1.15
N HIS A 72 -20.99 -4.09 0.75
CA HIS A 72 -21.72 -5.29 0.34
C HIS A 72 -21.10 -6.56 0.93
N HIS A 73 -21.93 -7.46 1.44
CA HIS A 73 -21.49 -8.75 2.00
C HIS A 73 -21.49 -9.85 0.93
N MET A 1 -8.10 -16.25 6.73
CA MET A 1 -8.04 -14.86 6.20
C MET A 1 -6.59 -14.42 5.95
N THR A 2 -6.15 -14.54 4.70
CA THR A 2 -4.79 -14.13 4.30
C THR A 2 -4.81 -12.88 3.41
N GLN A 3 -4.46 -11.72 3.98
CA GLN A 3 -4.38 -10.48 3.20
C GLN A 3 -3.18 -10.50 2.25
N LYS A 4 -3.45 -10.58 0.94
CA LYS A 4 -2.39 -10.61 -0.07
C LYS A 4 -1.50 -9.37 0.02
N PHE A 5 -2.13 -8.22 0.28
CA PHE A 5 -1.40 -6.98 0.57
C PHE A 5 -1.26 -6.80 2.09
N THR A 6 -0.07 -7.06 2.61
CA THR A 6 0.18 -6.99 4.07
C THR A 6 1.38 -6.12 4.41
N LYS A 7 1.51 -5.76 5.69
CA LYS A 7 2.60 -4.90 6.16
C LYS A 7 3.98 -5.55 5.93
N ASP A 8 4.00 -6.87 5.82
CA ASP A 8 5.24 -7.63 5.63
C ASP A 8 5.92 -7.32 4.29
N MET A 9 5.15 -7.26 3.21
CA MET A 9 5.70 -7.09 1.85
C MET A 9 6.25 -5.66 1.64
N THR A 10 7.26 -5.55 0.76
CA THR A 10 7.89 -4.25 0.46
C THR A 10 7.05 -3.41 -0.50
N PHE A 11 7.29 -2.09 -0.48
CA PHE A 11 6.59 -1.16 -1.39
C PHE A 11 6.73 -1.61 -2.87
N ALA A 12 7.96 -1.95 -3.27
CA ALA A 12 8.23 -2.37 -4.65
C ALA A 12 7.39 -3.58 -5.06
N GLN A 13 7.37 -4.60 -4.21
CA GLN A 13 6.59 -5.81 -4.46
C GLN A 13 5.09 -5.51 -4.57
N ALA A 14 4.59 -4.62 -3.70
CA ALA A 14 3.20 -4.18 -3.77
C ALA A 14 2.88 -3.54 -5.13
N LEU A 15 3.77 -2.66 -5.59
CA LEU A 15 3.63 -2.00 -6.90
C LEU A 15 3.59 -3.04 -8.03
N GLN A 16 4.44 -4.06 -7.94
CA GLN A 16 4.51 -5.11 -8.96
C GLN A 16 3.25 -6.01 -8.92
N THR A 17 2.62 -6.11 -7.75
CA THR A 17 1.39 -6.89 -7.60
C THR A 17 0.20 -6.17 -8.27
N HIS A 18 0.12 -4.86 -8.07
CA HIS A 18 -0.94 -4.02 -8.65
C HIS A 18 -0.45 -2.58 -8.92
N PRO A 19 -0.33 -2.17 -10.20
CA PRO A 19 0.04 -0.79 -10.57
C PRO A 19 -0.80 0.27 -9.85
N GLY A 20 -2.06 -0.07 -9.54
CA GLY A 20 -2.95 0.84 -8.81
C GLY A 20 -2.42 1.20 -7.42
N VAL A 21 -1.62 0.31 -6.83
CA VAL A 21 -1.00 0.54 -5.52
C VAL A 21 -0.18 1.85 -5.52
N ALA A 22 0.46 2.14 -6.64
CA ALA A 22 1.24 3.37 -6.79
C ALA A 22 0.39 4.62 -6.48
N GLY A 23 -0.79 4.69 -7.08
CA GLY A 23 -1.71 5.81 -6.83
C GLY A 23 -2.15 5.90 -5.37
N VAL A 24 -2.49 4.76 -4.78
CA VAL A 24 -2.89 4.71 -3.36
C VAL A 24 -1.78 5.24 -2.45
N LEU A 25 -0.57 4.70 -2.62
CA LEU A 25 0.60 5.12 -1.82
C LEU A 25 0.87 6.62 -1.98
N ARG A 26 0.93 7.09 -3.22
CA ARG A 26 1.19 8.52 -3.50
C ARG A 26 0.09 9.41 -2.89
N SER A 27 -1.16 8.93 -2.94
CA SER A 27 -2.28 9.63 -2.31
C SER A 27 -2.08 9.72 -0.79
N TYR A 28 -1.54 8.66 -0.19
CA TYR A 28 -1.29 8.61 1.25
C TYR A 28 0.10 9.16 1.62
N ASN A 29 0.60 10.12 0.83
CA ASN A 29 1.85 10.83 1.15
C ASN A 29 3.09 9.89 1.10
N LEU A 30 2.95 8.72 0.49
CA LEU A 30 4.05 7.76 0.37
C LEU A 30 4.71 7.82 -1.02
N GLY A 31 4.49 8.91 -1.76
CA GLY A 31 5.06 9.04 -3.10
C GLY A 31 6.59 9.09 -3.12
N CYS A 32 7.20 9.57 -2.04
CA CYS A 32 8.67 9.71 -1.95
C CYS A 32 9.39 8.35 -1.85
N ILE A 33 8.64 7.26 -1.63
CA ILE A 33 9.23 5.93 -1.47
C ILE A 33 10.22 5.57 -2.60
N GLY A 34 9.95 6.08 -3.80
CA GLY A 34 10.83 5.83 -4.94
C GLY A 34 12.17 6.55 -4.83
N CYS A 35 12.17 7.72 -4.20
CA CYS A 35 13.39 8.53 -4.05
C CYS A 35 14.19 8.14 -2.80
N MET A 36 13.50 8.04 -1.66
CA MET A 36 14.15 7.75 -0.36
C MET A 36 14.55 6.26 -0.22
N GLY A 37 14.54 5.51 -1.32
CA GLY A 37 14.99 4.12 -1.29
C GLY A 37 14.02 3.17 -0.59
N ALA A 38 12.84 3.67 -0.20
CA ALA A 38 11.86 2.86 0.52
C ALA A 38 11.26 1.75 -0.37
N GLN A 39 11.64 1.72 -1.65
CA GLN A 39 11.24 0.63 -2.55
C GLN A 39 11.62 -0.74 -1.96
N ASN A 40 12.77 -0.78 -1.28
CA ASN A 40 13.29 -2.04 -0.69
C ASN A 40 12.84 -2.19 0.78
N GLU A 41 11.87 -1.39 1.19
CA GLU A 41 11.41 -1.39 2.59
C GLU A 41 9.95 -1.88 2.71
N SER A 42 9.61 -2.48 3.84
CA SER A 42 8.26 -3.02 4.07
C SER A 42 7.22 -1.91 4.28
N LEU A 43 5.97 -2.20 3.93
CA LEU A 43 4.88 -1.20 3.97
C LEU A 43 4.75 -0.48 5.32
N GLU A 44 4.75 -1.23 6.43
CA GLU A 44 4.54 -0.64 7.75
C GLU A 44 5.71 0.25 8.18
N GLN A 45 6.94 -0.19 7.90
CA GLN A 45 8.13 0.61 8.22
C GLN A 45 8.04 2.01 7.57
N GLY A 46 7.73 2.05 6.27
CA GLY A 46 7.53 3.30 5.57
C GLY A 46 6.35 4.10 6.13
N ALA A 47 5.30 3.40 6.56
CA ALA A 47 4.14 4.04 7.19
C ALA A 47 4.56 4.79 8.46
N ASN A 48 5.30 4.13 9.34
CA ASN A 48 5.83 4.77 10.55
C ASN A 48 6.71 5.99 10.22
N ALA A 49 7.46 5.90 9.13
CA ALA A 49 8.29 7.02 8.66
C ALA A 49 7.44 8.25 8.31
N HIS A 50 6.21 8.00 7.85
CA HIS A 50 5.28 9.09 7.49
C HIS A 50 4.15 9.26 8.53
N GLY A 51 4.27 8.56 9.67
CA GLY A 51 3.30 8.68 10.75
C GLY A 51 1.88 8.22 10.36
N LEU A 52 1.80 7.13 9.61
CA LEU A 52 0.52 6.61 9.12
C LEU A 52 0.21 5.22 9.71
N ASN A 53 -1.06 4.83 9.61
CA ASN A 53 -1.49 3.48 10.02
C ASN A 53 -1.50 2.54 8.81
N VAL A 54 -0.61 1.55 8.83
CA VAL A 54 -0.48 0.61 7.71
C VAL A 54 -1.80 -0.11 7.40
N GLU A 55 -2.59 -0.38 8.43
CA GLU A 55 -3.86 -1.11 8.28
C GLU A 55 -4.89 -0.31 7.46
N ASP A 56 -4.86 1.02 7.58
CA ASP A 56 -5.74 1.88 6.79
C ASP A 56 -5.31 1.87 5.31
N ILE A 57 -4.01 1.79 5.09
CA ILE A 57 -3.45 1.68 3.74
C ILE A 57 -3.77 0.29 3.13
N LEU A 58 -3.48 -0.77 3.89
CA LEU A 58 -3.76 -2.15 3.46
C LEU A 58 -5.24 -2.32 3.08
N ARG A 59 -6.11 -1.59 3.78
CA ARG A 59 -7.54 -1.57 3.47
C ARG A 59 -7.77 -1.28 1.98
N ASP A 60 -7.16 -0.19 1.50
CA ASP A 60 -7.35 0.25 0.11
C ASP A 60 -6.59 -0.68 -0.86
N LEU A 61 -5.38 -1.09 -0.46
CA LEU A 61 -4.55 -1.98 -1.30
C LEU A 61 -5.28 -3.29 -1.64
N ASN A 62 -5.82 -3.97 -0.63
CA ASN A 62 -6.61 -5.19 -0.87
C ASN A 62 -7.94 -4.85 -1.53
N ALA A 63 -8.45 -3.64 -1.27
CA ALA A 63 -9.68 -3.16 -1.92
C ALA A 63 -9.49 -2.96 -3.43
N LEU A 64 -8.24 -2.91 -3.89
CA LEU A 64 -7.95 -2.89 -5.33
C LEU A 64 -8.28 -4.26 -5.96
N ALA A 65 -8.16 -5.33 -5.17
CA ALA A 65 -8.42 -6.68 -5.64
C ALA A 65 -9.89 -7.10 -5.40
N LEU A 66 -10.47 -6.62 -4.31
CA LEU A 66 -11.87 -6.92 -3.96
C LEU A 66 -12.84 -5.87 -4.52
N GLU A 67 -12.46 -4.61 -4.34
CA GLU A 67 -13.29 -3.45 -4.71
C GLU A 67 -14.65 -3.45 -3.97
N HIS A 68 -15.70 -3.98 -4.61
CA HIS A 68 -17.08 -3.90 -4.08
C HIS A 68 -17.63 -2.46 -4.01
N HIS A 69 -16.78 -1.50 -3.65
CA HIS A 69 -17.18 -0.10 -3.52
C HIS A 69 -17.70 0.49 -4.84
N HIS A 70 -19.00 0.42 -5.04
CA HIS A 70 -19.64 0.92 -6.26
C HIS A 70 -19.62 2.46 -6.33
N HIS A 71 -18.54 3.00 -6.89
CA HIS A 71 -18.38 4.44 -7.10
C HIS A 71 -17.57 4.72 -8.37
N HIS A 72 -17.39 6.00 -8.70
CA HIS A 72 -16.53 6.41 -9.82
C HIS A 72 -15.48 7.44 -9.36
N HIS A 73 -14.22 7.23 -9.77
CA HIS A 73 -13.12 8.12 -9.40
C HIS A 73 -13.38 9.60 -9.78
N MET A 1 -8.82 -14.57 7.88
CA MET A 1 -8.83 -14.22 6.45
C MET A 1 -7.41 -14.08 5.88
N THR A 2 -7.26 -14.28 4.56
CA THR A 2 -5.97 -14.11 3.89
C THR A 2 -6.02 -12.99 2.86
N GLN A 3 -5.33 -11.88 3.16
CA GLN A 3 -5.29 -10.72 2.26
C GLN A 3 -4.13 -10.83 1.25
N LYS A 4 -4.19 -10.01 0.21
CA LYS A 4 -3.12 -9.98 -0.81
C LYS A 4 -1.96 -9.09 -0.37
N PHE A 5 -2.28 -7.90 0.12
CA PHE A 5 -1.27 -6.94 0.59
C PHE A 5 -1.10 -7.00 2.11
N THR A 6 0.12 -7.26 2.57
CA THR A 6 0.43 -7.34 4.01
C THR A 6 1.34 -6.20 4.46
N LYS A 7 1.52 -6.08 5.77
CA LYS A 7 2.34 -5.01 6.36
C LYS A 7 3.83 -5.36 6.35
N ASP A 8 4.14 -6.63 6.07
CA ASP A 8 5.53 -7.12 6.07
C ASP A 8 6.18 -7.01 4.66
N MET A 9 5.36 -7.02 3.62
CA MET A 9 5.87 -6.95 2.24
C MET A 9 6.44 -5.56 1.92
N THR A 10 7.43 -5.51 1.03
CA THR A 10 8.08 -4.25 0.66
C THR A 10 7.23 -3.43 -0.31
N PHE A 11 7.51 -2.12 -0.37
CA PHE A 11 6.83 -1.23 -1.34
C PHE A 11 7.02 -1.75 -2.77
N ALA A 12 8.23 -2.23 -3.07
CA ALA A 12 8.54 -2.80 -4.39
C ALA A 12 7.55 -3.92 -4.78
N GLN A 13 7.32 -4.85 -3.85
CA GLN A 13 6.37 -5.94 -4.08
C GLN A 13 4.98 -5.42 -4.40
N ALA A 14 4.46 -4.55 -3.53
CA ALA A 14 3.10 -4.00 -3.69
C ALA A 14 2.93 -3.31 -5.06
N LEU A 15 3.88 -2.44 -5.41
CA LEU A 15 3.84 -1.72 -6.69
C LEU A 15 3.82 -2.66 -7.91
N GLN A 16 4.46 -3.83 -7.76
CA GLN A 16 4.51 -4.82 -8.84
C GLN A 16 3.30 -5.77 -8.81
N THR A 17 2.64 -5.86 -7.65
CA THR A 17 1.46 -6.73 -7.49
C THR A 17 0.25 -6.13 -8.24
N HIS A 18 -0.14 -4.92 -7.86
CA HIS A 18 -1.22 -4.20 -8.55
C HIS A 18 -0.79 -2.76 -8.90
N PRO A 19 -0.84 -2.37 -10.19
CA PRO A 19 -0.42 -1.03 -10.65
C PRO A 19 -1.12 0.12 -9.89
N GLY A 20 -2.34 -0.12 -9.43
CA GLY A 20 -3.10 0.89 -8.69
C GLY A 20 -2.46 1.30 -7.37
N VAL A 21 -1.64 0.41 -6.79
CA VAL A 21 -0.96 0.69 -5.52
C VAL A 21 -0.18 2.01 -5.57
N ALA A 22 0.40 2.32 -6.73
CA ALA A 22 1.13 3.58 -6.92
C ALA A 22 0.22 4.79 -6.64
N GLY A 23 -0.99 4.77 -7.20
CA GLY A 23 -1.95 5.85 -6.98
C GLY A 23 -2.35 5.96 -5.50
N VAL A 24 -2.64 4.81 -4.88
CA VAL A 24 -2.99 4.77 -3.45
C VAL A 24 -1.88 5.39 -2.58
N LEU A 25 -0.65 4.92 -2.76
CA LEU A 25 0.49 5.43 -1.99
C LEU A 25 0.67 6.95 -2.16
N ARG A 26 0.56 7.44 -3.41
CA ARG A 26 0.67 8.87 -3.67
C ARG A 26 -0.47 9.65 -2.98
N SER A 27 -1.63 9.02 -2.84
CA SER A 27 -2.80 9.64 -2.17
C SER A 27 -2.55 9.78 -0.66
N TYR A 28 -1.98 8.74 -0.04
CA TYR A 28 -1.68 8.74 1.40
C TYR A 28 -0.35 9.45 1.71
N ASN A 29 0.31 9.96 0.67
CA ASN A 29 1.61 10.64 0.80
C ASN A 29 2.73 9.64 1.16
N LEU A 30 2.96 8.68 0.27
CA LEU A 30 4.06 7.72 0.38
C LEU A 30 4.82 7.60 -0.95
N GLY A 31 4.48 8.44 -1.93
CA GLY A 31 5.10 8.37 -3.25
C GLY A 31 6.60 8.70 -3.23
N CYS A 32 7.05 9.33 -2.14
CA CYS A 32 8.46 9.68 -1.97
C CYS A 32 9.36 8.45 -1.82
N ILE A 33 8.76 7.26 -1.67
CA ILE A 33 9.50 6.01 -1.49
C ILE A 33 10.58 5.79 -2.57
N GLY A 34 10.24 6.03 -3.84
CA GLY A 34 11.22 5.91 -4.91
C GLY A 34 12.40 6.85 -4.74
N CYS A 35 12.11 8.12 -4.44
CA CYS A 35 13.13 9.15 -4.27
C CYS A 35 14.07 8.83 -3.09
N MET A 36 13.52 8.38 -1.98
CA MET A 36 14.32 8.05 -0.78
C MET A 36 14.85 6.60 -0.81
N GLY A 37 14.56 5.87 -1.89
CA GLY A 37 15.05 4.50 -2.03
C GLY A 37 14.42 3.52 -1.04
N ALA A 38 13.19 3.80 -0.62
CA ALA A 38 12.49 2.98 0.36
C ALA A 38 11.75 1.78 -0.27
N GLN A 39 12.07 1.46 -1.53
CA GLN A 39 11.46 0.31 -2.22
C GLN A 39 11.71 -0.99 -1.47
N ASN A 40 12.89 -1.11 -0.87
CA ASN A 40 13.30 -2.31 -0.14
C ASN A 40 12.69 -2.37 1.28
N GLU A 41 12.00 -1.30 1.66
CA GLU A 41 11.39 -1.19 2.99
C GLU A 41 9.94 -1.70 2.97
N SER A 42 9.47 -2.25 4.10
CA SER A 42 8.12 -2.83 4.18
C SER A 42 7.06 -1.75 4.34
N LEU A 43 5.83 -2.07 3.93
CA LEU A 43 4.71 -1.12 4.00
C LEU A 43 4.52 -0.53 5.40
N GLU A 44 4.60 -1.38 6.44
CA GLU A 44 4.42 -0.91 7.81
C GLU A 44 5.57 -0.02 8.29
N GLN A 45 6.81 -0.47 8.09
CA GLN A 45 7.98 0.30 8.51
C GLN A 45 8.04 1.64 7.77
N GLY A 46 7.69 1.62 6.49
CA GLY A 46 7.62 2.85 5.71
C GLY A 46 6.49 3.77 6.16
N ALA A 47 5.31 3.18 6.42
CA ALA A 47 4.16 3.94 6.90
C ALA A 47 4.52 4.74 8.18
N ASN A 48 4.96 4.03 9.21
CA ASN A 48 5.36 4.66 10.47
C ASN A 48 6.53 5.63 10.27
N ALA A 49 7.45 5.30 9.35
CA ALA A 49 8.56 6.18 9.01
C ALA A 49 8.07 7.55 8.52
N HIS A 50 6.86 7.59 7.94
CA HIS A 50 6.25 8.84 7.49
C HIS A 50 5.13 9.30 8.43
N GLY A 51 4.77 8.46 9.40
CA GLY A 51 3.73 8.81 10.37
C GLY A 51 2.33 8.36 9.96
N LEU A 52 2.23 7.18 9.34
CA LEU A 52 0.94 6.65 8.87
C LEU A 52 0.66 5.25 9.45
N ASN A 53 -0.62 4.91 9.62
CA ASN A 53 -1.00 3.57 10.06
C ASN A 53 -1.19 2.64 8.85
N VAL A 54 -0.38 1.57 8.80
CA VAL A 54 -0.41 0.62 7.68
C VAL A 54 -1.78 -0.08 7.53
N GLU A 55 -2.47 -0.31 8.65
CA GLU A 55 -3.79 -0.96 8.65
C GLU A 55 -4.77 -0.23 7.72
N ASP A 56 -4.82 1.09 7.86
CA ASP A 56 -5.71 1.93 7.06
C ASP A 56 -5.36 1.85 5.56
N ILE A 57 -4.05 1.85 5.27
CA ILE A 57 -3.57 1.78 3.90
C ILE A 57 -3.89 0.41 3.25
N LEU A 58 -3.60 -0.67 3.98
CA LEU A 58 -3.86 -2.03 3.50
C LEU A 58 -5.33 -2.21 3.09
N ARG A 59 -6.24 -1.54 3.80
CA ARG A 59 -7.67 -1.60 3.50
C ARG A 59 -7.95 -1.16 2.06
N ASP A 60 -7.40 -0.01 1.66
CA ASP A 60 -7.60 0.51 0.29
C ASP A 60 -6.81 -0.31 -0.74
N LEU A 61 -5.63 -0.80 -0.33
CA LEU A 61 -4.77 -1.62 -1.21
C LEU A 61 -5.45 -2.94 -1.60
N ASN A 62 -5.94 -3.69 -0.62
CA ASN A 62 -6.58 -4.99 -0.88
C ASN A 62 -7.91 -4.82 -1.63
N ALA A 63 -8.54 -3.66 -1.49
CA ALA A 63 -9.76 -3.34 -2.24
C ALA A 63 -9.51 -3.40 -3.76
N LEU A 64 -8.27 -3.09 -4.16
CA LEU A 64 -7.86 -3.18 -5.57
C LEU A 64 -7.82 -4.62 -6.07
N ALA A 65 -7.81 -5.58 -5.14
CA ALA A 65 -7.83 -7.00 -5.47
C ALA A 65 -9.23 -7.60 -5.35
N LEU A 66 -10.03 -7.05 -4.42
CA LEU A 66 -11.41 -7.51 -4.21
C LEU A 66 -12.30 -7.17 -5.42
N GLU A 67 -12.28 -5.90 -5.84
CA GLU A 67 -13.02 -5.44 -7.03
C GLU A 67 -14.53 -5.78 -7.00
N HIS A 68 -15.10 -5.97 -5.81
CA HIS A 68 -16.52 -6.34 -5.67
C HIS A 68 -17.47 -5.13 -5.84
N HIS A 69 -17.24 -4.34 -6.89
CA HIS A 69 -18.12 -3.22 -7.26
C HIS A 69 -18.17 -2.10 -6.20
N HIS A 70 -17.94 -0.88 -6.65
CA HIS A 70 -18.00 0.31 -5.78
C HIS A 70 -19.41 0.55 -5.23
N HIS A 71 -19.49 1.06 -4.00
CA HIS A 71 -20.78 1.34 -3.36
C HIS A 71 -20.98 2.85 -3.16
N HIS A 72 -22.17 3.26 -2.75
CA HIS A 72 -22.49 4.68 -2.56
C HIS A 72 -23.60 4.89 -1.53
N HIS A 73 -23.73 6.14 -1.06
CA HIS A 73 -24.85 6.52 -0.18
C HIS A 73 -26.19 6.53 -0.94
N MET A 1 -7.49 -16.70 7.31
CA MET A 1 -7.51 -15.76 6.15
C MET A 1 -6.13 -15.10 5.94
N THR A 2 -5.80 -14.79 4.69
CA THR A 2 -4.54 -14.13 4.34
C THR A 2 -4.76 -13.00 3.33
N GLN A 3 -3.85 -12.03 3.31
CA GLN A 3 -3.95 -10.87 2.40
C GLN A 3 -2.80 -10.86 1.39
N LYS A 4 -3.09 -10.47 0.15
CA LYS A 4 -2.03 -10.27 -0.85
C LYS A 4 -1.23 -8.99 -0.55
N PHE A 5 -1.89 -8.03 0.09
CA PHE A 5 -1.23 -6.80 0.54
C PHE A 5 -1.14 -6.78 2.08
N THR A 6 0.06 -6.99 2.59
CA THR A 6 0.31 -7.06 4.04
C THR A 6 1.35 -6.04 4.50
N LYS A 7 1.37 -5.75 5.79
CA LYS A 7 2.33 -4.80 6.38
C LYS A 7 3.78 -5.28 6.21
N ASP A 8 3.96 -6.60 6.08
CA ASP A 8 5.29 -7.22 6.06
C ASP A 8 5.96 -7.14 4.66
N MET A 9 5.15 -7.02 3.60
CA MET A 9 5.70 -7.01 2.23
C MET A 9 6.29 -5.63 1.88
N THR A 10 7.28 -5.63 0.98
CA THR A 10 7.96 -4.38 0.56
C THR A 10 7.09 -3.53 -0.37
N PHE A 11 7.36 -2.22 -0.40
CA PHE A 11 6.68 -1.30 -1.33
C PHE A 11 6.83 -1.77 -2.78
N ALA A 12 8.03 -2.23 -3.13
CA ALA A 12 8.32 -2.72 -4.48
C ALA A 12 7.37 -3.87 -4.87
N GLN A 13 7.18 -4.84 -3.98
CA GLN A 13 6.27 -5.95 -4.23
C GLN A 13 4.82 -5.47 -4.44
N ALA A 14 4.40 -4.51 -3.61
CA ALA A 14 3.05 -3.93 -3.74
C ALA A 14 2.84 -3.31 -5.13
N LEU A 15 3.79 -2.49 -5.58
CA LEU A 15 3.72 -1.84 -6.89
C LEU A 15 3.69 -2.86 -8.04
N GLN A 16 4.40 -3.98 -7.86
CA GLN A 16 4.40 -5.08 -8.85
C GLN A 16 3.06 -5.85 -8.83
N THR A 17 2.48 -5.98 -7.64
CA THR A 17 1.23 -6.73 -7.48
C THR A 17 0.04 -6.00 -8.15
N HIS A 18 -0.03 -4.68 -7.98
CA HIS A 18 -1.08 -3.87 -8.61
C HIS A 18 -0.63 -2.41 -8.82
N PRO A 19 -0.66 -1.91 -10.07
CA PRO A 19 -0.29 -0.51 -10.38
C PRO A 19 -1.12 0.52 -9.59
N GLY A 20 -2.38 0.18 -9.32
CA GLY A 20 -3.26 1.05 -8.53
C GLY A 20 -2.70 1.39 -7.16
N VAL A 21 -1.78 0.57 -6.67
CA VAL A 21 -1.11 0.82 -5.38
C VAL A 21 -0.34 2.14 -5.40
N ALA A 22 0.23 2.48 -6.57
CA ALA A 22 0.98 3.73 -6.74
C ALA A 22 0.10 4.95 -6.38
N GLY A 23 -1.13 4.96 -6.89
CA GLY A 23 -2.06 6.04 -6.58
C GLY A 23 -2.39 6.12 -5.09
N VAL A 24 -2.60 4.97 -4.47
CA VAL A 24 -2.88 4.89 -3.03
C VAL A 24 -1.71 5.45 -2.21
N LEU A 25 -0.50 4.93 -2.48
CA LEU A 25 0.71 5.39 -1.78
C LEU A 25 0.93 6.90 -1.95
N ARG A 26 0.87 7.39 -3.19
CA ARG A 26 1.05 8.82 -3.47
C ARG A 26 0.02 9.67 -2.70
N SER A 27 -1.24 9.25 -2.71
CA SER A 27 -2.31 9.95 -1.99
C SER A 27 -2.00 10.01 -0.48
N TYR A 28 -1.36 8.96 0.04
CA TYR A 28 -1.00 8.88 1.46
C TYR A 28 0.41 9.45 1.75
N ASN A 29 0.99 10.16 0.77
CA ASN A 29 2.31 10.81 0.94
C ASN A 29 3.45 9.76 1.01
N LEU A 30 3.18 8.57 0.47
CA LEU A 30 4.20 7.50 0.40
C LEU A 30 4.82 7.40 -1.01
N GLY A 31 4.36 8.22 -1.95
CA GLY A 31 4.87 8.17 -3.31
C GLY A 31 6.38 8.45 -3.40
N CYS A 32 6.89 9.16 -2.40
CA CYS A 32 8.33 9.49 -2.33
C CYS A 32 9.21 8.26 -2.01
N ILE A 33 8.60 7.10 -1.79
CA ILE A 33 9.35 5.86 -1.50
C ILE A 33 10.49 5.62 -2.50
N GLY A 34 10.24 5.93 -3.77
CA GLY A 34 11.27 5.82 -4.78
C GLY A 34 12.43 6.80 -4.55
N CYS A 35 12.09 8.06 -4.29
CA CYS A 35 13.09 9.11 -4.11
C CYS A 35 13.92 8.90 -2.84
N MET A 36 13.31 8.37 -1.77
CA MET A 36 14.03 8.08 -0.52
C MET A 36 14.63 6.66 -0.53
N GLY A 37 14.33 5.89 -1.57
CA GLY A 37 14.90 4.55 -1.73
C GLY A 37 14.28 3.49 -0.82
N ALA A 38 13.05 3.71 -0.37
CA ALA A 38 12.35 2.78 0.53
C ALA A 38 11.71 1.60 -0.22
N GLN A 39 12.25 1.28 -1.40
CA GLN A 39 11.69 0.21 -2.25
C GLN A 39 11.76 -1.17 -1.57
N ASN A 40 12.89 -1.47 -0.93
CA ASN A 40 13.11 -2.79 -0.32
C ASN A 40 12.65 -2.82 1.15
N GLU A 41 11.89 -1.81 1.57
CA GLU A 41 11.39 -1.74 2.94
C GLU A 41 9.90 -2.12 3.02
N SER A 42 9.50 -2.75 4.12
CA SER A 42 8.11 -3.20 4.30
C SER A 42 7.14 -2.03 4.48
N LEU A 43 5.89 -2.25 4.07
CA LEU A 43 4.86 -1.21 4.09
C LEU A 43 4.71 -0.52 5.46
N GLU A 44 4.69 -1.31 6.53
CA GLU A 44 4.49 -0.75 7.88
C GLU A 44 5.62 0.19 8.29
N GLN A 45 6.86 -0.22 8.03
CA GLN A 45 8.04 0.60 8.38
C GLN A 45 7.99 1.97 7.65
N GLY A 46 7.81 1.93 6.33
CA GLY A 46 7.70 3.16 5.55
C GLY A 46 6.51 4.01 5.94
N ALA A 47 5.39 3.35 6.27
CA ALA A 47 4.18 4.04 6.73
C ALA A 47 4.46 4.85 8.01
N ASN A 48 4.99 4.18 9.02
CA ASN A 48 5.35 4.86 10.27
C ASN A 48 6.45 5.92 10.05
N ALA A 49 7.36 5.64 9.12
CA ALA A 49 8.40 6.61 8.75
C ALA A 49 7.78 7.92 8.20
N HIS A 50 6.59 7.81 7.61
CA HIS A 50 5.84 8.98 7.13
C HIS A 50 4.67 9.34 8.07
N GLY A 51 4.49 8.54 9.13
CA GLY A 51 3.44 8.81 10.11
C GLY A 51 2.04 8.42 9.63
N LEU A 52 1.86 7.16 9.26
CA LEU A 52 0.57 6.67 8.76
C LEU A 52 0.15 5.36 9.44
N ASN A 53 -1.12 4.98 9.29
CA ASN A 53 -1.60 3.68 9.75
C ASN A 53 -1.55 2.67 8.60
N VAL A 54 -0.67 1.68 8.71
CA VAL A 54 -0.50 0.67 7.67
C VAL A 54 -1.82 -0.09 7.39
N GLU A 55 -2.61 -0.33 8.44
CA GLU A 55 -3.87 -1.05 8.31
C GLU A 55 -4.85 -0.32 7.38
N ASP A 56 -4.97 0.99 7.56
CA ASP A 56 -5.86 1.81 6.74
C ASP A 56 -5.43 1.77 5.25
N ILE A 57 -4.11 1.73 5.03
CA ILE A 57 -3.55 1.62 3.69
C ILE A 57 -3.87 0.23 3.09
N LEU A 58 -3.58 -0.83 3.85
CA LEU A 58 -3.87 -2.20 3.41
C LEU A 58 -5.35 -2.38 3.07
N ARG A 59 -6.22 -1.65 3.78
CA ARG A 59 -7.65 -1.63 3.48
C ARG A 59 -7.91 -1.31 1.99
N ASP A 60 -7.34 -0.20 1.53
CA ASP A 60 -7.53 0.24 0.13
C ASP A 60 -6.80 -0.69 -0.85
N LEU A 61 -5.56 -1.05 -0.49
CA LEU A 61 -4.73 -1.93 -1.35
C LEU A 61 -5.43 -3.27 -1.65
N ASN A 62 -5.91 -3.95 -0.61
CA ASN A 62 -6.62 -5.22 -0.81
C ASN A 62 -7.99 -4.99 -1.48
N ALA A 63 -8.55 -3.80 -1.29
CA ALA A 63 -9.80 -3.42 -1.95
C ALA A 63 -9.61 -3.32 -3.47
N LEU A 64 -8.39 -3.00 -3.90
CA LEU A 64 -8.03 -2.99 -5.33
C LEU A 64 -8.14 -4.40 -5.94
N ALA A 65 -7.93 -5.41 -5.11
CA ALA A 65 -8.03 -6.81 -5.55
C ALA A 65 -9.46 -7.35 -5.43
N LEU A 66 -10.08 -7.12 -4.28
CA LEU A 66 -11.46 -7.58 -4.02
C LEU A 66 -12.50 -6.79 -4.84
N GLU A 67 -12.22 -5.51 -5.06
CA GLU A 67 -13.08 -4.61 -5.87
C GLU A 67 -14.55 -4.60 -5.43
N HIS A 68 -14.81 -4.69 -4.12
CA HIS A 68 -16.18 -4.56 -3.61
C HIS A 68 -16.58 -3.07 -3.51
N HIS A 69 -17.11 -2.53 -4.59
CA HIS A 69 -17.52 -1.11 -4.64
C HIS A 69 -19.02 -0.98 -4.95
N HIS A 70 -19.80 -0.51 -3.98
CA HIS A 70 -21.25 -0.34 -4.14
C HIS A 70 -21.77 0.97 -3.54
N HIS A 71 -20.94 2.00 -3.58
CA HIS A 71 -21.36 3.36 -3.20
C HIS A 71 -20.77 4.39 -4.17
N HIS A 72 -21.63 5.25 -4.71
CA HIS A 72 -21.20 6.30 -5.64
C HIS A 72 -20.45 7.42 -4.90
N HIS A 73 -19.12 7.36 -4.94
CA HIS A 73 -18.27 8.36 -4.27
C HIS A 73 -18.35 9.74 -4.95
N MET A 1 -5.35 -18.29 5.07
CA MET A 1 -5.74 -17.15 4.20
C MET A 1 -4.61 -16.12 4.08
N THR A 2 -4.28 -15.70 2.87
CA THR A 2 -3.19 -14.75 2.62
C THR A 2 -3.67 -13.51 1.85
N GLN A 3 -3.50 -12.33 2.46
CA GLN A 3 -3.90 -11.07 1.84
C GLN A 3 -2.95 -10.69 0.69
N LYS A 4 -3.49 -10.17 -0.40
CA LYS A 4 -2.68 -9.73 -1.53
C LYS A 4 -1.70 -8.61 -1.13
N PHE A 5 -2.10 -7.79 -0.16
CA PHE A 5 -1.25 -6.70 0.35
C PHE A 5 -1.19 -6.69 1.88
N THR A 6 0.03 -6.76 2.42
CA THR A 6 0.24 -6.73 3.87
C THR A 6 1.46 -5.88 4.25
N LYS A 7 1.56 -5.54 5.53
CA LYS A 7 2.67 -4.72 6.04
C LYS A 7 4.02 -5.45 5.89
N ASP A 8 3.98 -6.77 5.85
CA ASP A 8 5.19 -7.60 5.75
C ASP A 8 5.92 -7.39 4.40
N MET A 9 5.15 -7.35 3.31
CA MET A 9 5.73 -7.22 1.96
C MET A 9 6.24 -5.80 1.69
N THR A 10 7.22 -5.68 0.80
CA THR A 10 7.83 -4.39 0.49
C THR A 10 7.02 -3.58 -0.52
N PHE A 11 7.29 -2.27 -0.59
CA PHE A 11 6.63 -1.39 -1.57
C PHE A 11 6.81 -1.91 -3.01
N ALA A 12 8.03 -2.36 -3.34
CA ALA A 12 8.33 -2.92 -4.66
C ALA A 12 7.41 -4.10 -4.99
N GLN A 13 7.29 -5.04 -4.04
CA GLN A 13 6.42 -6.20 -4.20
C GLN A 13 4.97 -5.77 -4.48
N ALA A 14 4.47 -4.83 -3.68
CA ALA A 14 3.11 -4.31 -3.85
C ALA A 14 2.91 -3.73 -5.27
N LEU A 15 3.84 -2.87 -5.68
CA LEU A 15 3.78 -2.23 -7.02
C LEU A 15 3.85 -3.28 -8.15
N GLN A 16 4.63 -4.34 -7.94
CA GLN A 16 4.73 -5.43 -8.91
C GLN A 16 3.49 -6.35 -8.89
N THR A 17 2.79 -6.39 -7.75
CA THR A 17 1.57 -7.19 -7.63
C THR A 17 0.42 -6.55 -8.39
N HIS A 18 0.15 -5.26 -8.12
CA HIS A 18 -0.89 -4.50 -8.85
C HIS A 18 -0.47 -3.02 -9.00
N PRO A 19 -0.63 -2.46 -10.21
CA PRO A 19 -0.24 -1.07 -10.51
C PRO A 19 -0.97 -0.01 -9.66
N GLY A 20 -2.24 -0.29 -9.34
CA GLY A 20 -3.06 0.65 -8.57
C GLY A 20 -2.46 1.07 -7.23
N VAL A 21 -1.56 0.23 -6.70
CA VAL A 21 -0.89 0.52 -5.42
C VAL A 21 -0.19 1.89 -5.45
N ALA A 22 0.39 2.25 -6.59
CA ALA A 22 1.08 3.53 -6.74
C ALA A 22 0.15 4.71 -6.42
N GLY A 23 -1.09 4.62 -6.87
CA GLY A 23 -2.08 5.67 -6.59
C GLY A 23 -2.40 5.77 -5.10
N VAL A 24 -2.60 4.62 -4.45
CA VAL A 24 -2.88 4.58 -3.01
C VAL A 24 -1.70 5.18 -2.20
N LEU A 25 -0.49 4.75 -2.54
CA LEU A 25 0.72 5.27 -1.87
C LEU A 25 0.81 6.79 -1.99
N ARG A 26 0.72 7.30 -3.23
CA ARG A 26 0.73 8.75 -3.46
C ARG A 26 -0.40 9.45 -2.69
N SER A 27 -1.57 8.82 -2.64
CA SER A 27 -2.72 9.34 -1.91
C SER A 27 -2.42 9.48 -0.40
N TYR A 28 -1.55 8.60 0.12
CA TYR A 28 -1.19 8.63 1.55
C TYR A 28 0.24 9.15 1.79
N ASN A 29 0.68 10.14 1.00
CA ASN A 29 1.97 10.83 1.24
C ASN A 29 3.18 9.88 1.03
N LEU A 30 2.93 8.69 0.49
CA LEU A 30 4.00 7.72 0.22
C LEU A 30 4.51 7.83 -1.23
N GLY A 31 4.32 8.99 -1.85
CA GLY A 31 4.79 9.21 -3.21
C GLY A 31 6.29 9.48 -3.30
N CYS A 32 6.93 9.59 -2.13
CA CYS A 32 8.39 9.84 -2.07
C CYS A 32 9.16 8.55 -1.76
N ILE A 33 8.50 7.39 -1.92
CA ILE A 33 9.14 6.09 -1.67
C ILE A 33 10.41 5.89 -2.50
N GLY A 34 10.40 6.40 -3.74
CA GLY A 34 11.57 6.29 -4.61
C GLY A 34 12.77 7.10 -4.09
N CYS A 35 12.50 8.24 -3.48
CA CYS A 35 13.56 9.11 -2.95
C CYS A 35 14.14 8.58 -1.62
N MET A 36 13.29 7.93 -0.81
CA MET A 36 13.74 7.37 0.47
C MET A 36 14.21 5.91 0.34
N GLY A 37 14.27 5.41 -0.88
CA GLY A 37 14.72 4.02 -1.11
C GLY A 37 13.79 2.98 -0.51
N ALA A 38 12.51 3.32 -0.37
CA ALA A 38 11.53 2.44 0.29
C ALA A 38 11.09 1.27 -0.60
N GLN A 39 11.64 1.16 -1.80
CA GLN A 39 11.31 0.06 -2.71
C GLN A 39 11.56 -1.31 -2.05
N ASN A 40 12.72 -1.45 -1.40
CA ASN A 40 13.10 -2.70 -0.72
C ASN A 40 12.66 -2.69 0.75
N GLU A 41 11.73 -1.80 1.08
CA GLU A 41 11.28 -1.60 2.47
C GLU A 41 9.82 -2.02 2.64
N SER A 42 9.49 -2.59 3.81
CA SER A 42 8.13 -3.07 4.08
C SER A 42 7.14 -1.90 4.25
N LEU A 43 5.88 -2.15 3.88
CA LEU A 43 4.83 -1.11 3.90
C LEU A 43 4.72 -0.40 5.26
N GLU A 44 4.77 -1.15 6.35
CA GLU A 44 4.64 -0.57 7.70
C GLU A 44 5.81 0.38 8.01
N GLN A 45 7.03 -0.08 7.78
CA GLN A 45 8.23 0.73 8.06
C GLN A 45 8.21 2.07 7.31
N GLY A 46 7.74 2.04 6.06
CA GLY A 46 7.56 3.28 5.30
C GLY A 46 6.40 4.13 5.81
N ALA A 47 5.30 3.47 6.16
CA ALA A 47 4.13 4.14 6.70
C ALA A 47 4.47 4.99 7.95
N ASN A 48 5.07 4.34 8.94
CA ASN A 48 5.45 5.04 10.18
C ASN A 48 6.48 6.15 9.91
N ALA A 49 7.34 5.95 8.91
CA ALA A 49 8.31 6.99 8.51
C ALA A 49 7.59 8.25 8.01
N HIS A 50 6.38 8.08 7.50
CA HIS A 50 5.55 9.21 7.06
C HIS A 50 4.40 9.50 8.05
N GLY A 51 4.52 8.94 9.26
CA GLY A 51 3.51 9.15 10.31
C GLY A 51 2.10 8.67 9.93
N LEU A 52 2.03 7.52 9.26
CA LEU A 52 0.75 7.00 8.76
C LEU A 52 0.26 5.79 9.58
N ASN A 53 -0.99 5.41 9.34
CA ASN A 53 -1.58 4.22 9.95
C ASN A 53 -1.62 3.06 8.93
N VAL A 54 -0.69 2.12 9.08
CA VAL A 54 -0.55 1.00 8.13
C VAL A 54 -1.85 0.18 7.98
N GLU A 55 -2.62 0.06 9.07
CA GLU A 55 -3.85 -0.72 9.06
C GLU A 55 -4.86 -0.19 8.04
N ASP A 56 -4.93 1.14 7.90
CA ASP A 56 -5.83 1.76 6.94
C ASP A 56 -5.29 1.60 5.51
N ILE A 57 -3.97 1.77 5.36
CA ILE A 57 -3.31 1.60 4.07
C ILE A 57 -3.60 0.20 3.48
N LEU A 58 -3.41 -0.84 4.31
CA LEU A 58 -3.70 -2.22 3.90
C LEU A 58 -5.17 -2.38 3.47
N ARG A 59 -6.06 -1.70 4.18
CA ARG A 59 -7.50 -1.69 3.85
C ARG A 59 -7.73 -1.23 2.41
N ASP A 60 -7.15 -0.08 2.06
CA ASP A 60 -7.34 0.52 0.73
C ASP A 60 -6.59 -0.29 -0.36
N LEU A 61 -5.45 -0.88 0.02
CA LEU A 61 -4.64 -1.67 -0.93
C LEU A 61 -5.35 -2.96 -1.36
N ASN A 62 -5.82 -3.76 -0.42
CA ASN A 62 -6.52 -5.01 -0.75
C ASN A 62 -7.85 -4.73 -1.48
N ALA A 63 -8.41 -3.54 -1.25
CA ALA A 63 -9.61 -3.10 -1.95
C ALA A 63 -9.38 -3.04 -3.48
N LEU A 64 -8.13 -2.86 -3.88
CA LEU A 64 -7.76 -2.86 -5.31
C LEU A 64 -8.02 -4.23 -5.96
N ALA A 65 -7.88 -5.30 -5.17
CA ALA A 65 -8.11 -6.66 -5.66
C ALA A 65 -9.59 -7.05 -5.56
N LEU A 66 -10.20 -6.79 -4.41
CA LEU A 66 -11.60 -7.15 -4.16
C LEU A 66 -12.58 -6.26 -4.95
N GLU A 67 -12.27 -4.97 -5.02
CA GLU A 67 -13.15 -3.96 -5.64
C GLU A 67 -14.52 -3.90 -4.96
N HIS A 68 -15.41 -4.84 -5.32
CA HIS A 68 -16.80 -4.93 -4.80
C HIS A 68 -17.50 -3.56 -4.64
N HIS A 69 -18.53 -3.33 -5.48
CA HIS A 69 -19.31 -2.07 -5.52
C HIS A 69 -19.32 -1.31 -4.17
N HIS A 70 -18.77 -0.09 -4.19
CA HIS A 70 -18.52 0.68 -2.97
C HIS A 70 -19.80 1.42 -2.49
N HIS A 71 -20.96 0.78 -2.62
CA HIS A 71 -22.23 1.38 -2.19
C HIS A 71 -22.52 1.05 -0.71
N HIS A 72 -22.15 1.97 0.18
CA HIS A 72 -22.39 1.79 1.62
C HIS A 72 -23.42 2.82 2.13
N HIS A 73 -24.64 2.35 2.44
CA HIS A 73 -25.70 3.23 2.96
C HIS A 73 -25.51 3.52 4.47
N MET A 1 -8.92 -15.16 8.44
CA MET A 1 -8.79 -14.17 7.35
C MET A 1 -7.33 -13.79 7.11
N THR A 2 -7.03 -13.32 5.90
CA THR A 2 -5.67 -12.85 5.56
C THR A 2 -5.72 -11.68 4.56
N GLN A 3 -4.56 -11.14 4.23
CA GLN A 3 -4.46 -10.01 3.29
C GLN A 3 -3.31 -10.24 2.29
N LYS A 4 -3.61 -10.13 1.00
CA LYS A 4 -2.56 -10.27 -0.03
C LYS A 4 -1.57 -9.11 0.07
N PHE A 5 -2.10 -7.93 0.35
CA PHE A 5 -1.27 -6.77 0.69
C PHE A 5 -1.12 -6.67 2.22
N THR A 6 0.04 -7.09 2.72
CA THR A 6 0.29 -7.15 4.17
C THR A 6 1.36 -6.14 4.61
N LYS A 7 1.56 -6.04 5.93
CA LYS A 7 2.55 -5.13 6.49
C LYS A 7 3.99 -5.63 6.23
N ASP A 8 4.11 -6.95 6.09
CA ASP A 8 5.41 -7.60 5.92
C ASP A 8 6.01 -7.40 4.51
N MET A 9 5.15 -7.33 3.50
CA MET A 9 5.61 -7.19 2.11
C MET A 9 6.18 -5.80 1.83
N THR A 10 7.10 -5.71 0.88
CA THR A 10 7.78 -4.46 0.55
C THR A 10 7.00 -3.61 -0.46
N PHE A 11 7.34 -2.33 -0.54
CA PHE A 11 6.71 -1.41 -1.50
C PHE A 11 6.89 -1.92 -2.95
N ALA A 12 8.09 -2.44 -3.25
CA ALA A 12 8.37 -3.01 -4.57
C ALA A 12 7.36 -4.14 -4.91
N GLN A 13 7.15 -5.05 -3.96
CA GLN A 13 6.16 -6.12 -4.13
C GLN A 13 4.75 -5.56 -4.40
N ALA A 14 4.35 -4.57 -3.59
CA ALA A 14 3.03 -3.94 -3.74
C ALA A 14 2.85 -3.31 -5.13
N LEU A 15 3.80 -2.48 -5.53
CA LEU A 15 3.76 -1.80 -6.84
C LEU A 15 3.66 -2.79 -8.00
N GLN A 16 4.39 -3.91 -7.92
CA GLN A 16 4.37 -4.92 -8.98
C GLN A 16 3.11 -5.79 -8.96
N THR A 17 2.57 -6.04 -7.77
CA THR A 17 1.34 -6.84 -7.64
C THR A 17 0.18 -6.21 -8.42
N HIS A 18 -0.06 -4.92 -8.19
CA HIS A 18 -1.13 -4.18 -8.90
C HIS A 18 -0.68 -2.75 -9.23
N PRO A 19 -0.95 -2.29 -10.47
CA PRO A 19 -0.55 -0.95 -10.94
C PRO A 19 -1.12 0.20 -10.09
N GLY A 20 -2.42 0.11 -9.77
CA GLY A 20 -3.10 1.17 -9.03
C GLY A 20 -2.51 1.47 -7.66
N VAL A 21 -1.66 0.57 -7.15
CA VAL A 21 -1.02 0.75 -5.85
C VAL A 21 -0.23 2.07 -5.77
N ALA A 22 0.39 2.47 -6.89
CA ALA A 22 1.14 3.72 -6.94
C ALA A 22 0.26 4.92 -6.58
N GLY A 23 -0.91 5.01 -7.22
CA GLY A 23 -1.84 6.09 -6.92
C GLY A 23 -2.31 6.11 -5.47
N VAL A 24 -2.49 4.93 -4.89
CA VAL A 24 -2.89 4.80 -3.48
C VAL A 24 -1.79 5.35 -2.55
N LEU A 25 -0.58 4.83 -2.70
CA LEU A 25 0.55 5.25 -1.86
C LEU A 25 0.75 6.79 -1.89
N ARG A 26 0.74 7.35 -3.09
CA ARG A 26 0.87 8.81 -3.25
C ARG A 26 -0.27 9.56 -2.55
N SER A 27 -1.47 9.01 -2.62
CA SER A 27 -2.66 9.60 -1.96
C SER A 27 -2.47 9.70 -0.44
N TYR A 28 -1.76 8.72 0.14
CA TYR A 28 -1.55 8.69 1.59
C TYR A 28 -0.19 9.28 2.01
N ASN A 29 0.55 9.86 1.04
CA ASN A 29 1.89 10.42 1.29
C ASN A 29 2.95 9.31 1.45
N LEU A 30 3.02 8.44 0.45
CA LEU A 30 4.07 7.42 0.36
C LEU A 30 4.73 7.44 -1.03
N GLY A 31 4.47 8.48 -1.80
CA GLY A 31 5.04 8.59 -3.15
C GLY A 31 6.54 8.87 -3.13
N CYS A 32 7.04 9.31 -1.98
CA CYS A 32 8.48 9.59 -1.81
C CYS A 32 9.33 8.32 -1.75
N ILE A 33 8.68 7.14 -1.74
CA ILE A 33 9.40 5.86 -1.64
C ILE A 33 10.48 5.70 -2.72
N GLY A 34 10.32 6.36 -3.85
CA GLY A 34 11.34 6.34 -4.89
C GLY A 34 12.54 7.23 -4.53
N CYS A 35 12.25 8.46 -4.11
CA CYS A 35 13.30 9.44 -3.78
C CYS A 35 14.10 9.02 -2.54
N MET A 36 13.40 8.56 -1.50
CA MET A 36 14.05 8.16 -0.24
C MET A 36 14.59 6.71 -0.29
N GLY A 37 14.30 6.01 -1.40
CA GLY A 37 14.79 4.64 -1.56
C GLY A 37 14.17 3.64 -0.58
N ALA A 38 12.85 3.63 -0.49
CA ALA A 38 12.13 2.71 0.40
C ALA A 38 11.51 1.53 -0.37
N GLN A 39 12.06 1.24 -1.55
CA GLN A 39 11.52 0.16 -2.41
C GLN A 39 11.64 -1.22 -1.75
N ASN A 40 12.81 -1.52 -1.20
CA ASN A 40 13.07 -2.81 -0.55
C ASN A 40 12.58 -2.83 0.90
N GLU A 41 11.89 -1.78 1.31
CA GLU A 41 11.38 -1.66 2.69
C GLU A 41 9.91 -2.11 2.77
N SER A 42 9.53 -2.69 3.91
CA SER A 42 8.16 -3.18 4.11
C SER A 42 7.15 -2.03 4.25
N LEU A 43 5.91 -2.28 3.82
CA LEU A 43 4.84 -1.26 3.86
C LEU A 43 4.68 -0.64 5.25
N GLU A 44 4.71 -1.47 6.28
CA GLU A 44 4.59 -0.99 7.66
C GLU A 44 5.71 -0.01 8.03
N GLN A 45 6.94 -0.38 7.69
CA GLN A 45 8.11 0.45 8.01
C GLN A 45 8.05 1.82 7.32
N GLY A 46 7.61 1.83 6.05
CA GLY A 46 7.43 3.07 5.33
C GLY A 46 6.26 3.91 5.85
N ALA A 47 5.17 3.23 6.22
CA ALA A 47 3.99 3.89 6.80
C ALA A 47 4.38 4.69 8.06
N ASN A 48 4.99 4.01 9.03
CA ASN A 48 5.44 4.65 10.28
C ASN A 48 6.47 5.76 10.01
N ALA A 49 7.24 5.61 8.93
CA ALA A 49 8.22 6.63 8.53
C ALA A 49 7.55 7.96 8.13
N HIS A 50 6.36 7.87 7.56
CA HIS A 50 5.60 9.07 7.16
C HIS A 50 4.42 9.35 8.13
N GLY A 51 4.42 8.65 9.27
CA GLY A 51 3.37 8.85 10.28
C GLY A 51 1.99 8.41 9.80
N LEU A 52 1.90 7.19 9.28
CA LEU A 52 0.65 6.65 8.75
C LEU A 52 0.27 5.32 9.41
N ASN A 53 -1.03 5.10 9.62
CA ASN A 53 -1.52 3.82 10.12
C ASN A 53 -1.49 2.76 9.01
N VAL A 54 -0.64 1.73 9.19
CA VAL A 54 -0.49 0.65 8.20
C VAL A 54 -1.83 -0.03 7.88
N GLU A 55 -2.70 -0.16 8.88
CA GLU A 55 -4.01 -0.81 8.71
C GLU A 55 -4.86 -0.10 7.63
N ASP A 56 -4.98 1.22 7.74
CA ASP A 56 -5.82 2.00 6.84
C ASP A 56 -5.30 1.94 5.39
N ILE A 57 -3.98 1.94 5.24
CA ILE A 57 -3.34 1.83 3.93
C ILE A 57 -3.62 0.45 3.29
N LEU A 58 -3.32 -0.62 4.04
CA LEU A 58 -3.54 -1.99 3.56
C LEU A 58 -5.00 -2.21 3.13
N ARG A 59 -5.93 -1.57 3.82
CA ARG A 59 -7.35 -1.63 3.49
C ARG A 59 -7.61 -1.28 2.01
N ASP A 60 -7.14 -0.10 1.60
CA ASP A 60 -7.37 0.37 0.23
C ASP A 60 -6.55 -0.46 -0.79
N LEU A 61 -5.36 -0.90 -0.37
CA LEU A 61 -4.51 -1.75 -1.22
C LEU A 61 -5.19 -3.09 -1.56
N ASN A 62 -5.69 -3.80 -0.55
CA ASN A 62 -6.40 -5.07 -0.77
C ASN A 62 -7.73 -4.84 -1.52
N ALA A 63 -8.31 -3.65 -1.34
CA ALA A 63 -9.53 -3.26 -2.06
C ALA A 63 -9.28 -3.21 -3.58
N LEU A 64 -8.02 -2.99 -3.98
CA LEU A 64 -7.64 -3.07 -5.40
C LEU A 64 -7.73 -4.50 -5.93
N ALA A 65 -7.49 -5.47 -5.05
CA ALA A 65 -7.58 -6.89 -5.42
C ALA A 65 -9.03 -7.39 -5.39
N LEU A 66 -9.83 -6.84 -4.48
CA LEU A 66 -11.25 -7.19 -4.39
C LEU A 66 -12.09 -6.46 -5.45
N GLU A 67 -11.65 -5.26 -5.84
CA GLU A 67 -12.32 -4.44 -6.87
C GLU A 67 -13.75 -4.02 -6.47
N HIS A 68 -14.11 -4.21 -5.19
CA HIS A 68 -15.44 -3.85 -4.71
C HIS A 68 -15.45 -2.49 -4.00
N HIS A 69 -16.17 -1.54 -4.58
CA HIS A 69 -16.41 -0.23 -3.94
C HIS A 69 -17.85 0.25 -4.20
N HIS A 70 -18.34 0.04 -5.43
CA HIS A 70 -19.71 0.42 -5.81
C HIS A 70 -20.59 -0.81 -6.08
N HIS A 71 -20.05 -1.79 -6.81
CA HIS A 71 -20.80 -3.02 -7.11
C HIS A 71 -20.85 -3.95 -5.89
N HIS A 72 -22.00 -3.99 -5.22
CA HIS A 72 -22.15 -4.76 -3.98
C HIS A 72 -22.74 -6.16 -4.22
N HIS A 73 -22.28 -7.12 -3.43
CA HIS A 73 -22.83 -8.47 -3.41
C HIS A 73 -23.31 -8.85 -1.99
N MET A 1 -9.41 -17.14 4.68
CA MET A 1 -9.16 -16.04 3.72
C MET A 1 -7.69 -15.60 3.76
N THR A 2 -7.17 -15.14 2.62
CA THR A 2 -5.81 -14.58 2.54
C THR A 2 -5.82 -13.20 1.86
N GLN A 3 -4.65 -12.55 1.80
CA GLN A 3 -4.53 -11.21 1.21
C GLN A 3 -3.34 -11.11 0.25
N LYS A 4 -3.39 -10.14 -0.64
CA LYS A 4 -2.28 -9.86 -1.57
C LYS A 4 -1.39 -8.71 -1.07
N PHE A 5 -1.85 -8.02 -0.02
CA PHE A 5 -1.10 -6.89 0.54
C PHE A 5 -1.05 -6.97 2.08
N THR A 6 0.15 -7.14 2.62
CA THR A 6 0.36 -7.19 4.08
C THR A 6 1.35 -6.12 4.55
N LYS A 7 1.42 -5.90 5.86
CA LYS A 7 2.32 -4.88 6.43
C LYS A 7 3.79 -5.31 6.30
N ASP A 8 4.02 -6.62 6.21
CA ASP A 8 5.37 -7.18 6.23
C ASP A 8 6.07 -7.08 4.86
N MET A 9 5.29 -7.14 3.78
CA MET A 9 5.84 -7.13 2.41
C MET A 9 6.43 -5.75 2.05
N THR A 10 7.32 -5.73 1.06
CA THR A 10 8.01 -4.50 0.65
C THR A 10 7.17 -3.68 -0.35
N PHE A 11 7.44 -2.36 -0.40
CA PHE A 11 6.76 -1.47 -1.36
C PHE A 11 6.89 -1.98 -2.81
N ALA A 12 8.08 -2.41 -3.18
CA ALA A 12 8.35 -2.90 -4.54
C ALA A 12 7.39 -4.04 -4.92
N GLN A 13 7.29 -5.05 -4.05
CA GLN A 13 6.41 -6.21 -4.29
C GLN A 13 4.95 -5.75 -4.50
N ALA A 14 4.48 -4.85 -3.63
CA ALA A 14 3.12 -4.31 -3.74
C ALA A 14 2.90 -3.61 -5.10
N LEU A 15 3.85 -2.74 -5.48
CA LEU A 15 3.79 -2.02 -6.75
C LEU A 15 3.74 -2.97 -7.97
N GLN A 16 4.43 -4.10 -7.86
CA GLN A 16 4.44 -5.10 -8.94
C GLN A 16 3.13 -5.90 -8.96
N THR A 17 2.60 -6.20 -7.78
CA THR A 17 1.36 -6.99 -7.65
C THR A 17 0.18 -6.32 -8.38
N HIS A 18 -0.05 -5.04 -8.10
CA HIS A 18 -1.09 -4.26 -8.79
C HIS A 18 -0.67 -2.79 -8.96
N PRO A 19 -1.01 -2.17 -10.10
CA PRO A 19 -0.57 -0.80 -10.44
C PRO A 19 -1.33 0.28 -9.65
N GLY A 20 -2.53 -0.04 -9.17
CA GLY A 20 -3.31 0.89 -8.36
C GLY A 20 -2.61 1.26 -7.05
N VAL A 21 -1.73 0.38 -6.58
CA VAL A 21 -0.96 0.61 -5.35
C VAL A 21 -0.19 1.95 -5.42
N ALA A 22 0.37 2.24 -6.59
CA ALA A 22 1.10 3.50 -6.79
C ALA A 22 0.21 4.72 -6.52
N GLY A 23 -0.98 4.73 -7.10
CA GLY A 23 -1.93 5.82 -6.88
C GLY A 23 -2.32 5.97 -5.41
N VAL A 24 -2.48 4.84 -4.72
CA VAL A 24 -2.82 4.85 -3.29
C VAL A 24 -1.66 5.40 -2.44
N LEU A 25 -0.46 4.85 -2.64
CA LEU A 25 0.73 5.30 -1.89
C LEU A 25 0.97 6.81 -2.08
N ARG A 26 0.89 7.28 -3.32
CA ARG A 26 1.03 8.70 -3.62
C ARG A 26 -0.06 9.54 -2.93
N SER A 27 -1.27 8.97 -2.83
CA SER A 27 -2.37 9.62 -2.12
C SER A 27 -2.12 9.66 -0.59
N TYR A 28 -1.46 8.63 -0.08
CA TYR A 28 -1.14 8.54 1.36
C TYR A 28 0.29 9.05 1.65
N ASN A 29 0.75 10.03 0.87
CA ASN A 29 2.04 10.70 1.11
C ASN A 29 3.26 9.79 0.87
N LEU A 30 3.03 8.49 0.66
CA LEU A 30 4.12 7.52 0.47
C LEU A 30 4.69 7.58 -0.97
N GLY A 31 4.19 8.52 -1.77
CA GLY A 31 4.69 8.68 -3.14
C GLY A 31 6.17 9.05 -3.23
N CYS A 32 6.77 9.41 -2.10
CA CYS A 32 8.19 9.78 -2.04
C CYS A 32 9.10 8.57 -1.75
N ILE A 33 8.53 7.35 -1.77
CA ILE A 33 9.32 6.13 -1.52
C ILE A 33 10.51 6.01 -2.48
N GLY A 34 10.35 6.46 -3.72
CA GLY A 34 11.45 6.43 -4.69
C GLY A 34 12.63 7.31 -4.26
N CYS A 35 12.34 8.56 -3.89
CA CYS A 35 13.37 9.50 -3.45
C CYS A 35 14.15 8.98 -2.23
N MET A 36 13.43 8.40 -1.27
CA MET A 36 14.07 7.82 -0.07
C MET A 36 14.59 6.39 -0.35
N GLY A 37 14.26 5.85 -1.53
CA GLY A 37 14.72 4.52 -1.92
C GLY A 37 14.09 3.38 -1.13
N ALA A 38 12.88 3.62 -0.60
CA ALA A 38 12.19 2.64 0.24
C ALA A 38 11.45 1.59 -0.61
N GLN A 39 12.17 0.95 -1.51
CA GLN A 39 11.60 -0.12 -2.35
C GLN A 39 11.62 -1.47 -1.63
N ASN A 40 12.74 -1.76 -0.95
CA ASN A 40 12.91 -3.01 -0.20
C ASN A 40 12.37 -2.87 1.22
N GLU A 41 11.98 -1.65 1.60
CA GLU A 41 11.41 -1.40 2.93
C GLU A 41 9.95 -1.89 2.99
N SER A 42 9.55 -2.44 4.13
CA SER A 42 8.20 -3.00 4.30
C SER A 42 7.14 -1.89 4.41
N LEU A 43 5.92 -2.20 3.96
CA LEU A 43 4.81 -1.23 3.97
C LEU A 43 4.62 -0.57 5.34
N GLU A 44 4.66 -1.35 6.41
CA GLU A 44 4.49 -0.83 7.77
C GLU A 44 5.61 0.18 8.12
N GLN A 45 6.86 -0.21 7.86
CA GLN A 45 8.01 0.64 8.15
C GLN A 45 7.88 2.02 7.47
N GLY A 46 7.64 2.01 6.16
CA GLY A 46 7.47 3.26 5.42
C GLY A 46 6.28 4.09 5.87
N ALA A 47 5.17 3.40 6.20
CA ALA A 47 3.97 4.07 6.70
C ALA A 47 4.26 4.89 7.97
N ASN A 48 4.79 4.21 8.99
CA ASN A 48 5.13 4.86 10.25
C ASN A 48 6.23 5.93 10.06
N ALA A 49 7.10 5.72 9.07
CA ALA A 49 8.12 6.71 8.71
C ALA A 49 7.49 8.05 8.26
N HIS A 50 6.34 7.96 7.57
CA HIS A 50 5.63 9.16 7.07
C HIS A 50 4.48 9.58 8.00
N GLY A 51 4.37 8.95 9.17
CA GLY A 51 3.37 9.34 10.16
C GLY A 51 1.96 8.81 9.89
N LEU A 52 1.87 7.63 9.29
CA LEU A 52 0.57 6.97 9.03
C LEU A 52 0.57 5.54 9.57
N ASN A 53 -0.61 4.93 9.67
CA ASN A 53 -0.72 3.52 10.08
C ASN A 53 -0.95 2.63 8.85
N VAL A 54 -0.19 1.54 8.77
CA VAL A 54 -0.19 0.67 7.60
C VAL A 54 -1.56 0.01 7.33
N GLU A 55 -2.32 -0.25 8.39
CA GLU A 55 -3.60 -0.97 8.27
C GLU A 55 -4.63 -0.21 7.42
N ASP A 56 -4.79 1.09 7.68
CA ASP A 56 -5.68 1.93 6.86
C ASP A 56 -5.28 1.87 5.38
N ILE A 57 -3.97 1.92 5.13
CA ILE A 57 -3.44 1.82 3.76
C ILE A 57 -3.73 0.43 3.16
N LEU A 58 -3.42 -0.63 3.90
CA LEU A 58 -3.67 -2.00 3.46
C LEU A 58 -5.13 -2.22 3.12
N ARG A 59 -6.02 -1.62 3.91
CA ARG A 59 -7.46 -1.70 3.64
C ARG A 59 -7.78 -1.24 2.21
N ASP A 60 -7.24 -0.10 1.80
CA ASP A 60 -7.46 0.43 0.46
C ASP A 60 -6.70 -0.40 -0.60
N LEU A 61 -5.49 -0.85 -0.25
CA LEU A 61 -4.68 -1.67 -1.17
C LEU A 61 -5.36 -3.02 -1.50
N ASN A 62 -5.77 -3.75 -0.47
CA ASN A 62 -6.48 -5.01 -0.68
C ASN A 62 -7.86 -4.79 -1.30
N ALA A 63 -8.44 -3.60 -1.09
CA ALA A 63 -9.69 -3.22 -1.74
C ALA A 63 -9.54 -3.22 -3.27
N LEU A 64 -8.31 -3.00 -3.74
CA LEU A 64 -8.01 -3.06 -5.19
C LEU A 64 -8.15 -4.48 -5.75
N ALA A 65 -8.03 -5.47 -4.87
CA ALA A 65 -8.23 -6.88 -5.25
C ALA A 65 -9.70 -7.29 -5.08
N LEU A 66 -10.36 -6.71 -4.07
CA LEU A 66 -11.78 -6.97 -3.82
C LEU A 66 -12.67 -6.35 -4.90
N GLU A 67 -12.48 -5.04 -5.15
CA GLU A 67 -13.18 -4.31 -6.22
C GLU A 67 -14.72 -4.25 -6.03
N HIS A 68 -15.24 -4.96 -5.03
CA HIS A 68 -16.69 -4.98 -4.79
C HIS A 68 -17.19 -3.63 -4.23
N HIS A 69 -16.43 -3.07 -3.29
CA HIS A 69 -16.76 -1.74 -2.73
C HIS A 69 -16.22 -0.63 -3.62
N HIS A 70 -17.11 -0.06 -4.44
CA HIS A 70 -16.72 0.89 -5.49
C HIS A 70 -16.67 2.35 -4.98
N HIS A 71 -16.16 2.54 -3.76
CA HIS A 71 -16.04 3.88 -3.14
C HIS A 71 -17.41 4.54 -2.92
N HIS A 72 -18.47 3.73 -2.89
CA HIS A 72 -19.86 4.24 -2.79
C HIS A 72 -20.12 4.87 -1.42
N HIS A 73 -19.37 4.44 -0.40
CA HIS A 73 -19.60 4.87 1.00
C HIS A 73 -21.04 4.54 1.46
N MET A 1 -8.05 -16.70 6.34
CA MET A 1 -7.66 -16.08 5.04
C MET A 1 -6.49 -15.09 5.21
N THR A 2 -5.43 -15.27 4.42
CA THR A 2 -4.29 -14.35 4.46
C THR A 2 -4.43 -13.24 3.41
N GLN A 3 -3.84 -12.08 3.68
CA GLN A 3 -3.93 -10.94 2.77
C GLN A 3 -2.81 -10.96 1.72
N LYS A 4 -3.16 -10.71 0.46
CA LYS A 4 -2.17 -10.52 -0.60
C LYS A 4 -1.31 -9.29 -0.32
N PHE A 5 -1.96 -8.22 0.13
CA PHE A 5 -1.26 -7.00 0.55
C PHE A 5 -1.16 -6.94 2.08
N THR A 6 0.05 -7.20 2.60
CA THR A 6 0.30 -7.22 4.05
C THR A 6 1.30 -6.11 4.45
N LYS A 7 1.39 -5.84 5.74
CA LYS A 7 2.28 -4.78 6.24
C LYS A 7 3.76 -5.20 6.20
N ASP A 8 4.01 -6.49 6.03
CA ASP A 8 5.38 -7.04 6.00
C ASP A 8 6.05 -6.90 4.62
N MET A 9 5.27 -7.07 3.55
CA MET A 9 5.81 -7.01 2.19
C MET A 9 6.34 -5.60 1.88
N THR A 10 7.33 -5.53 0.97
CA THR A 10 7.96 -4.25 0.62
C THR A 10 7.13 -3.45 -0.39
N PHE A 11 7.34 -2.14 -0.42
CA PHE A 11 6.64 -1.26 -1.37
C PHE A 11 6.81 -1.75 -2.82
N ALA A 12 8.03 -2.15 -3.17
CA ALA A 12 8.32 -2.66 -4.53
C ALA A 12 7.42 -3.84 -4.90
N GLN A 13 7.34 -4.83 -4.01
CA GLN A 13 6.49 -6.00 -4.23
C GLN A 13 5.03 -5.59 -4.50
N ALA A 14 4.49 -4.75 -3.63
CA ALA A 14 3.11 -4.25 -3.78
C ALA A 14 2.90 -3.58 -5.15
N LEU A 15 3.81 -2.69 -5.54
CA LEU A 15 3.75 -1.99 -6.83
C LEU A 15 3.74 -2.99 -8.02
N GLN A 16 4.48 -4.08 -7.88
CA GLN A 16 4.54 -5.12 -8.92
C GLN A 16 3.34 -6.07 -8.84
N THR A 17 2.67 -6.10 -7.69
CA THR A 17 1.49 -6.96 -7.49
C THR A 17 0.23 -6.35 -8.11
N HIS A 18 0.06 -5.03 -7.95
CA HIS A 18 -1.09 -4.31 -8.53
C HIS A 18 -0.71 -2.86 -8.88
N PRO A 19 -0.99 -2.41 -10.13
CA PRO A 19 -0.68 -1.04 -10.58
C PRO A 19 -1.33 0.05 -9.72
N GLY A 20 -2.56 -0.21 -9.26
CA GLY A 20 -3.30 0.78 -8.46
C GLY A 20 -2.59 1.16 -7.16
N VAL A 21 -1.67 0.31 -6.70
CA VAL A 21 -0.92 0.56 -5.46
C VAL A 21 -0.14 1.89 -5.56
N ALA A 22 0.35 2.21 -6.75
CA ALA A 22 1.08 3.46 -6.98
C ALA A 22 0.23 4.68 -6.61
N GLY A 23 -1.03 4.68 -7.07
CA GLY A 23 -1.95 5.77 -6.73
C GLY A 23 -2.26 5.84 -5.25
N VAL A 24 -2.45 4.69 -4.61
CA VAL A 24 -2.73 4.61 -3.17
C VAL A 24 -1.57 5.20 -2.36
N LEU A 25 -0.36 4.70 -2.58
CA LEU A 25 0.83 5.15 -1.86
C LEU A 25 1.05 6.67 -2.04
N ARG A 26 0.88 7.15 -3.28
CA ARG A 26 0.97 8.59 -3.56
C ARG A 26 -0.09 9.38 -2.77
N SER A 27 -1.32 8.86 -2.76
CA SER A 27 -2.41 9.49 -1.98
C SER A 27 -2.06 9.59 -0.49
N TYR A 28 -1.46 8.53 0.05
CA TYR A 28 -1.04 8.49 1.46
C TYR A 28 0.36 9.11 1.68
N ASN A 29 0.82 9.93 0.73
CA ASN A 29 2.10 10.66 0.86
C ASN A 29 3.33 9.72 0.77
N LEU A 30 3.09 8.42 0.66
CA LEU A 30 4.18 7.43 0.60
C LEU A 30 4.83 7.38 -0.80
N GLY A 31 4.31 8.14 -1.75
CA GLY A 31 4.88 8.19 -3.10
C GLY A 31 6.36 8.57 -3.13
N CYS A 32 6.85 9.14 -2.04
CA CYS A 32 8.26 9.53 -1.92
C CYS A 32 9.19 8.30 -1.83
N ILE A 33 8.61 7.11 -1.66
CA ILE A 33 9.38 5.86 -1.65
C ILE A 33 10.21 5.70 -2.93
N GLY A 34 9.64 6.14 -4.06
CA GLY A 34 10.37 6.16 -5.32
C GLY A 34 11.21 7.42 -5.47
N CYS A 35 12.04 7.69 -4.46
CA CYS A 35 12.86 8.90 -4.40
C CYS A 35 13.84 8.83 -3.22
N MET A 36 13.35 8.37 -2.06
CA MET A 36 14.19 8.21 -0.87
C MET A 36 14.86 6.82 -0.82
N GLY A 37 14.59 5.99 -1.82
CA GLY A 37 15.14 4.63 -1.85
C GLY A 37 14.51 3.70 -0.82
N ALA A 38 13.19 3.77 -0.66
CA ALA A 38 12.47 2.94 0.33
C ALA A 38 11.73 1.77 -0.34
N GLN A 39 12.12 1.45 -1.58
CA GLN A 39 11.44 0.40 -2.36
C GLN A 39 11.50 -0.98 -1.68
N ASN A 40 12.64 -1.28 -1.05
CA ASN A 40 12.86 -2.60 -0.43
C ASN A 40 12.53 -2.60 1.08
N GLU A 41 11.74 -1.62 1.50
CA GLU A 41 11.32 -1.52 2.91
C GLU A 41 9.85 -1.94 3.08
N SER A 42 9.53 -2.56 4.22
CA SER A 42 8.16 -3.04 4.49
C SER A 42 7.15 -1.88 4.55
N LEU A 43 5.91 -2.16 4.17
CA LEU A 43 4.84 -1.15 4.17
C LEU A 43 4.70 -0.46 5.54
N GLU A 44 4.63 -1.23 6.63
CA GLU A 44 4.46 -0.65 7.97
C GLU A 44 5.67 0.19 8.38
N GLN A 45 6.87 -0.25 8.02
CA GLN A 45 8.10 0.50 8.34
C GLN A 45 8.08 1.89 7.69
N GLY A 46 7.74 1.94 6.40
CA GLY A 46 7.62 3.22 5.71
C GLY A 46 6.46 4.08 6.23
N ALA A 47 5.34 3.43 6.54
CA ALA A 47 4.17 4.13 7.11
C ALA A 47 4.53 4.83 8.43
N ASN A 48 5.08 4.07 9.37
CA ASN A 48 5.53 4.62 10.67
C ASN A 48 6.55 5.76 10.48
N ALA A 49 7.38 5.66 9.44
CA ALA A 49 8.34 6.73 9.12
C ALA A 49 7.62 8.07 8.85
N HIS A 50 6.46 8.00 8.19
CA HIS A 50 5.62 9.19 7.95
C HIS A 50 4.61 9.42 9.08
N GLY A 51 4.51 8.45 9.98
CA GLY A 51 3.59 8.55 11.11
C GLY A 51 2.16 8.14 10.77
N LEU A 52 1.99 7.43 9.65
CA LEU A 52 0.66 7.02 9.17
C LEU A 52 0.38 5.55 9.48
N ASN A 53 -0.91 5.18 9.54
CA ASN A 53 -1.31 3.79 9.84
C ASN A 53 -1.35 2.93 8.56
N VAL A 54 -0.49 1.92 8.50
CA VAL A 54 -0.39 1.03 7.33
C VAL A 54 -1.68 0.18 7.18
N GLU A 55 -2.33 -0.11 8.29
CA GLU A 55 -3.50 -0.99 8.30
C GLU A 55 -4.68 -0.38 7.52
N ASP A 56 -4.82 0.95 7.60
CA ASP A 56 -5.83 1.66 6.81
C ASP A 56 -5.43 1.67 5.32
N ILE A 57 -4.12 1.73 5.06
CA ILE A 57 -3.60 1.65 3.69
C ILE A 57 -3.88 0.26 3.09
N LEU A 58 -3.69 -0.78 3.90
CA LEU A 58 -3.99 -2.16 3.48
C LEU A 58 -5.45 -2.30 3.03
N ARG A 59 -6.34 -1.56 3.70
CA ARG A 59 -7.75 -1.48 3.27
C ARG A 59 -7.87 -1.12 1.78
N ASP A 60 -7.24 0.00 1.39
CA ASP A 60 -7.30 0.45 0.00
C ASP A 60 -6.56 -0.53 -0.93
N LEU A 61 -5.36 -0.95 -0.52
CA LEU A 61 -4.53 -1.87 -1.31
C LEU A 61 -5.28 -3.16 -1.72
N ASN A 62 -5.91 -3.81 -0.75
CA ASN A 62 -6.68 -5.03 -1.04
C ASN A 62 -8.00 -4.69 -1.76
N ALA A 63 -8.55 -3.51 -1.49
CA ALA A 63 -9.76 -3.04 -2.17
C ALA A 63 -9.53 -2.87 -3.68
N LEU A 64 -8.29 -2.60 -4.07
CA LEU A 64 -7.91 -2.50 -5.49
C LEU A 64 -8.27 -3.77 -6.27
N ALA A 65 -8.11 -4.92 -5.64
CA ALA A 65 -8.41 -6.21 -6.27
C ALA A 65 -9.85 -6.66 -6.01
N LEU A 66 -10.31 -6.47 -4.77
CA LEU A 66 -11.67 -6.89 -4.38
C LEU A 66 -12.76 -6.01 -5.04
N GLU A 67 -12.63 -4.69 -4.88
CA GLU A 67 -13.62 -3.73 -5.40
C GLU A 67 -15.05 -4.02 -4.90
N HIS A 68 -15.17 -4.63 -3.72
CA HIS A 68 -16.48 -4.87 -3.09
C HIS A 68 -17.02 -3.58 -2.44
N HIS A 69 -18.32 -3.36 -2.57
CA HIS A 69 -18.96 -2.16 -1.99
C HIS A 69 -19.05 -2.29 -0.46
N HIS A 70 -18.32 -1.44 0.25
CA HIS A 70 -18.35 -1.44 1.73
C HIS A 70 -19.75 -1.04 2.23
N HIS A 71 -20.64 -2.03 2.34
CA HIS A 71 -22.05 -1.80 2.69
C HIS A 71 -22.22 -1.29 4.14
N HIS A 72 -22.83 -0.11 4.29
CA HIS A 72 -23.05 0.47 5.61
C HIS A 72 -24.41 0.06 6.19
N HIS A 73 -24.48 -0.06 7.52
CA HIS A 73 -25.73 -0.40 8.21
C HIS A 73 -26.48 0.88 8.65
N MET A 1 -8.50 -15.62 4.74
CA MET A 1 -7.76 -15.74 6.04
C MET A 1 -6.75 -14.61 6.22
N THR A 2 -5.89 -14.41 5.22
CA THR A 2 -4.89 -13.32 5.27
C THR A 2 -4.92 -12.47 3.99
N GLN A 3 -4.66 -11.18 4.14
CA GLN A 3 -4.60 -10.26 3.00
C GLN A 3 -3.35 -10.52 2.15
N LYS A 4 -3.44 -10.28 0.85
CA LYS A 4 -2.25 -10.38 -0.03
C LYS A 4 -1.34 -9.17 0.19
N PHE A 5 -1.95 -7.98 0.29
CA PHE A 5 -1.22 -6.77 0.64
C PHE A 5 -1.12 -6.65 2.17
N THR A 6 0.04 -7.03 2.71
CA THR A 6 0.24 -7.06 4.17
C THR A 6 1.36 -6.11 4.60
N LYS A 7 1.50 -5.93 5.91
CA LYS A 7 2.50 -5.02 6.48
C LYS A 7 3.94 -5.55 6.31
N ASP A 8 4.06 -6.84 6.01
CA ASP A 8 5.36 -7.49 5.89
C ASP A 8 5.99 -7.28 4.50
N MET A 9 5.16 -7.25 3.46
CA MET A 9 5.64 -7.15 2.08
C MET A 9 6.25 -5.75 1.79
N THR A 10 7.16 -5.70 0.81
CA THR A 10 7.85 -4.45 0.47
C THR A 10 7.03 -3.58 -0.49
N PHE A 11 7.36 -2.29 -0.55
CA PHE A 11 6.72 -1.38 -1.51
C PHE A 11 6.90 -1.88 -2.96
N ALA A 12 8.08 -2.43 -3.27
CA ALA A 12 8.35 -3.00 -4.59
C ALA A 12 7.37 -4.12 -4.93
N GLN A 13 7.22 -5.09 -4.02
CA GLN A 13 6.27 -6.21 -4.21
C GLN A 13 4.85 -5.68 -4.46
N ALA A 14 4.41 -4.74 -3.62
CA ALA A 14 3.08 -4.14 -3.74
C ALA A 14 2.87 -3.51 -5.13
N LEU A 15 3.82 -2.69 -5.57
CA LEU A 15 3.76 -2.04 -6.89
C LEU A 15 3.70 -3.07 -8.03
N GLN A 16 4.50 -4.13 -7.91
CA GLN A 16 4.52 -5.20 -8.92
C GLN A 16 3.22 -6.01 -8.90
N THR A 17 2.58 -6.10 -7.73
CA THR A 17 1.32 -6.84 -7.58
C THR A 17 0.14 -6.08 -8.20
N HIS A 18 0.10 -4.77 -8.00
CA HIS A 18 -0.95 -3.91 -8.58
C HIS A 18 -0.44 -2.47 -8.83
N PRO A 19 -0.42 -2.03 -10.12
CA PRO A 19 -0.04 -0.65 -10.47
C PRO A 19 -0.85 0.41 -9.72
N GLY A 20 -2.08 0.05 -9.32
CA GLY A 20 -2.92 0.96 -8.54
C GLY A 20 -2.32 1.34 -7.19
N VAL A 21 -1.47 0.45 -6.64
CA VAL A 21 -0.80 0.72 -5.37
C VAL A 21 -0.04 2.05 -5.40
N ALA A 22 0.58 2.35 -6.55
CA ALA A 22 1.29 3.63 -6.72
C ALA A 22 0.37 4.82 -6.43
N GLY A 23 -0.84 4.78 -7.00
CA GLY A 23 -1.82 5.84 -6.76
C GLY A 23 -2.22 5.94 -5.30
N VAL A 24 -2.43 4.80 -4.65
CA VAL A 24 -2.76 4.76 -3.22
C VAL A 24 -1.63 5.36 -2.38
N LEU A 25 -0.40 4.96 -2.65
CA LEU A 25 0.77 5.51 -1.95
C LEU A 25 0.87 7.03 -2.13
N ARG A 26 0.65 7.49 -3.36
CA ARG A 26 0.61 8.92 -3.65
C ARG A 26 -0.52 9.62 -2.88
N SER A 27 -1.65 8.92 -2.73
CA SER A 27 -2.77 9.44 -1.93
C SER A 27 -2.40 9.53 -0.44
N TYR A 28 -1.65 8.53 0.03
CA TYR A 28 -1.19 8.49 1.42
C TYR A 28 0.23 9.06 1.59
N ASN A 29 0.65 9.95 0.67
CA ASN A 29 1.93 10.67 0.78
C ASN A 29 3.16 9.75 0.53
N LEU A 30 2.97 8.43 0.57
CA LEU A 30 4.08 7.48 0.40
C LEU A 30 4.59 7.41 -1.06
N GLY A 31 4.02 8.23 -1.94
CA GLY A 31 4.47 8.27 -3.33
C GLY A 31 5.94 8.67 -3.50
N CYS A 32 6.56 9.15 -2.41
CA CYS A 32 7.97 9.55 -2.44
C CYS A 32 8.92 8.38 -2.12
N ILE A 33 8.40 7.15 -2.12
CA ILE A 33 9.21 5.94 -1.85
C ILE A 33 10.45 5.86 -2.76
N GLY A 34 10.34 6.39 -3.97
CA GLY A 34 11.49 6.44 -4.87
C GLY A 34 12.61 7.34 -4.36
N CYS A 35 12.24 8.53 -3.88
CA CYS A 35 13.22 9.49 -3.36
C CYS A 35 13.82 9.05 -2.02
N MET A 36 12.99 8.44 -1.16
CA MET A 36 13.46 7.95 0.14
C MET A 36 14.08 6.54 0.04
N GLY A 37 14.03 5.96 -1.15
CA GLY A 37 14.62 4.63 -1.39
C GLY A 37 13.99 3.52 -0.55
N ALA A 38 12.67 3.41 -0.61
CA ALA A 38 11.93 2.45 0.22
C ALA A 38 11.41 1.24 -0.58
N GLN A 39 12.02 0.97 -1.74
CA GLN A 39 11.59 -0.17 -2.57
C GLN A 39 11.75 -1.52 -1.83
N ASN A 40 12.89 -1.71 -1.17
CA ASN A 40 13.15 -2.96 -0.43
C ASN A 40 12.55 -2.92 0.98
N GLU A 41 12.01 -1.76 1.35
CA GLU A 41 11.44 -1.54 2.69
C GLU A 41 9.96 -1.98 2.73
N SER A 42 9.51 -2.51 3.86
CA SER A 42 8.13 -3.01 3.99
C SER A 42 7.12 -1.86 4.12
N LEU A 43 5.89 -2.11 3.65
CA LEU A 43 4.80 -1.11 3.69
C LEU A 43 4.66 -0.48 5.09
N GLU A 44 4.79 -1.30 6.12
CA GLU A 44 4.67 -0.83 7.51
C GLU A 44 5.77 0.17 7.89
N GLN A 45 7.03 -0.18 7.60
CA GLN A 45 8.16 0.69 7.96
C GLN A 45 8.02 2.09 7.34
N GLY A 46 7.76 2.12 6.03
CA GLY A 46 7.55 3.40 5.34
C GLY A 46 6.34 4.16 5.87
N ALA A 47 5.26 3.44 6.18
CA ALA A 47 4.06 4.04 6.75
C ALA A 47 4.36 4.78 8.06
N ASN A 48 4.91 4.05 9.04
CA ASN A 48 5.25 4.65 10.34
C ASN A 48 6.29 5.76 10.20
N ALA A 49 7.23 5.60 9.25
CA ALA A 49 8.24 6.62 8.98
C ALA A 49 7.59 7.96 8.59
N HIS A 50 6.46 7.91 7.90
CA HIS A 50 5.72 9.11 7.51
C HIS A 50 4.56 9.41 8.49
N GLY A 51 4.51 8.66 9.60
CA GLY A 51 3.48 8.88 10.61
C GLY A 51 2.08 8.45 10.18
N LEU A 52 1.98 7.29 9.53
CA LEU A 52 0.70 6.78 9.02
C LEU A 52 0.34 5.41 9.62
N ASN A 53 -0.94 5.07 9.58
CA ASN A 53 -1.41 3.74 10.01
C ASN A 53 -1.38 2.75 8.84
N VAL A 54 -0.50 1.76 8.92
CA VAL A 54 -0.32 0.77 7.84
C VAL A 54 -1.63 0.01 7.55
N GLU A 55 -2.41 -0.29 8.57
CA GLU A 55 -3.65 -1.06 8.41
C GLU A 55 -4.67 -0.31 7.52
N ASP A 56 -4.74 1.01 7.68
CA ASP A 56 -5.64 1.83 6.87
C ASP A 56 -5.22 1.81 5.39
N ILE A 57 -3.91 1.75 5.16
CA ILE A 57 -3.35 1.66 3.81
C ILE A 57 -3.63 0.29 3.17
N LEU A 58 -3.29 -0.78 3.90
CA LEU A 58 -3.52 -2.16 3.45
C LEU A 58 -4.99 -2.36 3.06
N ARG A 59 -5.87 -1.70 3.80
CA ARG A 59 -7.31 -1.69 3.50
C ARG A 59 -7.58 -1.31 2.04
N ASP A 60 -7.04 -0.18 1.61
CA ASP A 60 -7.26 0.32 0.24
C ASP A 60 -6.51 -0.54 -0.79
N LEU A 61 -5.30 -0.98 -0.42
CA LEU A 61 -4.47 -1.81 -1.30
C LEU A 61 -5.18 -3.12 -1.70
N ASN A 62 -5.70 -3.85 -0.71
CA ASN A 62 -6.44 -5.09 -0.98
C ASN A 62 -7.79 -4.79 -1.65
N ALA A 63 -8.38 -3.64 -1.33
CA ALA A 63 -9.63 -3.20 -1.96
C ALA A 63 -9.49 -3.11 -3.49
N LEU A 64 -8.28 -2.77 -3.95
CA LEU A 64 -7.98 -2.73 -5.39
C LEU A 64 -8.23 -4.09 -6.06
N ALA A 65 -7.97 -5.16 -5.31
CA ALA A 65 -8.15 -6.52 -5.82
C ALA A 65 -9.60 -7.00 -5.68
N LEU A 66 -10.26 -6.58 -4.60
CA LEU A 66 -11.65 -6.97 -4.34
C LEU A 66 -12.64 -6.20 -5.23
N GLU A 67 -12.27 -4.99 -5.64
CA GLU A 67 -13.10 -4.14 -6.50
C GLU A 67 -14.51 -3.93 -5.89
N HIS A 68 -14.60 -3.01 -4.95
CA HIS A 68 -15.85 -2.79 -4.19
C HIS A 68 -16.86 -1.91 -4.95
N HIS A 69 -17.91 -2.52 -5.49
CA HIS A 69 -18.99 -1.78 -6.15
C HIS A 69 -20.17 -1.54 -5.19
N HIS A 70 -20.29 -2.38 -4.17
CA HIS A 70 -21.29 -2.20 -3.11
C HIS A 70 -20.62 -1.69 -1.82
N HIS A 71 -21.40 -1.52 -0.76
CA HIS A 71 -20.87 -1.03 0.52
C HIS A 71 -21.42 -1.85 1.72
N HIS A 72 -20.73 -1.76 2.85
CA HIS A 72 -21.22 -2.36 4.10
C HIS A 72 -21.91 -1.30 4.97
N HIS A 73 -23.24 -1.27 4.94
CA HIS A 73 -24.03 -0.29 5.69
C HIS A 73 -23.97 -0.53 7.21
N MET A 1 -7.01 -17.26 4.78
CA MET A 1 -7.54 -16.05 5.46
C MET A 1 -6.59 -14.84 5.32
N THR A 2 -5.33 -15.09 4.94
CA THR A 2 -4.34 -14.01 4.76
C THR A 2 -4.74 -13.06 3.62
N GLN A 3 -4.23 -11.83 3.68
CA GLN A 3 -4.59 -10.78 2.69
C GLN A 3 -3.78 -10.92 1.39
N LYS A 4 -4.11 -10.06 0.41
CA LYS A 4 -3.33 -9.97 -0.83
C LYS A 4 -2.22 -8.92 -0.68
N PHE A 5 -2.45 -7.94 0.19
CA PHE A 5 -1.45 -6.94 0.54
C PHE A 5 -1.26 -6.87 2.06
N THR A 6 -0.05 -7.18 2.52
CA THR A 6 0.24 -7.23 3.97
C THR A 6 1.39 -6.28 4.34
N LYS A 7 1.47 -5.91 5.61
CA LYS A 7 2.54 -5.04 6.11
C LYS A 7 3.93 -5.67 5.88
N ASP A 8 3.95 -7.00 5.83
CA ASP A 8 5.18 -7.78 5.67
C ASP A 8 5.90 -7.49 4.33
N MET A 9 5.13 -7.43 3.24
CA MET A 9 5.69 -7.23 1.90
C MET A 9 6.18 -5.79 1.68
N THR A 10 7.15 -5.64 0.78
CA THR A 10 7.78 -4.34 0.52
C THR A 10 6.96 -3.48 -0.45
N PHE A 11 7.26 -2.18 -0.48
CA PHE A 11 6.64 -1.26 -1.45
C PHE A 11 6.82 -1.75 -2.89
N ALA A 12 8.03 -2.23 -3.19
CA ALA A 12 8.33 -2.78 -4.53
C ALA A 12 7.39 -3.94 -4.89
N GLN A 13 7.27 -4.91 -3.99
CA GLN A 13 6.39 -6.06 -4.22
C GLN A 13 4.93 -5.62 -4.41
N ALA A 14 4.47 -4.68 -3.58
CA ALA A 14 3.11 -4.15 -3.69
C ALA A 14 2.87 -3.53 -5.08
N LEU A 15 3.78 -2.66 -5.51
CA LEU A 15 3.71 -2.02 -6.82
C LEU A 15 3.71 -3.05 -7.97
N GLN A 16 4.49 -4.11 -7.80
CA GLN A 16 4.59 -5.16 -8.83
C GLN A 16 3.37 -6.09 -8.82
N THR A 17 2.69 -6.19 -7.69
CA THR A 17 1.46 -6.99 -7.57
C THR A 17 0.26 -6.24 -8.17
N HIS A 18 0.25 -4.92 -7.99
CA HIS A 18 -0.78 -4.04 -8.58
C HIS A 18 -0.23 -2.62 -8.78
N PRO A 19 0.01 -2.21 -10.04
CA PRO A 19 0.44 -0.83 -10.35
C PRO A 19 -0.47 0.25 -9.73
N GLY A 20 -1.74 -0.12 -9.50
CA GLY A 20 -2.68 0.79 -8.84
C GLY A 20 -2.24 1.20 -7.44
N VAL A 21 -1.42 0.35 -6.81
CA VAL A 21 -0.85 0.65 -5.49
C VAL A 21 -0.09 1.99 -5.50
N ALA A 22 0.50 2.33 -6.64
CA ALA A 22 1.21 3.61 -6.81
C ALA A 22 0.29 4.79 -6.49
N GLY A 23 -0.89 4.82 -7.10
CA GLY A 23 -1.86 5.89 -6.83
C GLY A 23 -2.31 5.93 -5.38
N VAL A 24 -2.42 4.76 -4.75
CA VAL A 24 -2.78 4.68 -3.32
C VAL A 24 -1.67 5.26 -2.43
N LEU A 25 -0.44 4.78 -2.62
CA LEU A 25 0.72 5.30 -1.89
C LEU A 25 0.85 6.82 -2.08
N ARG A 26 0.67 7.28 -3.31
CA ARG A 26 0.64 8.72 -3.62
C ARG A 26 -0.48 9.43 -2.84
N SER A 27 -1.65 8.79 -2.78
CA SER A 27 -2.81 9.32 -2.03
C SER A 27 -2.48 9.49 -0.54
N TYR A 28 -1.68 8.56 0.00
CA TYR A 28 -1.28 8.59 1.41
C TYR A 28 0.14 9.19 1.59
N ASN A 29 0.56 10.04 0.65
CA ASN A 29 1.81 10.81 0.79
C ASN A 29 3.06 9.91 0.86
N LEU A 30 2.90 8.63 0.53
CA LEU A 30 4.04 7.69 0.50
C LEU A 30 4.75 7.68 -0.86
N GLY A 31 4.31 8.54 -1.78
CA GLY A 31 4.89 8.60 -3.12
C GLY A 31 6.40 8.87 -3.11
N CYS A 32 6.90 9.50 -2.05
CA CYS A 32 8.32 9.86 -1.95
C CYS A 32 9.22 8.64 -1.65
N ILE A 33 8.62 7.46 -1.55
CA ILE A 33 9.40 6.22 -1.33
C ILE A 33 10.48 6.03 -2.41
N GLY A 34 10.21 6.51 -3.62
CA GLY A 34 11.19 6.44 -4.69
C GLY A 34 12.44 7.28 -4.41
N CYS A 35 12.23 8.54 -4.04
CA CYS A 35 13.34 9.48 -3.76
C CYS A 35 14.21 9.02 -2.59
N MET A 36 13.60 8.34 -1.61
CA MET A 36 14.34 7.81 -0.45
C MET A 36 14.77 6.34 -0.66
N GLY A 37 14.43 5.78 -1.82
CA GLY A 37 14.81 4.41 -2.14
C GLY A 37 14.14 3.35 -1.25
N ALA A 38 13.00 3.69 -0.65
CA ALA A 38 12.30 2.80 0.27
C ALA A 38 11.56 1.65 -0.45
N GLN A 39 11.93 1.38 -1.69
CA GLN A 39 11.32 0.30 -2.47
C GLN A 39 11.52 -1.07 -1.79
N ASN A 40 12.65 -1.22 -1.10
CA ASN A 40 13.02 -2.49 -0.48
C ASN A 40 12.55 -2.58 0.98
N GLU A 41 11.75 -1.60 1.41
CA GLU A 41 11.26 -1.55 2.79
C GLU A 41 9.79 -1.98 2.88
N SER A 42 9.45 -2.70 3.96
CA SER A 42 8.07 -3.19 4.15
C SER A 42 7.06 -2.05 4.36
N LEU A 43 5.82 -2.29 3.95
CA LEU A 43 4.76 -1.27 3.99
C LEU A 43 4.63 -0.58 5.37
N GLU A 44 4.59 -1.36 6.45
CA GLU A 44 4.40 -0.79 7.80
C GLU A 44 5.56 0.15 8.18
N GLN A 45 6.78 -0.23 7.82
CA GLN A 45 7.97 0.58 8.14
C GLN A 45 7.91 1.96 7.46
N GLY A 46 7.70 1.97 6.14
CA GLY A 46 7.58 3.22 5.40
C GLY A 46 6.39 4.06 5.86
N ALA A 47 5.28 3.40 6.19
CA ALA A 47 4.10 4.07 6.74
C ALA A 47 4.45 4.80 8.04
N ASN A 48 5.12 4.08 8.95
CA ASN A 48 5.56 4.66 10.22
C ASN A 48 6.54 5.83 9.99
N ALA A 49 7.39 5.69 8.97
CA ALA A 49 8.33 6.75 8.59
C ALA A 49 7.61 8.07 8.26
N HIS A 50 6.38 7.96 7.74
CA HIS A 50 5.54 9.14 7.46
C HIS A 50 4.48 9.36 8.56
N GLY A 51 4.55 8.56 9.62
CA GLY A 51 3.61 8.68 10.74
C GLY A 51 2.19 8.29 10.37
N LEU A 52 2.03 7.21 9.60
CA LEU A 52 0.70 6.75 9.16
C LEU A 52 0.45 5.30 9.60
N ASN A 53 -0.81 4.97 9.87
CA ASN A 53 -1.19 3.61 10.23
C ASN A 53 -1.33 2.71 8.99
N VAL A 54 -0.45 1.71 8.89
CA VAL A 54 -0.42 0.81 7.74
C VAL A 54 -1.78 0.11 7.51
N GLU A 55 -2.54 -0.10 8.58
CA GLU A 55 -3.83 -0.81 8.50
C GLU A 55 -4.82 -0.12 7.56
N ASP A 56 -4.88 1.22 7.62
CA ASP A 56 -5.79 1.98 6.76
C ASP A 56 -5.31 1.94 5.30
N ILE A 57 -4.00 1.87 5.11
CA ILE A 57 -3.40 1.74 3.78
C ILE A 57 -3.72 0.35 3.18
N LEU A 58 -3.48 -0.70 3.98
CA LEU A 58 -3.76 -2.08 3.56
C LEU A 58 -5.22 -2.25 3.13
N ARG A 59 -6.13 -1.60 3.85
CA ARG A 59 -7.56 -1.56 3.47
C ARG A 59 -7.72 -1.11 2.01
N ASP A 60 -7.14 0.04 1.69
CA ASP A 60 -7.29 0.65 0.36
C ASP A 60 -6.53 -0.18 -0.70
N LEU A 61 -5.42 -0.81 -0.30
CA LEU A 61 -4.65 -1.68 -1.20
C LEU A 61 -5.39 -2.96 -1.55
N ASN A 62 -5.87 -3.69 -0.54
CA ASN A 62 -6.62 -4.93 -0.76
C ASN A 62 -7.95 -4.66 -1.49
N ALA A 63 -8.47 -3.44 -1.36
CA ALA A 63 -9.66 -3.01 -2.11
C ALA A 63 -9.44 -3.15 -3.63
N LEU A 64 -8.18 -3.01 -4.06
CA LEU A 64 -7.81 -3.21 -5.48
C LEU A 64 -7.90 -4.68 -5.89
N ALA A 65 -7.93 -5.58 -4.90
CA ALA A 65 -8.04 -7.02 -5.15
C ALA A 65 -9.48 -7.51 -5.01
N LEU A 66 -10.15 -7.10 -3.92
CA LEU A 66 -11.54 -7.46 -3.66
C LEU A 66 -12.48 -6.83 -4.70
N GLU A 67 -12.28 -5.53 -4.97
CA GLU A 67 -12.99 -4.82 -6.04
C GLU A 67 -14.53 -4.84 -5.90
N HIS A 68 -15.04 -5.13 -4.70
CA HIS A 68 -16.49 -5.13 -4.47
C HIS A 68 -16.98 -3.70 -4.16
N HIS A 69 -16.03 -2.77 -4.05
CA HIS A 69 -16.32 -1.33 -3.92
C HIS A 69 -16.95 -0.97 -2.56
N HIS A 70 -18.21 -1.38 -2.36
CA HIS A 70 -19.01 -1.14 -1.13
C HIS A 70 -19.23 0.36 -0.80
N HIS A 71 -18.16 1.14 -0.68
CA HIS A 71 -18.28 2.58 -0.41
C HIS A 71 -18.81 3.34 -1.65
N HIS A 72 -20.13 3.57 -1.70
CA HIS A 72 -20.74 4.29 -2.82
C HIS A 72 -21.50 5.55 -2.37
N HIS A 73 -20.72 6.59 -2.03
CA HIS A 73 -21.25 7.92 -1.70
C HIS A 73 -20.24 9.01 -2.10
N MET A 1 -5.26 -17.17 7.67
CA MET A 1 -5.62 -16.53 6.38
C MET A 1 -4.73 -15.30 6.11
N THR A 2 -4.32 -15.12 4.86
CA THR A 2 -3.47 -13.98 4.49
C THR A 2 -4.14 -13.08 3.44
N GLN A 3 -3.81 -11.79 3.48
CA GLN A 3 -4.33 -10.81 2.51
C GLN A 3 -3.38 -10.68 1.31
N LYS A 4 -3.88 -10.11 0.22
CA LYS A 4 -3.04 -9.86 -0.96
C LYS A 4 -1.99 -8.79 -0.68
N PHE A 5 -2.34 -7.82 0.17
CA PHE A 5 -1.40 -6.79 0.61
C PHE A 5 -1.26 -6.80 2.14
N THR A 6 -0.03 -7.02 2.61
CA THR A 6 0.25 -7.13 4.05
C THR A 6 1.26 -6.09 4.52
N LYS A 7 1.43 -5.98 5.83
CA LYS A 7 2.37 -5.03 6.44
C LYS A 7 3.83 -5.48 6.26
N ASP A 8 4.00 -6.76 5.95
CA ASP A 8 5.34 -7.36 5.84
C ASP A 8 5.99 -7.10 4.46
N MET A 9 5.19 -7.08 3.41
CA MET A 9 5.71 -6.91 2.04
C MET A 9 6.28 -5.51 1.81
N THR A 10 7.24 -5.41 0.89
CA THR A 10 7.92 -4.13 0.60
C THR A 10 7.15 -3.30 -0.44
N PHE A 11 7.47 -1.99 -0.50
CA PHE A 11 6.85 -1.09 -1.48
C PHE A 11 7.10 -1.58 -2.93
N ALA A 12 8.33 -2.01 -3.21
CA ALA A 12 8.68 -2.51 -4.55
C ALA A 12 7.79 -3.69 -4.96
N GLN A 13 7.61 -4.65 -4.04
CA GLN A 13 6.72 -5.79 -4.28
C GLN A 13 5.28 -5.32 -4.58
N ALA A 14 4.75 -4.47 -3.70
CA ALA A 14 3.39 -3.94 -3.87
C ALA A 14 3.20 -3.25 -5.23
N LEU A 15 4.15 -2.39 -5.61
CA LEU A 15 4.11 -1.66 -6.88
C LEU A 15 4.03 -2.62 -8.09
N GLN A 16 4.69 -3.77 -7.98
CA GLN A 16 4.70 -4.76 -9.07
C GLN A 16 3.59 -5.83 -8.90
N THR A 17 2.87 -5.77 -7.78
CA THR A 17 1.73 -6.68 -7.56
C THR A 17 0.48 -6.19 -8.32
N HIS A 18 0.11 -4.92 -8.11
CA HIS A 18 -1.02 -4.30 -8.81
C HIS A 18 -0.69 -2.85 -9.22
N PRO A 19 -1.01 -2.45 -10.47
CA PRO A 19 -0.72 -1.09 -10.97
C PRO A 19 -1.41 0.02 -10.14
N GLY A 20 -2.61 -0.25 -9.65
CA GLY A 20 -3.36 0.74 -8.87
C GLY A 20 -2.68 1.12 -7.54
N VAL A 21 -1.77 0.27 -7.07
CA VAL A 21 -1.08 0.49 -5.79
C VAL A 21 -0.31 1.82 -5.78
N ALA A 22 0.34 2.15 -6.90
CA ALA A 22 1.11 3.40 -7.02
C ALA A 22 0.28 4.62 -6.62
N GLY A 23 -0.87 4.80 -7.26
CA GLY A 23 -1.75 5.93 -6.96
C GLY A 23 -2.22 5.93 -5.50
N VAL A 24 -2.52 4.74 -4.96
CA VAL A 24 -2.94 4.61 -3.56
C VAL A 24 -1.83 5.07 -2.61
N LEU A 25 -0.61 4.62 -2.85
CA LEU A 25 0.55 5.04 -2.04
C LEU A 25 0.70 6.57 -2.08
N ARG A 26 0.63 7.15 -3.28
CA ARG A 26 0.71 8.61 -3.45
C ARG A 26 -0.45 9.32 -2.72
N SER A 27 -1.61 8.65 -2.66
CA SER A 27 -2.77 9.17 -1.91
C SER A 27 -2.45 9.30 -0.41
N TYR A 28 -1.58 8.42 0.09
CA TYR A 28 -1.12 8.48 1.48
C TYR A 28 0.23 9.22 1.61
N ASN A 29 0.61 9.95 0.56
CA ASN A 29 1.87 10.72 0.55
C ASN A 29 3.10 9.79 0.67
N LEU A 30 3.01 8.61 0.07
CA LEU A 30 4.11 7.64 0.05
C LEU A 30 4.83 7.64 -1.32
N GLY A 31 4.54 8.63 -2.16
CA GLY A 31 5.12 8.68 -3.50
C GLY A 31 6.64 8.85 -3.49
N CYS A 32 7.19 9.40 -2.41
CA CYS A 32 8.63 9.67 -2.32
C CYS A 32 9.46 8.39 -2.10
N ILE A 33 8.79 7.23 -2.02
CA ILE A 33 9.48 5.95 -1.80
C ILE A 33 10.62 5.73 -2.81
N GLY A 34 10.51 6.32 -4.00
CA GLY A 34 11.58 6.26 -4.98
C GLY A 34 12.80 7.07 -4.57
N CYS A 35 12.59 8.33 -4.19
CA CYS A 35 13.68 9.23 -3.79
C CYS A 35 14.33 8.79 -2.46
N MET A 36 13.51 8.40 -1.48
CA MET A 36 14.03 7.93 -0.19
C MET A 36 14.52 6.47 -0.27
N GLY A 37 14.43 5.86 -1.45
CA GLY A 37 14.91 4.50 -1.65
C GLY A 37 14.19 3.45 -0.78
N ALA A 38 12.94 3.72 -0.44
CA ALA A 38 12.16 2.82 0.44
C ALA A 38 11.61 1.59 -0.32
N GLN A 39 12.18 1.31 -1.50
CA GLN A 39 11.74 0.16 -2.31
C GLN A 39 12.04 -1.18 -1.61
N ASN A 40 13.06 -1.19 -0.76
CA ASN A 40 13.46 -2.40 -0.02
C ASN A 40 12.77 -2.46 1.35
N GLU A 41 12.08 -1.39 1.72
CA GLU A 41 11.44 -1.29 3.04
C GLU A 41 9.98 -1.77 2.99
N SER A 42 9.49 -2.33 4.10
CA SER A 42 8.13 -2.88 4.18
C SER A 42 7.08 -1.77 4.32
N LEU A 43 5.85 -2.07 3.89
CA LEU A 43 4.74 -1.11 3.96
C LEU A 43 4.54 -0.57 5.39
N GLU A 44 4.66 -1.45 6.38
CA GLU A 44 4.51 -1.06 7.79
C GLU A 44 5.62 -0.10 8.24
N GLN A 45 6.87 -0.44 7.96
CA GLN A 45 8.01 0.41 8.35
C GLN A 45 7.91 1.79 7.69
N GLY A 46 7.60 1.80 6.39
CA GLY A 46 7.39 3.06 5.68
C GLY A 46 6.21 3.86 6.24
N ALA A 47 5.16 3.15 6.66
CA ALA A 47 4.00 3.79 7.29
C ALA A 47 4.41 4.54 8.57
N ASN A 48 5.07 3.83 9.48
CA ASN A 48 5.58 4.44 10.72
C ASN A 48 6.49 5.65 10.41
N ALA A 49 7.35 5.50 9.41
CA ALA A 49 8.25 6.58 8.99
C ALA A 49 7.47 7.82 8.51
N HIS A 50 6.42 7.59 7.72
CA HIS A 50 5.60 8.69 7.18
C HIS A 50 4.43 9.07 8.10
N GLY A 51 4.39 8.50 9.30
CA GLY A 51 3.33 8.81 10.26
C GLY A 51 1.94 8.39 9.78
N LEU A 52 1.80 7.15 9.35
CA LEU A 52 0.52 6.64 8.83
C LEU A 52 0.10 5.34 9.54
N ASN A 53 -1.12 4.90 9.25
CA ASN A 53 -1.63 3.63 9.77
C ASN A 53 -1.55 2.54 8.69
N VAL A 54 -0.65 1.56 8.88
CA VAL A 54 -0.47 0.49 7.91
C VAL A 54 -1.79 -0.28 7.66
N GLU A 55 -2.59 -0.46 8.70
CA GLU A 55 -3.87 -1.17 8.60
C GLU A 55 -4.85 -0.44 7.66
N ASP A 56 -4.84 0.89 7.72
CA ASP A 56 -5.71 1.70 6.87
C ASP A 56 -5.20 1.72 5.41
N ILE A 57 -3.87 1.79 5.25
CA ILE A 57 -3.26 1.71 3.93
C ILE A 57 -3.58 0.36 3.26
N LEU A 58 -3.36 -0.73 3.99
CA LEU A 58 -3.69 -2.07 3.50
C LEU A 58 -5.17 -2.19 3.15
N ARG A 59 -6.03 -1.50 3.90
CA ARG A 59 -7.46 -1.46 3.62
C ARG A 59 -7.74 -1.01 2.17
N ASP A 60 -7.11 0.10 1.78
CA ASP A 60 -7.29 0.65 0.44
C ASP A 60 -6.64 -0.25 -0.63
N LEU A 61 -5.46 -0.78 -0.31
CA LEU A 61 -4.71 -1.66 -1.22
C LEU A 61 -5.48 -2.96 -1.52
N ASN A 62 -5.93 -3.66 -0.48
CA ASN A 62 -6.70 -4.90 -0.67
C ASN A 62 -8.08 -4.62 -1.31
N ALA A 63 -8.59 -3.41 -1.10
CA ALA A 63 -9.84 -2.99 -1.75
C ALA A 63 -9.72 -3.03 -3.28
N LEU A 64 -8.49 -2.90 -3.80
CA LEU A 64 -8.24 -3.00 -5.24
C LEU A 64 -8.52 -4.43 -5.77
N ALA A 65 -8.40 -5.41 -4.89
CA ALA A 65 -8.63 -6.82 -5.24
C ALA A 65 -10.07 -7.25 -4.93
N LEU A 66 -10.61 -6.76 -3.81
CA LEU A 66 -11.97 -7.10 -3.39
C LEU A 66 -13.02 -6.29 -4.17
N GLU A 67 -12.82 -4.97 -4.21
CA GLU A 67 -13.70 -4.05 -4.96
C GLU A 67 -15.18 -4.15 -4.55
N HIS A 68 -15.45 -4.73 -3.38
CA HIS A 68 -16.83 -4.84 -2.88
C HIS A 68 -17.46 -3.46 -2.73
N HIS A 69 -18.70 -3.31 -3.19
CA HIS A 69 -19.37 -2.02 -3.23
C HIS A 69 -19.63 -1.44 -1.84
N HIS A 70 -19.80 -0.12 -1.76
CA HIS A 70 -19.89 0.59 -0.48
C HIS A 70 -21.31 0.52 0.14
N HIS A 71 -21.46 -0.35 1.14
CA HIS A 71 -22.65 -0.40 1.98
C HIS A 71 -22.25 -0.46 3.46
N HIS A 72 -22.83 0.42 4.27
CA HIS A 72 -22.41 0.57 5.68
C HIS A 72 -23.54 0.24 6.65
N HIS A 73 -23.21 0.18 7.95
CA HIS A 73 -24.21 0.02 9.02
C HIS A 73 -24.34 1.31 9.84
N MET A 1 -6.96 -18.29 5.37
CA MET A 1 -6.80 -17.49 4.12
C MET A 1 -5.59 -16.54 4.24
N THR A 2 -5.43 -15.63 3.27
CA THR A 2 -4.36 -14.63 3.33
C THR A 2 -4.72 -13.36 2.56
N GLN A 3 -4.20 -12.22 3.03
CA GLN A 3 -4.38 -10.95 2.33
C GLN A 3 -3.47 -10.88 1.10
N LYS A 4 -3.85 -10.07 0.12
CA LYS A 4 -2.99 -9.84 -1.05
C LYS A 4 -1.89 -8.84 -0.71
N PHE A 5 -2.17 -7.96 0.23
CA PHE A 5 -1.19 -6.97 0.70
C PHE A 5 -1.04 -7.02 2.23
N THR A 6 0.18 -7.24 2.69
CA THR A 6 0.49 -7.33 4.12
C THR A 6 1.54 -6.30 4.55
N LYS A 7 1.70 -6.10 5.85
CA LYS A 7 2.71 -5.17 6.38
C LYS A 7 4.13 -5.63 6.03
N ASP A 8 4.30 -6.96 5.89
CA ASP A 8 5.61 -7.57 5.67
C ASP A 8 6.18 -7.27 4.27
N MET A 9 5.31 -7.22 3.27
CA MET A 9 5.75 -6.99 1.88
C MET A 9 6.22 -5.54 1.68
N THR A 10 7.18 -5.36 0.78
CA THR A 10 7.77 -4.04 0.53
C THR A 10 6.96 -3.22 -0.46
N PHE A 11 7.19 -1.89 -0.48
CA PHE A 11 6.52 -1.01 -1.43
C PHE A 11 6.73 -1.48 -2.89
N ALA A 12 7.95 -1.91 -3.20
CA ALA A 12 8.27 -2.44 -4.53
C ALA A 12 7.36 -3.62 -4.90
N GLN A 13 7.24 -4.59 -3.98
CA GLN A 13 6.38 -5.75 -4.20
C GLN A 13 4.92 -5.33 -4.45
N ALA A 14 4.43 -4.40 -3.63
CA ALA A 14 3.06 -3.89 -3.76
C ALA A 14 2.79 -3.32 -5.16
N LEU A 15 3.70 -2.47 -5.64
CA LEU A 15 3.59 -1.86 -6.97
C LEU A 15 3.59 -2.93 -8.08
N GLN A 16 4.41 -3.97 -7.90
CA GLN A 16 4.48 -5.07 -8.87
C GLN A 16 3.24 -5.98 -8.79
N THR A 17 2.55 -5.95 -7.66
CA THR A 17 1.33 -6.75 -7.47
C THR A 17 0.12 -6.09 -8.12
N HIS A 18 -0.14 -4.82 -7.78
CA HIS A 18 -1.25 -4.04 -8.37
C HIS A 18 -0.81 -2.61 -8.74
N PRO A 19 -0.93 -2.22 -10.03
CA PRO A 19 -0.55 -0.86 -10.48
C PRO A 19 -1.28 0.25 -9.72
N GLY A 20 -2.54 -0.01 -9.33
CA GLY A 20 -3.33 0.95 -8.57
C GLY A 20 -2.71 1.35 -7.23
N VAL A 21 -1.80 0.52 -6.72
CA VAL A 21 -1.12 0.79 -5.46
C VAL A 21 -0.32 2.10 -5.52
N ALA A 22 0.21 2.42 -6.70
CA ALA A 22 0.99 3.67 -6.88
C ALA A 22 0.18 4.89 -6.46
N GLY A 23 -1.05 5.00 -6.98
CA GLY A 23 -1.94 6.10 -6.61
C GLY A 23 -2.26 6.12 -5.12
N VAL A 24 -2.47 4.94 -4.53
CA VAL A 24 -2.74 4.82 -3.09
C VAL A 24 -1.57 5.38 -2.26
N LEU A 25 -0.37 4.85 -2.51
CA LEU A 25 0.83 5.28 -1.79
C LEU A 25 1.03 6.80 -1.92
N ARG A 26 1.01 7.30 -3.16
CA ARG A 26 1.22 8.73 -3.42
C ARG A 26 0.15 9.59 -2.75
N SER A 27 -1.07 9.07 -2.64
CA SER A 27 -2.17 9.79 -1.94
C SER A 27 -1.84 10.00 -0.46
N TYR A 28 -1.20 9.00 0.15
CA TYR A 28 -0.80 9.06 1.57
C TYR A 28 0.61 9.66 1.74
N ASN A 29 1.16 10.24 0.66
CA ASN A 29 2.52 10.81 0.67
C ASN A 29 3.58 9.72 0.91
N LEU A 30 3.45 8.61 0.21
CA LEU A 30 4.44 7.52 0.25
C LEU A 30 5.15 7.39 -1.12
N GLY A 31 4.98 8.40 -1.96
CA GLY A 31 5.55 8.35 -3.31
C GLY A 31 7.05 8.54 -3.36
N CYS A 32 7.60 9.25 -2.36
CA CYS A 32 9.04 9.52 -2.29
C CYS A 32 9.89 8.24 -2.16
N ILE A 33 9.22 7.10 -1.91
CA ILE A 33 9.92 5.81 -1.79
C ILE A 33 10.90 5.56 -2.95
N GLY A 34 10.52 5.99 -4.15
CA GLY A 34 11.41 5.89 -5.30
C GLY A 34 12.64 6.80 -5.19
N CYS A 35 12.42 8.02 -4.73
CA CYS A 35 13.50 9.01 -4.59
C CYS A 35 14.53 8.60 -3.53
N MET A 36 14.05 8.27 -2.34
CA MET A 36 14.94 7.85 -1.24
C MET A 36 15.43 6.40 -1.42
N GLY A 37 14.86 5.68 -2.38
CA GLY A 37 15.26 4.29 -2.63
C GLY A 37 14.72 3.32 -1.58
N ALA A 38 13.55 3.63 -1.02
CA ALA A 38 12.93 2.80 0.01
C ALA A 38 12.07 1.68 -0.60
N GLN A 39 12.47 1.19 -1.77
CA GLN A 39 11.73 0.13 -2.46
C GLN A 39 11.72 -1.18 -1.64
N ASN A 40 12.81 -1.45 -0.92
CA ASN A 40 12.91 -2.65 -0.08
C ASN A 40 12.39 -2.40 1.35
N GLU A 41 11.69 -1.29 1.55
CA GLU A 41 11.08 -0.98 2.84
C GLU A 41 9.65 -1.53 2.91
N SER A 42 9.31 -2.18 4.02
CA SER A 42 7.98 -2.79 4.18
C SER A 42 6.90 -1.73 4.41
N LEU A 43 5.66 -2.06 4.04
CA LEU A 43 4.54 -1.11 4.12
C LEU A 43 4.38 -0.51 5.54
N GLU A 44 4.55 -1.33 6.57
CA GLU A 44 4.41 -0.86 7.96
C GLU A 44 5.51 0.15 8.33
N GLN A 45 6.76 -0.17 7.99
CA GLN A 45 7.89 0.73 8.28
C GLN A 45 7.65 2.14 7.70
N GLY A 46 7.32 2.19 6.40
CA GLY A 46 7.01 3.46 5.77
C GLY A 46 5.77 4.15 6.36
N ALA A 47 4.76 3.36 6.70
CA ALA A 47 3.53 3.90 7.30
C ALA A 47 3.82 4.74 8.55
N ASN A 48 4.43 4.11 9.56
CA ASN A 48 4.77 4.80 10.82
C ASN A 48 5.73 5.98 10.56
N ALA A 49 6.68 5.79 9.65
CA ALA A 49 7.65 6.84 9.30
C ALA A 49 6.96 8.10 8.75
N HIS A 50 5.81 7.93 8.09
CA HIS A 50 5.05 9.06 7.53
C HIS A 50 3.84 9.44 8.40
N GLY A 51 3.71 8.80 9.56
CA GLY A 51 2.60 9.10 10.48
C GLY A 51 1.27 8.47 10.08
N LEU A 52 1.33 7.30 9.46
CA LEU A 52 0.14 6.61 8.94
C LEU A 52 -0.09 5.26 9.63
N ASN A 53 -1.29 4.71 9.49
CA ASN A 53 -1.59 3.37 10.00
C ASN A 53 -1.50 2.34 8.86
N VAL A 54 -0.62 1.35 9.02
CA VAL A 54 -0.45 0.30 8.01
C VAL A 54 -1.79 -0.38 7.66
N GLU A 55 -2.62 -0.61 8.68
CA GLU A 55 -3.93 -1.26 8.47
C GLU A 55 -4.84 -0.43 7.57
N ASP A 56 -4.87 0.87 7.80
CA ASP A 56 -5.69 1.80 7.01
C ASP A 56 -5.25 1.81 5.53
N ILE A 57 -3.96 1.62 5.31
CA ILE A 57 -3.40 1.52 3.96
C ILE A 57 -3.73 0.16 3.31
N LEU A 58 -3.45 -0.93 4.04
CA LEU A 58 -3.78 -2.30 3.58
C LEU A 58 -5.26 -2.42 3.22
N ARG A 59 -6.09 -1.65 3.92
CA ARG A 59 -7.53 -1.57 3.65
C ARG A 59 -7.81 -1.29 2.17
N ASP A 60 -7.25 -0.19 1.66
CA ASP A 60 -7.46 0.21 0.27
C ASP A 60 -6.70 -0.71 -0.70
N LEU A 61 -5.47 -1.09 -0.33
CA LEU A 61 -4.63 -1.95 -1.17
C LEU A 61 -5.33 -3.29 -1.48
N ASN A 62 -5.82 -3.97 -0.45
CA ASN A 62 -6.55 -5.23 -0.65
C ASN A 62 -7.90 -4.98 -1.34
N ALA A 63 -8.50 -3.82 -1.06
CA ALA A 63 -9.75 -3.41 -1.71
C ALA A 63 -9.58 -3.30 -3.24
N LEU A 64 -8.35 -3.06 -3.69
CA LEU A 64 -8.03 -3.03 -5.13
C LEU A 64 -8.12 -4.42 -5.76
N ALA A 65 -7.73 -5.45 -4.99
CA ALA A 65 -7.74 -6.84 -5.48
C ALA A 65 -9.16 -7.43 -5.45
N LEU A 66 -9.96 -7.00 -4.49
CA LEU A 66 -11.34 -7.47 -4.33
C LEU A 66 -12.34 -6.63 -5.14
N GLU A 67 -12.25 -5.31 -5.00
CA GLU A 67 -13.20 -4.36 -5.60
C GLU A 67 -14.62 -4.53 -5.01
N HIS A 68 -14.93 -3.73 -3.99
CA HIS A 68 -16.25 -3.78 -3.34
C HIS A 68 -17.04 -2.49 -3.61
N HIS A 69 -18.26 -2.62 -4.14
CA HIS A 69 -19.12 -1.47 -4.42
C HIS A 69 -20.02 -1.15 -3.23
N HIS A 70 -19.99 0.11 -2.80
CA HIS A 70 -20.70 0.54 -1.58
C HIS A 70 -22.20 0.76 -1.82
N HIS A 71 -22.57 1.17 -3.03
CA HIS A 71 -23.98 1.39 -3.38
C HIS A 71 -24.72 0.05 -3.57
N HIS A 72 -25.86 -0.11 -2.91
CA HIS A 72 -26.64 -1.35 -3.00
C HIS A 72 -27.22 -1.58 -4.40
N HIS A 73 -26.54 -2.41 -5.19
CA HIS A 73 -27.04 -2.86 -6.50
C HIS A 73 -27.25 -4.38 -6.52
#